data_7KD6
#
_entry.id   7KD6
#
_cell.length_a   97.670
_cell.length_b   128.430
_cell.length_c   148.790
_cell.angle_alpha   90.000
_cell.angle_beta   90.180
_cell.angle_gamma   90.000
#
_symmetry.space_group_name_H-M   'P 1 21 1'
#
loop_
_entity.id
_entity.type
_entity.pdbx_description
1 polymer 'Single-chain Insulin SCI-b'
2 polymer 'Fv 83-7 Heavy chain'
3 polymer 'Fv 83-7 Light chain'
4 polymer 'Insulin receptor subunit alpha'
5 polymer 'Insulin receptor isoform A alphaCT peptide'
6 branched beta-D-mannopyranose-(1-4)-2-acetamido-2-deoxy-beta-D-glucopyranose-(1-4)-[alpha-L-fucopyranose-(1-6)]2-acetamido-2-deoxy-beta-D-glucopyranose
7 branched 2-acetamido-2-deoxy-beta-D-glucopyranose-(1-4)-[alpha-L-fucopyranose-(1-6)]2-acetamido-2-deoxy-beta-D-glucopyranose
8 branched 2-acetamido-2-deoxy-beta-D-glucopyranose-(1-4)-2-acetamido-2-deoxy-beta-D-glucopyranose
9 non-polymer 'SULFATE ION'
10 non-polymer GLYCEROL
11 non-polymer 2-acetamido-2-deoxy-beta-D-glucopyranose
12 water water
#
loop_
_entity_poly.entity_id
_entity_poly.type
_entity_poly.pdbx_seq_one_letter_code
_entity_poly.pdbx_strand_id
1 'polypeptide(L)' FVNQHLCGSHLVEALYLVCGERGFFYTDPTEEGPRRGIVEQCCHSICSLEQLENYCN B,H,N,T
2 'polypeptide(L)'
;AGSQVQLKESGPGLVAPSQSLSITCTVSGFPLTAYGVNWVRQPPGKGLEWLGMIWGDGNTDYNSALKSRLSISKDNSKSQ
VFLKMNSLQTDDTARYYCARDPYGSKPMDYWGQGTSVTVSSSLVPR
;
C,I,O,U
3 'polypeptide(L)'
;AGSDIVMSQSPSSLVVSVGEKVTMSCKSSQSLLYSSNQKNFLAWYQQKPGQSPKLLIYWASTRESGVPDRFTGSGSGTDF
TLTISSVKAEDLAVYYCQQYFRYRTFGGGTKLEIKSSDYKD
;
D,J,P,V
4 'polypeptide(L)'
;HLYPGEVCPGMDIRNNLTRLHELENCSVIEGHLQILLMFKTRPEDFRDLSFPKLIMITDYLLLFRVYGLESLKDLFPNLT
VIRGSRLFFNYALVIFEMVHLKELGLYNLMNITRGSVRIEKNNELCYLATIDWSRILDSVEDNHIVLNKDDNEECGDICP
GTAKGKTNCPATVINGQFVERCWTHSHCQKVCPTICKSHGCTAEGLCCHSECLGNCSQPDDPTKCVACRNFYLDGRCVET
CPPPYYHFQDWRCVNFSFCQDLHHKCKNSRRQGCHQYVIHNNKCIPECPSGYTMNSSNLLCTPCLGPCPKSSSLVPR
;
E,K,Q,W
5 'polypeptide(L)' TFEDYLHNVVFVPRPS F,L,R,X
#
loop_
_chem_comp.id
_chem_comp.type
_chem_comp.name
_chem_comp.formula
BMA D-saccharide, beta linking beta-D-mannopyranose 'C6 H12 O6'
FUC L-saccharide, alpha linking alpha-L-fucopyranose 'C6 H12 O5'
GOL non-polymer GLYCEROL 'C3 H8 O3'
NAG D-saccharide, beta linking 2-acetamido-2-deoxy-beta-D-glucopyranose 'C8 H15 N O6'
SO4 non-polymer 'SULFATE ION' 'O4 S -2'
#
# COMPACT_ATOMS: atom_id res chain seq x y z
N PHE A 1 -62.43 -46.67 37.02
CA PHE A 1 -61.05 -46.24 37.28
C PHE A 1 -60.35 -47.10 38.36
N VAL A 2 -59.03 -47.42 38.14
CA VAL A 2 -58.21 -48.19 39.09
C VAL A 2 -57.01 -47.35 39.53
N ASN A 3 -56.97 -47.00 40.83
CA ASN A 3 -55.92 -46.19 41.48
C ASN A 3 -54.57 -46.88 41.43
N GLN A 4 -53.55 -46.14 40.90
CA GLN A 4 -52.18 -46.60 40.72
C GLN A 4 -51.22 -45.46 40.43
N HIS A 5 -49.93 -45.81 40.32
CA HIS A 5 -48.89 -44.88 39.93
C HIS A 5 -48.98 -44.75 38.42
N LEU A 6 -49.13 -43.50 37.92
CA LEU A 6 -49.20 -43.24 36.49
C LEU A 6 -48.00 -42.40 36.10
N CYS A 7 -47.05 -43.02 35.41
CA CYS A 7 -45.80 -42.39 34.99
C CYS A 7 -45.66 -42.61 33.51
N GLY A 8 -45.01 -41.64 32.85
CA GLY A 8 -44.72 -41.64 31.43
C GLY A 8 -45.94 -41.84 30.56
N SER A 9 -45.77 -42.66 29.51
CA SER A 9 -46.78 -43.04 28.53
C SER A 9 -48.08 -43.48 29.21
N HIS A 10 -47.97 -44.23 30.34
CA HIS A 10 -49.08 -44.71 31.14
C HIS A 10 -49.92 -43.56 31.65
N LEU A 11 -49.27 -42.46 32.05
CA LEU A 11 -49.94 -41.26 32.58
C LEU A 11 -50.74 -40.57 31.51
N VAL A 12 -50.13 -40.45 30.32
CA VAL A 12 -50.69 -39.81 29.14
C VAL A 12 -51.89 -40.62 28.62
N GLU A 13 -51.74 -41.94 28.43
CA GLU A 13 -52.87 -42.74 27.95
C GLU A 13 -54.03 -42.80 28.99
N ALA A 14 -53.72 -42.63 30.29
CA ALA A 14 -54.72 -42.64 31.36
C ALA A 14 -55.45 -41.34 31.39
N LEU A 15 -54.70 -40.22 31.32
CA LEU A 15 -55.28 -38.87 31.39
C LEU A 15 -56.22 -38.60 30.26
N TYR A 16 -55.90 -39.12 29.07
CA TYR A 16 -56.71 -39.04 27.87
C TYR A 16 -58.08 -39.73 28.07
N LEU A 17 -58.10 -40.88 28.74
CA LEU A 17 -59.38 -41.58 28.99
C LEU A 17 -60.25 -40.78 29.93
N VAL A 18 -59.63 -40.27 31.02
CA VAL A 18 -60.22 -39.44 32.08
C VAL A 18 -60.84 -38.18 31.45
N CYS A 19 -60.11 -37.50 30.53
CA CYS A 19 -60.55 -36.28 29.87
C CYS A 19 -61.56 -36.49 28.76
N GLY A 20 -61.42 -37.59 28.02
CA GLY A 20 -62.29 -37.95 26.91
C GLY A 20 -62.51 -36.85 25.87
N GLU A 21 -63.80 -36.51 25.63
CA GLU A 21 -64.27 -35.47 24.68
C GLU A 21 -63.91 -34.04 25.12
N ARG A 22 -63.89 -33.80 26.46
CA ARG A 22 -63.58 -32.52 27.12
C ARG A 22 -62.18 -31.99 26.76
N GLY A 23 -61.21 -32.92 26.66
CA GLY A 23 -59.81 -32.64 26.36
C GLY A 23 -59.07 -32.14 27.59
N PHE A 24 -57.78 -31.84 27.43
CA PHE A 24 -56.91 -31.36 28.49
C PHE A 24 -57.05 -29.84 28.64
N PHE A 25 -56.66 -29.33 29.83
CA PHE A 25 -56.66 -27.90 30.13
C PHE A 25 -55.34 -27.27 29.65
N PRO A 34 -37.01 -25.32 39.52
CA PRO A 34 -37.15 -26.56 40.30
C PRO A 34 -38.62 -26.99 40.58
N ARG A 35 -39.55 -26.64 39.65
CA ARG A 35 -41.02 -26.86 39.71
C ARG A 35 -41.51 -28.32 39.72
N ARG A 36 -42.63 -28.59 40.47
CA ARG A 36 -43.26 -29.89 40.69
C ARG A 36 -44.79 -29.88 40.41
N GLY A 37 -45.31 -30.92 39.78
CA GLY A 37 -46.73 -30.98 39.47
C GLY A 37 -47.32 -32.37 39.47
N ILE A 38 -47.93 -32.75 38.31
CA ILE A 38 -48.63 -34.01 38.06
C ILE A 38 -47.77 -35.26 38.28
N VAL A 39 -46.46 -35.20 38.01
CA VAL A 39 -45.59 -36.36 38.19
C VAL A 39 -45.42 -36.66 39.66
N GLU A 40 -45.19 -35.62 40.46
CA GLU A 40 -45.07 -35.77 41.90
C GLU A 40 -46.44 -36.19 42.49
N GLN A 41 -47.51 -35.62 41.95
CA GLN A 41 -48.88 -35.90 42.37
C GLN A 41 -49.36 -37.31 42.05
N CYS A 42 -49.30 -37.71 40.78
CA CYS A 42 -49.85 -38.95 40.25
C CYS A 42 -48.85 -40.06 39.91
N CYS A 43 -47.54 -39.77 39.87
CA CYS A 43 -46.53 -40.77 39.54
C CYS A 43 -45.80 -41.20 40.80
N HIS A 44 -45.29 -40.22 41.58
CA HIS A 44 -44.60 -40.48 42.84
C HIS A 44 -45.60 -40.89 43.91
N SER A 45 -46.81 -40.32 43.84
CA SER A 45 -47.92 -40.66 44.71
C SER A 45 -49.06 -41.17 43.81
N ILE A 46 -50.24 -41.41 44.38
CA ILE A 46 -51.36 -41.97 43.65
C ILE A 46 -52.45 -40.91 43.50
N CYS A 47 -53.16 -40.92 42.36
CA CYS A 47 -54.24 -39.98 42.07
C CYS A 47 -55.62 -40.60 41.95
N SER A 48 -56.63 -39.85 42.42
CA SER A 48 -58.05 -40.18 42.32
C SER A 48 -58.52 -39.77 40.92
N LEU A 49 -59.69 -40.26 40.49
CA LEU A 49 -60.30 -39.90 39.20
C LEU A 49 -60.58 -38.42 39.26
N GLU A 50 -60.98 -37.93 40.45
CA GLU A 50 -61.27 -36.53 40.76
C GLU A 50 -59.99 -35.67 40.64
N GLN A 51 -58.84 -36.19 41.13
CA GLN A 51 -57.54 -35.53 41.08
C GLN A 51 -57.03 -35.40 39.64
N LEU A 52 -57.27 -36.45 38.81
CA LEU A 52 -56.89 -36.48 37.40
C LEU A 52 -57.82 -35.59 36.55
N GLU A 53 -59.14 -35.57 36.89
CA GLU A 53 -60.14 -34.74 36.20
C GLU A 53 -59.83 -33.26 36.33
N ASN A 54 -59.07 -32.86 37.37
CA ASN A 54 -58.64 -31.48 37.60
C ASN A 54 -57.71 -30.94 36.47
N TYR A 55 -57.22 -31.86 35.62
CA TYR A 55 -56.37 -31.58 34.49
C TYR A 55 -57.15 -31.49 33.17
N CYS A 56 -58.47 -31.80 33.18
CA CYS A 56 -59.34 -31.76 31.99
C CYS A 56 -60.08 -30.39 31.74
N ASN A 57 -60.73 -30.23 30.54
CA ASN A 57 -61.49 -29.09 30.00
C ASN A 57 -60.63 -28.01 29.28
N SER B 3 -30.66 0.86 -8.17
CA SER B 3 -29.75 0.06 -7.36
C SER B 3 -28.69 0.93 -6.64
N GLN B 4 -28.21 1.99 -7.35
CA GLN B 4 -27.21 2.93 -6.83
C GLN B 4 -27.83 3.84 -5.78
N VAL B 5 -27.23 3.84 -4.56
CA VAL B 5 -27.64 4.72 -3.46
C VAL B 5 -27.15 6.12 -3.79
N GLN B 6 -28.09 7.07 -3.88
CA GLN B 6 -27.85 8.46 -4.19
C GLN B 6 -28.90 9.35 -3.48
N LEU B 7 -28.55 10.65 -3.24
CA LEU B 7 -29.32 11.71 -2.55
C LEU B 7 -29.05 12.98 -3.26
N LYS B 8 -30.10 13.78 -3.55
CA LYS B 8 -29.99 15.03 -4.30
C LYS B 8 -30.72 16.16 -3.62
N GLU B 9 -30.02 17.25 -3.25
CA GLU B 9 -30.69 18.46 -2.65
C GLU B 9 -31.09 19.46 -3.77
N SER B 10 -32.24 20.13 -3.57
CA SER B 10 -32.86 21.23 -4.33
C SER B 10 -33.07 22.35 -3.30
N GLY B 11 -32.53 23.51 -3.59
CA GLY B 11 -32.63 24.68 -2.74
C GLY B 11 -32.75 25.98 -3.51
N PRO B 12 -32.92 27.10 -2.74
CA PRO B 12 -33.14 28.45 -3.34
C PRO B 12 -31.99 29.24 -4.02
N GLY B 13 -30.75 28.93 -3.63
CA GLY B 13 -29.56 29.64 -4.05
C GLY B 13 -29.30 30.82 -3.15
N LEU B 14 -30.21 31.79 -3.20
CA LEU B 14 -30.15 33.06 -2.53
C LEU B 14 -31.39 33.33 -1.75
N VAL B 15 -31.19 33.78 -0.51
CA VAL B 15 -32.28 34.06 0.43
C VAL B 15 -31.93 35.36 1.11
N ALA B 16 -32.94 36.18 1.37
CA ALA B 16 -32.87 37.46 2.05
C ALA B 16 -32.90 37.21 3.57
N PRO B 17 -32.22 38.03 4.40
CA PRO B 17 -32.26 37.81 5.85
C PRO B 17 -33.70 37.84 6.36
N SER B 18 -33.95 37.19 7.52
CA SER B 18 -35.24 37.05 8.23
C SER B 18 -36.22 36.09 7.54
N GLN B 19 -35.84 35.56 6.37
CA GLN B 19 -36.62 34.61 5.58
C GLN B 19 -36.42 33.20 6.03
N SER B 20 -37.15 32.29 5.36
CA SER B 20 -37.10 30.86 5.57
C SER B 20 -36.51 30.22 4.36
N LEU B 21 -35.80 29.16 4.62
CA LEU B 21 -35.09 28.33 3.68
C LEU B 21 -35.82 26.99 3.59
N SER B 22 -36.01 26.49 2.37
CA SER B 22 -36.66 25.21 2.09
C SER B 22 -35.80 24.43 1.13
N ILE B 23 -35.34 23.25 1.60
CA ILE B 23 -34.55 22.30 0.84
C ILE B 23 -35.26 20.97 0.78
N THR B 24 -35.18 20.31 -0.40
CA THR B 24 -35.75 19.00 -0.64
C THR B 24 -34.61 18.06 -0.99
N CYS B 25 -34.56 16.96 -0.27
CA CYS B 25 -33.63 15.88 -0.52
C CYS B 25 -34.44 14.81 -1.19
N THR B 26 -34.11 14.49 -2.43
CA THR B 26 -34.75 13.38 -3.15
C THR B 26 -33.74 12.22 -3.13
N VAL B 27 -34.17 11.11 -2.56
CA VAL B 27 -33.28 9.94 -2.44
C VAL B 27 -33.68 8.85 -3.44
N SER B 28 -32.76 7.93 -3.68
CA SER B 28 -32.94 6.80 -4.59
C SER B 28 -32.02 5.64 -4.15
N GLY B 29 -32.46 4.42 -4.45
CA GLY B 29 -31.69 3.22 -4.17
C GLY B 29 -31.82 2.58 -2.80
N PHE B 30 -32.70 3.11 -1.93
CA PHE B 30 -32.95 2.57 -0.57
C PHE B 30 -34.29 3.06 -0.05
N PRO B 31 -35.01 2.33 0.83
CA PRO B 31 -36.28 2.84 1.36
C PRO B 31 -36.11 3.88 2.49
N LEU B 32 -36.89 4.98 2.42
CA LEU B 32 -36.85 6.00 3.47
C LEU B 32 -37.41 5.47 4.82
N THR B 33 -38.16 4.34 4.77
CA THR B 33 -38.77 3.73 5.96
C THR B 33 -37.75 2.97 6.79
N ALA B 34 -36.64 2.53 6.18
CA ALA B 34 -35.63 1.75 6.89
C ALA B 34 -34.38 2.55 7.27
N TYR B 35 -34.18 3.72 6.66
CA TYR B 35 -33.02 4.57 6.88
C TYR B 35 -33.36 5.98 7.29
N GLY B 36 -32.48 6.59 8.08
CA GLY B 36 -32.59 7.97 8.50
C GLY B 36 -31.92 8.89 7.49
N VAL B 37 -32.24 10.17 7.54
CA VAL B 37 -31.61 11.16 6.70
C VAL B 37 -31.27 12.31 7.61
N ASN B 38 -30.01 12.75 7.58
CA ASN B 38 -29.54 13.93 8.31
C ASN B 38 -29.45 15.15 7.40
N TRP B 39 -29.39 16.33 8.03
CA TRP B 39 -29.15 17.62 7.42
C TRP B 39 -27.93 18.17 8.12
N VAL B 40 -26.88 18.36 7.34
CA VAL B 40 -25.59 18.85 7.82
C VAL B 40 -25.25 20.07 6.97
N ARG B 41 -24.91 21.20 7.60
CA ARG B 41 -24.48 22.39 6.86
C ARG B 41 -23.01 22.70 7.10
N GLN B 42 -22.42 23.38 6.13
CA GLN B 42 -21.05 23.75 6.20
C GLN B 42 -20.81 25.19 5.68
N PRO B 43 -20.59 26.13 6.63
CA PRO B 43 -20.34 27.51 6.24
C PRO B 43 -19.04 27.57 5.44
N PRO B 44 -18.91 28.56 4.52
CA PRO B 44 -17.65 28.67 3.73
C PRO B 44 -16.41 28.79 4.62
N GLY B 45 -15.47 27.87 4.40
CA GLY B 45 -14.20 27.83 5.13
C GLY B 45 -14.29 27.30 6.55
N LYS B 46 -15.47 26.88 6.96
CA LYS B 46 -15.73 26.43 8.32
C LYS B 46 -16.12 24.97 8.35
N GLY B 47 -16.30 24.44 9.55
CA GLY B 47 -16.62 23.04 9.84
C GLY B 47 -18.04 22.56 9.60
N LEU B 48 -18.23 21.23 9.69
CA LEU B 48 -19.51 20.61 9.48
C LEU B 48 -20.38 20.77 10.73
N GLU B 49 -21.65 21.18 10.55
CA GLU B 49 -22.59 21.34 11.65
C GLU B 49 -23.85 20.52 11.38
N TRP B 50 -24.17 19.64 12.30
CA TRP B 50 -25.34 18.80 12.21
C TRP B 50 -26.58 19.61 12.57
N LEU B 51 -27.64 19.54 11.73
CA LEU B 51 -28.87 20.29 11.97
C LEU B 51 -29.94 19.45 12.59
N GLY B 52 -30.18 18.27 12.02
CA GLY B 52 -31.20 17.34 12.50
C GLY B 52 -31.29 16.08 11.69
N MET B 53 -32.06 15.11 12.18
CA MET B 53 -32.25 13.81 11.54
C MET B 53 -33.69 13.39 11.54
N ILE B 54 -34.09 12.62 10.52
CA ILE B 54 -35.41 12.04 10.48
C ILE B 54 -35.29 10.50 10.31
N TRP B 55 -35.61 9.79 11.40
CA TRP B 55 -35.66 8.33 11.54
C TRP B 55 -36.67 7.66 10.55
N GLY B 56 -36.50 6.38 10.25
CA GLY B 56 -37.41 5.64 9.39
C GLY B 56 -38.87 5.77 9.82
N ASP B 57 -39.14 5.67 11.14
CA ASP B 57 -40.48 5.79 11.76
C ASP B 57 -41.07 7.21 11.73
N GLY B 58 -40.33 8.17 11.18
CA GLY B 58 -40.74 9.56 11.02
C GLY B 58 -40.45 10.50 12.16
N ASN B 59 -39.80 9.99 13.21
CA ASN B 59 -39.39 10.74 14.39
C ASN B 59 -38.25 11.64 14.02
N THR B 60 -38.13 12.79 14.66
CA THR B 60 -37.11 13.79 14.36
C THR B 60 -36.29 14.20 15.56
N ASP B 61 -35.01 14.48 15.32
CA ASP B 61 -34.05 14.96 16.29
C ASP B 61 -33.45 16.22 15.70
N TYR B 62 -33.29 17.28 16.51
CA TYR B 62 -32.73 18.57 16.10
C TYR B 62 -31.56 19.02 16.97
N ASN B 63 -30.69 19.86 16.37
CA ASN B 63 -29.56 20.53 17.03
C ASN B 63 -30.20 21.48 18.03
N SER B 64 -29.93 21.25 19.31
CA SER B 64 -30.58 22.00 20.39
C SER B 64 -30.41 23.48 20.29
N ALA B 65 -29.28 23.93 19.81
CA ALA B 65 -29.01 25.34 19.61
C ALA B 65 -29.85 25.94 18.47
N LEU B 66 -30.40 25.11 17.56
CA LEU B 66 -31.16 25.59 16.39
C LEU B 66 -32.63 25.11 16.35
N LYS B 67 -32.99 24.19 17.24
CA LYS B 67 -34.31 23.55 17.44
C LYS B 67 -35.49 24.48 17.16
N SER B 68 -35.47 25.71 17.72
CA SER B 68 -36.55 26.68 17.61
C SER B 68 -36.92 27.09 16.16
N ARG B 69 -35.93 27.08 15.26
CA ARG B 69 -36.02 27.48 13.84
C ARG B 69 -35.98 26.31 12.85
N LEU B 70 -35.91 25.03 13.32
CA LEU B 70 -35.77 23.92 12.38
C LEU B 70 -36.99 23.09 12.25
N SER B 71 -37.23 22.56 11.04
CA SER B 71 -38.35 21.66 10.75
C SER B 71 -38.01 20.64 9.65
N ILE B 72 -37.93 19.36 10.05
CA ILE B 72 -37.66 18.24 9.16
C ILE B 72 -38.93 17.39 9.06
N SER B 73 -39.25 16.98 7.84
CA SER B 73 -40.38 16.11 7.54
C SER B 73 -39.97 15.27 6.30
N LYS B 74 -40.84 14.36 5.86
CA LYS B 74 -40.54 13.54 4.69
C LYS B 74 -41.82 13.01 4.06
N ASP B 75 -41.66 12.37 2.90
CA ASP B 75 -42.74 11.70 2.19
C ASP B 75 -42.10 10.47 1.61
N ASN B 76 -42.28 9.35 2.32
CA ASN B 76 -41.73 8.04 1.95
C ASN B 76 -42.11 7.67 0.53
N SER B 77 -43.38 7.87 0.15
CA SER B 77 -43.85 7.50 -1.18
C SER B 77 -43.13 8.23 -2.29
N LYS B 78 -42.79 9.51 -2.07
CA LYS B 78 -42.08 10.36 -3.03
C LYS B 78 -40.54 10.31 -2.85
N SER B 79 -40.04 9.51 -1.88
CA SER B 79 -38.61 9.38 -1.56
C SER B 79 -37.98 10.79 -1.39
N GLN B 80 -38.68 11.61 -0.59
CA GLN B 80 -38.28 12.97 -0.31
C GLN B 80 -38.27 13.27 1.18
N VAL B 81 -37.22 13.98 1.61
CA VAL B 81 -37.00 14.50 2.95
C VAL B 81 -36.92 16.05 2.77
N PHE B 82 -37.56 16.82 3.68
CA PHE B 82 -37.66 18.28 3.60
C PHE B 82 -37.02 18.99 4.80
N LEU B 83 -36.32 20.09 4.56
CA LEU B 83 -35.75 20.93 5.60
C LEU B 83 -36.40 22.31 5.48
N LYS B 84 -36.80 22.86 6.62
CA LYS B 84 -37.32 24.21 6.73
C LYS B 84 -36.51 24.86 7.89
N MET B 85 -35.75 25.92 7.60
CA MET B 85 -35.00 26.68 8.63
C MET B 85 -35.43 28.16 8.52
N ASN B 86 -36.11 28.69 9.58
CA ASN B 86 -36.68 30.05 9.67
C ASN B 86 -35.65 31.09 10.08
N SER B 87 -36.09 32.39 10.09
CA SER B 87 -35.39 33.61 10.50
C SER B 87 -33.90 33.55 10.29
N LEU B 88 -33.55 33.50 9.00
CA LEU B 88 -32.21 33.38 8.51
C LEU B 88 -31.43 34.62 8.70
N GLN B 89 -30.20 34.45 9.12
CA GLN B 89 -29.24 35.53 9.23
C GLN B 89 -28.04 35.15 8.40
N THR B 90 -27.10 36.08 8.21
CA THR B 90 -25.89 35.88 7.40
C THR B 90 -25.05 34.70 7.87
N ASP B 91 -25.16 34.28 9.15
CA ASP B 91 -24.43 33.11 9.68
C ASP B 91 -25.00 31.84 9.15
N ASP B 92 -26.16 31.93 8.49
CA ASP B 92 -26.77 30.72 7.95
C ASP B 92 -26.29 30.44 6.54
N THR B 93 -25.46 31.32 5.99
CA THR B 93 -24.87 31.13 4.66
C THR B 93 -23.94 29.91 4.77
N ALA B 94 -24.28 28.83 4.02
CA ALA B 94 -23.58 27.55 4.06
C ALA B 94 -24.01 26.60 2.92
N ARG B 95 -23.25 25.49 2.71
CA ARG B 95 -23.63 24.43 1.77
C ARG B 95 -24.39 23.42 2.69
N TYR B 96 -25.59 23.02 2.28
CA TYR B 96 -26.49 22.19 3.05
C TYR B 96 -26.54 20.79 2.42
N TYR B 97 -26.13 19.78 3.16
CA TYR B 97 -26.10 18.40 2.67
C TYR B 97 -27.14 17.55 3.37
N CYS B 98 -27.65 16.54 2.64
CA CYS B 98 -28.44 15.49 3.20
C CYS B 98 -27.60 14.19 3.08
N ALA B 99 -27.68 13.32 4.09
CA ALA B 99 -26.92 12.08 4.16
C ALA B 99 -27.74 10.97 4.79
N ARG B 100 -27.57 9.75 4.26
CA ARG B 100 -28.22 8.53 4.73
C ARG B 100 -27.65 8.12 6.09
N ASP B 101 -28.53 7.64 6.95
CA ASP B 101 -28.16 7.16 8.26
C ASP B 101 -28.57 5.71 8.45
N PRO B 102 -27.64 4.77 8.20
CA PRO B 102 -27.95 3.36 8.46
C PRO B 102 -27.83 3.09 9.97
N TYR B 103 -28.67 3.80 10.78
CA TYR B 103 -28.76 3.75 12.25
C TYR B 103 -28.84 2.34 12.78
N GLY B 104 -27.96 2.04 13.73
CA GLY B 104 -27.81 0.72 14.35
C GLY B 104 -26.66 -0.09 13.75
N SER B 105 -26.18 0.33 12.58
CA SER B 105 -25.13 -0.37 11.85
C SER B 105 -23.97 0.61 11.45
N LYS B 106 -24.31 1.71 10.76
CA LYS B 106 -23.31 2.71 10.40
C LYS B 106 -23.74 4.19 10.67
N PRO B 107 -22.73 5.08 10.78
CA PRO B 107 -23.02 6.52 10.79
C PRO B 107 -23.32 7.00 9.33
N MET B 108 -23.66 8.30 9.13
CA MET B 108 -23.89 8.91 7.78
C MET B 108 -22.91 8.34 6.74
N ASP B 109 -23.41 7.55 5.77
CA ASP B 109 -22.54 6.97 4.75
C ASP B 109 -22.62 7.73 3.43
N TYR B 110 -23.76 7.71 2.77
CA TYR B 110 -23.96 8.41 1.49
C TYR B 110 -24.46 9.86 1.67
N TRP B 111 -23.76 10.80 1.04
CA TRP B 111 -24.04 12.21 1.09
C TRP B 111 -24.47 12.71 -0.27
N GLY B 112 -25.23 13.79 -0.27
CA GLY B 112 -25.59 14.46 -1.51
C GLY B 112 -24.41 15.32 -1.91
N GLN B 113 -24.48 15.99 -3.11
CA GLN B 113 -23.40 16.89 -3.50
C GLN B 113 -23.53 18.26 -2.76
N GLY B 114 -24.66 18.47 -2.05
CA GLY B 114 -24.92 19.67 -1.26
C GLY B 114 -25.58 20.72 -2.11
N THR B 115 -26.04 21.78 -1.46
CA THR B 115 -26.66 22.92 -2.14
C THR B 115 -26.20 24.20 -1.45
N SER B 116 -25.60 25.09 -2.21
CA SER B 116 -25.13 26.34 -1.64
C SER B 116 -26.31 27.32 -1.39
N VAL B 117 -26.37 27.85 -0.16
CA VAL B 117 -27.35 28.81 0.29
C VAL B 117 -26.63 30.03 0.81
N THR B 118 -26.83 31.15 0.14
CA THR B 118 -26.27 32.45 0.50
C THR B 118 -27.40 33.38 1.07
N VAL B 119 -27.27 33.81 2.35
CA VAL B 119 -28.18 34.73 3.02
C VAL B 119 -27.59 36.12 2.73
N SER B 120 -28.27 36.93 1.90
CA SER B 120 -27.78 38.24 1.48
C SER B 120 -28.83 39.32 1.47
N SER B 121 -28.38 40.53 1.79
CA SER B 121 -29.16 41.76 1.80
C SER B 121 -28.71 42.64 0.61
N SER B 122 -27.94 42.03 -0.30
CA SER B 122 -27.38 42.69 -1.48
C SER B 122 -27.80 41.97 -2.77
N LEU B 123 -29.05 41.51 -2.82
CA LEU B 123 -29.58 40.75 -3.95
C LEU B 123 -30.16 41.66 -4.97
N VAL B 124 -30.03 41.29 -6.26
CA VAL B 124 -30.54 42.12 -7.36
C VAL B 124 -31.15 41.25 -8.48
N PRO B 125 -32.15 41.73 -9.27
CA PRO B 125 -32.68 40.91 -10.36
C PRO B 125 -32.13 41.36 -11.73
N GLY C 2 -29.67 13.96 28.52
CA GLY C 2 -29.64 15.35 28.99
C GLY C 2 -28.99 16.30 28.01
N SER C 3 -28.05 17.16 28.51
CA SER C 3 -27.25 18.16 27.74
C SER C 3 -26.57 17.55 26.51
N ASP C 4 -26.38 18.37 25.46
CA ASP C 4 -25.78 17.95 24.19
C ASP C 4 -24.25 17.64 24.28
N ILE C 5 -23.78 16.56 23.57
CA ILE C 5 -22.36 16.14 23.57
C ILE C 5 -21.49 17.13 22.80
N VAL C 6 -20.33 17.46 23.41
CA VAL C 6 -19.34 18.35 22.84
C VAL C 6 -18.17 17.55 22.28
N MET C 7 -17.72 17.94 21.10
CA MET C 7 -16.61 17.30 20.41
C MET C 7 -15.52 18.32 20.24
N SER C 8 -14.29 17.91 20.53
CA SER C 8 -13.12 18.77 20.43
C SER C 8 -12.14 18.03 19.59
N GLN C 9 -11.38 18.75 18.76
CA GLN C 9 -10.34 18.20 17.89
C GLN C 9 -9.04 18.96 18.04
N SER C 10 -7.93 18.20 17.96
CA SER C 10 -6.61 18.75 18.07
C SER C 10 -5.64 18.00 17.16
N PRO C 11 -4.72 18.70 16.45
CA PRO C 11 -4.58 20.17 16.33
C PRO C 11 -5.60 20.72 15.33
N SER C 12 -5.72 22.05 15.23
CA SER C 12 -6.67 22.63 14.29
C SER C 12 -6.14 22.45 12.85
N SER C 13 -4.81 22.48 12.69
CA SER C 13 -4.13 22.34 11.41
C SER C 13 -2.81 21.64 11.62
N LEU C 14 -2.36 20.85 10.62
CA LEU C 14 -1.12 20.08 10.60
C LEU C 14 -0.46 20.15 9.24
N VAL C 15 0.85 20.42 9.21
CA VAL C 15 1.63 20.39 7.96
C VAL C 15 2.68 19.27 8.08
N VAL C 16 2.63 18.28 7.18
CA VAL C 16 3.57 17.16 7.18
C VAL C 16 4.10 16.85 5.81
N SER C 17 5.24 16.15 5.73
CA SER C 17 5.78 15.76 4.44
C SER C 17 5.24 14.39 4.07
N VAL C 18 5.15 14.09 2.77
CA VAL C 18 4.69 12.82 2.22
C VAL C 18 5.58 11.74 2.81
N GLY C 19 4.97 10.65 3.27
CA GLY C 19 5.70 9.53 3.85
C GLY C 19 5.82 9.50 5.36
N GLU C 20 5.46 10.60 6.05
CA GLU C 20 5.45 10.77 7.52
C GLU C 20 4.12 10.24 8.22
N LYS C 21 4.22 9.90 9.52
CA LYS C 21 3.06 9.50 10.31
C LYS C 21 2.32 10.75 10.76
N VAL C 22 1.01 10.68 10.81
CA VAL C 22 0.15 11.77 11.26
C VAL C 22 -0.83 11.25 12.29
N THR C 23 -0.91 11.93 13.43
CA THR C 23 -1.85 11.61 14.50
C THR C 23 -2.69 12.84 14.82
N MET C 24 -4.01 12.65 14.79
CA MET C 24 -4.95 13.70 15.16
C MET C 24 -5.86 13.16 16.22
N SER C 25 -6.20 14.01 17.20
CA SER C 25 -7.03 13.67 18.36
C SER C 25 -8.46 14.20 18.30
N CYS C 26 -9.32 13.54 19.09
CA CYS C 26 -10.74 13.81 19.25
C CYS C 26 -11.12 13.56 20.71
N LYS C 27 -11.82 14.53 21.31
CA LYS C 27 -12.27 14.45 22.70
C LYS C 27 -13.78 14.61 22.79
N SER C 28 -14.42 13.81 23.64
CA SER C 28 -15.88 13.81 23.81
C SER C 28 -16.25 14.25 25.22
N SER C 29 -17.31 15.05 25.35
CA SER C 29 -17.77 15.52 26.66
C SER C 29 -18.33 14.37 27.53
N GLN C 30 -18.80 13.28 26.88
CA GLN C 30 -19.39 12.09 27.51
C GLN C 30 -18.87 10.82 26.84
N SER C 31 -18.84 9.69 27.59
CA SER C 31 -18.44 8.42 27.03
C SER C 31 -19.36 8.02 25.87
N LEU C 32 -18.76 7.56 24.79
CA LEU C 32 -19.47 7.15 23.60
C LEU C 32 -19.57 5.63 23.53
N LEU C 33 -19.14 4.96 24.61
CA LEU C 33 -19.13 3.51 24.73
C LEU C 33 -20.52 3.00 25.16
N TYR C 34 -21.11 2.17 24.28
CA TYR C 34 -22.42 1.56 24.45
C TYR C 34 -22.24 0.30 25.25
N SER C 35 -22.96 0.21 26.39
CA SER C 35 -22.87 -0.96 27.26
C SER C 35 -23.42 -2.24 26.62
N SER C 36 -24.28 -2.12 25.60
CA SER C 36 -24.88 -3.25 24.89
C SER C 36 -23.87 -4.07 24.09
N ASN C 37 -23.14 -3.44 23.16
CA ASN C 37 -22.17 -4.14 22.32
C ASN C 37 -20.70 -3.84 22.65
N GLN C 38 -20.44 -2.92 23.60
CA GLN C 38 -19.09 -2.53 24.05
C GLN C 38 -18.27 -1.90 22.89
N LYS C 39 -18.98 -1.14 22.05
CA LYS C 39 -18.43 -0.42 20.92
C LYS C 39 -18.69 1.06 21.12
N ASN C 40 -17.75 1.91 20.63
CA ASN C 40 -17.86 3.37 20.72
C ASN C 40 -18.56 3.95 19.53
N PHE C 41 -19.60 4.76 19.78
CA PHE C 41 -20.35 5.46 18.74
C PHE C 41 -19.58 6.68 18.25
N LEU C 42 -18.43 6.44 17.60
CA LEU C 42 -17.53 7.45 17.07
C LEU C 42 -17.07 7.14 15.67
N ALA C 43 -17.19 8.16 14.75
CA ALA C 43 -16.80 8.06 13.36
C ALA C 43 -15.81 9.14 12.95
N TRP C 44 -15.05 8.85 11.87
CA TRP C 44 -14.08 9.76 11.26
C TRP C 44 -14.44 9.90 9.81
N TYR C 45 -14.53 11.15 9.40
CA TYR C 45 -14.82 11.56 8.02
C TYR C 45 -13.64 12.29 7.48
N GLN C 46 -13.48 12.21 6.17
CA GLN C 46 -12.42 12.91 5.40
C GLN C 46 -13.10 13.73 4.33
N GLN C 47 -12.87 15.02 4.32
CA GLN C 47 -13.44 15.89 3.29
C GLN C 47 -12.34 16.53 2.44
N LYS C 48 -12.15 16.02 1.21
CA LYS C 48 -11.16 16.58 0.29
C LYS C 48 -11.73 17.86 -0.29
N PRO C 49 -10.87 18.84 -0.66
CA PRO C 49 -11.36 20.11 -1.26
C PRO C 49 -12.40 19.95 -2.40
N GLY C 50 -13.54 20.64 -2.27
CA GLY C 50 -14.63 20.67 -3.26
C GLY C 50 -15.37 19.37 -3.51
N GLN C 51 -15.44 18.54 -2.47
CA GLN C 51 -16.11 17.27 -2.47
C GLN C 51 -16.87 17.18 -1.15
N SER C 52 -17.88 16.31 -1.10
CA SER C 52 -18.65 16.06 0.13
C SER C 52 -17.84 15.15 1.07
N PRO C 53 -18.18 15.13 2.39
CA PRO C 53 -17.44 14.23 3.32
C PRO C 53 -17.59 12.74 3.01
N LYS C 54 -16.53 11.97 3.35
CA LYS C 54 -16.41 10.54 3.11
C LYS C 54 -16.10 9.84 4.43
N LEU C 55 -16.89 8.82 4.77
CA LEU C 55 -16.74 8.00 5.97
C LEU C 55 -15.52 7.15 5.84
N LEU C 56 -14.65 7.23 6.86
CA LEU C 56 -13.42 6.45 6.91
C LEU C 56 -13.56 5.33 7.94
N ILE C 57 -13.83 5.72 9.19
CA ILE C 57 -13.89 4.84 10.35
C ILE C 57 -15.18 5.03 11.07
N TYR C 58 -15.73 3.94 11.60
CA TYR C 58 -16.92 3.92 12.47
C TYR C 58 -16.67 2.91 13.58
N TRP C 59 -17.47 2.95 14.66
CA TRP C 59 -17.25 2.08 15.84
C TRP C 59 -15.82 2.31 16.40
N ALA C 60 -15.32 3.55 16.25
CA ALA C 60 -14.01 4.08 16.68
C ALA C 60 -12.80 3.54 15.92
N SER C 61 -12.85 2.29 15.46
CA SER C 61 -11.73 1.58 14.86
C SER C 61 -12.08 0.76 13.62
N THR C 62 -13.38 0.63 13.26
CA THR C 62 -13.75 -0.14 12.07
C THR C 62 -13.63 0.71 10.79
N ARG C 63 -12.82 0.24 9.83
CA ARG C 63 -12.62 0.87 8.54
C ARG C 63 -13.83 0.62 7.65
N GLU C 64 -14.21 1.66 6.90
CA GLU C 64 -15.30 1.59 5.95
C GLU C 64 -14.74 0.85 4.71
N SER C 65 -15.58 0.13 3.96
CA SER C 65 -15.16 -0.56 2.73
C SER C 65 -14.44 0.39 1.77
N GLY C 66 -13.28 -0.04 1.30
CA GLY C 66 -12.46 0.77 0.39
C GLY C 66 -11.34 1.53 1.04
N VAL C 67 -11.55 1.95 2.32
CA VAL C 67 -10.58 2.75 3.08
C VAL C 67 -9.22 1.99 3.28
N PRO C 68 -8.09 2.58 2.82
CA PRO C 68 -6.78 1.90 2.97
C PRO C 68 -6.41 1.60 4.41
N ASP C 69 -5.52 0.62 4.58
CA ASP C 69 -5.03 0.19 5.89
C ASP C 69 -4.08 1.23 6.55
N ARG C 70 -3.70 2.30 5.78
CA ARG C 70 -2.84 3.37 6.31
C ARG C 70 -3.61 4.25 7.31
N PHE C 71 -4.96 4.31 7.17
CA PHE C 71 -5.89 4.99 8.07
C PHE C 71 -6.27 4.04 9.25
N THR C 72 -6.00 4.49 10.49
CA THR C 72 -6.22 3.70 11.70
C THR C 72 -6.82 4.51 12.83
N GLY C 73 -8.07 4.17 13.18
CA GLY C 73 -8.81 4.75 14.28
C GLY C 73 -8.52 3.97 15.56
N SER C 74 -8.37 4.68 16.67
CA SER C 74 -8.10 4.11 18.00
C SER C 74 -8.79 4.93 19.08
N GLY C 75 -8.94 4.32 20.26
CA GLY C 75 -9.52 4.97 21.43
C GLY C 75 -10.82 4.38 21.93
N SER C 76 -11.20 4.77 23.17
CA SER C 76 -12.42 4.32 23.84
C SER C 76 -12.90 5.37 24.84
N GLY C 77 -14.21 5.38 25.05
CA GLY C 77 -14.91 6.30 25.95
C GLY C 77 -15.05 7.72 25.43
N THR C 78 -14.09 8.60 25.80
CA THR C 78 -14.05 10.02 25.47
C THR C 78 -12.81 10.45 24.68
N ASP C 79 -11.77 9.64 24.66
CA ASP C 79 -10.54 10.00 23.99
C ASP C 79 -10.23 9.11 22.82
N PHE C 80 -10.12 9.71 21.63
CA PHE C 80 -9.96 9.00 20.36
C PHE C 80 -8.90 9.62 19.44
N THR C 81 -8.22 8.78 18.62
CA THR C 81 -7.26 9.29 17.62
C THR C 81 -7.44 8.63 16.25
N LEU C 82 -7.06 9.37 15.19
CA LEU C 82 -6.97 8.93 13.81
C LEU C 82 -5.50 9.02 13.43
N THR C 83 -4.96 7.92 12.87
CA THR C 83 -3.57 7.83 12.47
C THR C 83 -3.45 7.47 11.00
N ILE C 84 -2.52 8.15 10.29
CA ILE C 84 -2.19 7.89 8.88
C ILE C 84 -0.73 7.51 8.94
N SER C 85 -0.42 6.22 8.70
CA SER C 85 0.93 5.65 8.84
C SER C 85 1.98 6.30 7.93
N SER C 86 1.63 6.52 6.65
CA SER C 86 2.50 7.16 5.65
C SER C 86 1.57 8.03 4.83
N VAL C 87 1.59 9.31 5.15
CA VAL C 87 0.72 10.25 4.48
C VAL C 87 1.08 10.39 2.98
N LYS C 88 0.05 10.31 2.12
CA LYS C 88 0.16 10.47 0.65
C LYS C 88 -0.35 11.87 0.29
N ALA C 89 -0.05 12.32 -0.94
CA ALA C 89 -0.45 13.63 -1.42
C ALA C 89 -1.97 13.78 -1.51
N GLU C 90 -2.68 12.65 -1.79
CA GLU C 90 -4.14 12.54 -1.89
C GLU C 90 -4.83 12.70 -0.55
N ASP C 91 -4.06 12.61 0.54
CA ASP C 91 -4.60 12.75 1.88
C ASP C 91 -4.87 14.20 2.26
N LEU C 92 -4.49 15.20 1.41
CA LEU C 92 -4.86 16.61 1.63
C LEU C 92 -6.39 16.65 1.71
N ALA C 93 -6.88 16.96 2.91
CA ALA C 93 -8.27 17.02 3.30
C ALA C 93 -8.41 17.57 4.73
N VAL C 94 -9.66 17.82 5.14
CA VAL C 94 -10.03 18.17 6.51
C VAL C 94 -10.65 16.91 7.11
N TYR C 95 -10.15 16.46 8.26
CA TYR C 95 -10.64 15.25 8.94
C TYR C 95 -11.50 15.64 10.14
N TYR C 96 -12.74 15.13 10.19
CA TYR C 96 -13.68 15.43 11.26
C TYR C 96 -14.04 14.21 12.01
N CYS C 97 -14.08 14.30 13.34
CA CYS C 97 -14.62 13.18 14.13
C CYS C 97 -16.09 13.52 14.38
N GLN C 98 -16.94 12.52 14.56
CA GLN C 98 -18.36 12.70 14.78
C GLN C 98 -18.87 11.65 15.75
N GLN C 99 -19.64 12.11 16.73
CA GLN C 99 -20.25 11.19 17.69
C GLN C 99 -21.66 10.87 17.15
N TYR C 100 -22.11 9.65 17.31
CA TYR C 100 -23.45 9.29 16.85
C TYR C 100 -24.15 8.41 17.93
N PHE C 101 -23.82 8.69 19.21
CA PHE C 101 -24.38 8.05 20.38
C PHE C 101 -25.86 8.47 20.56
N ARG C 102 -26.10 9.77 20.87
CA ARG C 102 -27.45 10.39 20.94
C ARG C 102 -27.36 11.66 20.14
N TYR C 103 -28.10 11.70 19.01
CA TYR C 103 -27.98 12.77 18.00
C TYR C 103 -26.58 12.65 17.36
N ARG C 104 -26.09 13.69 16.70
CA ARG C 104 -24.75 13.67 16.08
C ARG C 104 -24.09 14.98 16.34
N THR C 105 -22.78 14.98 16.50
CA THR C 105 -21.98 16.19 16.73
C THR C 105 -20.68 15.97 15.99
N PHE C 106 -20.27 16.95 15.17
CA PHE C 106 -18.98 16.92 14.49
C PHE C 106 -17.98 17.79 15.27
N GLY C 107 -16.74 17.34 15.29
CA GLY C 107 -15.63 18.07 15.89
C GLY C 107 -15.22 19.18 14.95
N GLY C 108 -14.35 20.06 15.42
CA GLY C 108 -13.89 21.22 14.66
C GLY C 108 -13.22 20.97 13.33
N GLY C 109 -12.56 19.82 13.21
CA GLY C 109 -11.80 19.41 12.04
C GLY C 109 -10.34 19.70 12.22
N THR C 110 -9.48 18.85 11.62
CA THR C 110 -8.01 18.97 11.59
C THR C 110 -7.65 19.10 10.10
N LYS C 111 -7.11 20.28 9.71
CA LYS C 111 -6.71 20.52 8.33
C LYS C 111 -5.36 19.88 8.07
N LEU C 112 -5.34 18.84 7.22
CA LEU C 112 -4.09 18.18 6.90
C LEU C 112 -3.50 18.76 5.61
N GLU C 113 -2.39 19.48 5.75
CA GLU C 113 -1.63 20.08 4.65
C GLU C 113 -0.35 19.27 4.38
N ILE C 114 0.06 19.21 3.10
CA ILE C 114 1.22 18.44 2.65
C ILE C 114 2.42 19.34 2.23
N LYS C 115 3.62 19.04 2.75
CA LYS C 115 4.86 19.74 2.42
C LYS C 115 5.46 19.16 1.14
N SER C 116 5.91 20.09 0.27
CA SER C 116 6.58 19.88 -1.01
C SER C 116 7.91 19.12 -0.84
N GLU D 6 -46.71 -9.74 10.13
CA GLU D 6 -47.27 -9.83 11.51
C GLU D 6 -46.47 -10.73 12.53
N VAL D 7 -46.17 -10.12 13.71
CA VAL D 7 -45.50 -10.70 14.89
C VAL D 7 -46.66 -11.17 15.76
N CYS D 8 -46.60 -12.42 16.22
CA CYS D 8 -47.61 -13.03 17.09
C CYS D 8 -47.01 -13.44 18.38
N PRO D 9 -47.82 -13.51 19.46
CA PRO D 9 -47.26 -13.96 20.74
C PRO D 9 -47.12 -15.49 20.77
N GLY D 10 -46.54 -16.01 21.85
CA GLY D 10 -46.41 -17.45 22.03
C GLY D 10 -47.78 -18.11 22.07
N MET D 11 -47.84 -19.38 21.63
CA MET D 11 -49.07 -20.13 21.55
C MET D 11 -48.91 -21.54 21.91
N ASP D 12 -49.95 -22.09 22.60
CA ASP D 12 -50.09 -23.48 22.96
C ASP D 12 -51.37 -23.93 22.30
N ILE D 13 -51.27 -24.84 21.34
CA ILE D 13 -52.44 -25.38 20.63
C ILE D 13 -52.59 -26.87 20.96
N ARG D 14 -53.70 -27.22 21.57
CA ARG D 14 -53.97 -28.59 22.00
C ARG D 14 -55.41 -29.13 21.70
N ASN D 15 -55.61 -30.44 21.88
CA ASN D 15 -56.85 -31.21 21.77
C ASN D 15 -57.36 -31.35 20.34
N ASN D 16 -57.64 -30.21 19.66
CA ASN D 16 -58.07 -30.17 18.27
C ASN D 16 -57.50 -28.95 17.56
N LEU D 17 -57.41 -29.09 16.24
CA LEU D 17 -56.84 -28.12 15.29
C LEU D 17 -57.54 -26.74 15.21
N THR D 18 -58.75 -26.57 15.80
CA THR D 18 -59.52 -25.30 15.75
C THR D 18 -58.64 -24.02 15.92
N ARG D 19 -58.01 -23.83 17.11
CA ARG D 19 -57.18 -22.67 17.42
C ARG D 19 -55.93 -22.51 16.56
N LEU D 20 -55.59 -23.50 15.73
CA LEU D 20 -54.39 -23.41 14.85
C LEU D 20 -54.48 -22.32 13.77
N HIS D 21 -55.72 -21.91 13.40
CA HIS D 21 -55.86 -20.92 12.35
CA HIS D 21 -56.02 -20.86 12.41
C HIS D 21 -55.45 -19.52 12.85
N GLU D 22 -55.23 -19.38 14.17
CA GLU D 22 -54.73 -18.14 14.78
C GLU D 22 -53.30 -17.81 14.36
N LEU D 23 -52.66 -18.72 13.60
CA LEU D 23 -51.29 -18.60 13.07
C LEU D 23 -51.24 -18.11 11.62
N GLU D 24 -52.41 -18.06 10.94
CA GLU D 24 -52.57 -17.74 9.52
C GLU D 24 -51.80 -16.50 9.05
N ASN D 25 -51.70 -15.43 9.89
CA ASN D 25 -51.05 -14.20 9.45
C ASN D 25 -49.63 -13.98 10.04
N CYS D 26 -49.19 -14.85 10.97
CA CYS D 26 -47.84 -14.76 11.57
C CYS D 26 -46.71 -15.06 10.60
N SER D 27 -45.68 -14.23 10.68
CA SER D 27 -44.45 -14.50 9.97
C SER D 27 -43.41 -14.72 11.05
N VAL D 28 -43.62 -14.12 12.24
CA VAL D 28 -42.74 -14.31 13.41
C VAL D 28 -43.60 -14.61 14.61
N ILE D 29 -43.23 -15.67 15.41
CA ILE D 29 -43.80 -16.00 16.72
C ILE D 29 -42.82 -15.53 17.78
N GLU D 30 -43.20 -14.48 18.51
CA GLU D 30 -42.42 -13.88 19.59
C GLU D 30 -42.79 -14.61 20.83
N GLY D 31 -42.09 -15.72 20.99
CA GLY D 31 -42.29 -16.68 22.07
C GLY D 31 -42.15 -18.09 21.58
N HIS D 32 -42.84 -19.02 22.22
CA HIS D 32 -42.72 -20.41 21.80
C HIS D 32 -43.94 -20.86 21.01
N LEU D 33 -43.88 -22.07 20.46
CA LEU D 33 -45.01 -22.64 19.74
C LEU D 33 -45.09 -24.06 20.11
N GLN D 34 -46.13 -24.41 20.87
CA GLN D 34 -46.44 -25.76 21.37
C GLN D 34 -47.66 -26.27 20.66
N ILE D 35 -47.54 -27.37 19.97
CA ILE D 35 -48.67 -28.02 19.31
C ILE D 35 -48.67 -29.42 19.85
N LEU D 36 -49.65 -29.71 20.66
CA LEU D 36 -49.67 -31.00 21.34
C LEU D 36 -51.02 -31.60 21.58
N LEU D 37 -51.01 -32.81 22.15
CA LEU D 37 -52.12 -33.61 22.64
C LEU D 37 -53.35 -33.64 21.73
N MET D 38 -53.19 -34.09 20.47
CA MET D 38 -54.26 -34.21 19.49
C MET D 38 -54.37 -35.67 19.12
N PHE D 39 -55.29 -36.39 19.78
CA PHE D 39 -55.44 -37.83 19.68
C PHE D 39 -56.42 -38.33 18.60
N LYS D 40 -57.34 -37.47 18.14
CA LYS D 40 -58.33 -37.89 17.16
C LYS D 40 -58.04 -37.31 15.76
N THR D 41 -56.91 -36.58 15.62
CA THR D 41 -56.47 -36.02 14.35
C THR D 41 -55.93 -37.10 13.42
N ARG D 42 -56.27 -36.98 12.12
CA ARG D 42 -55.95 -37.91 11.05
C ARG D 42 -55.16 -37.18 9.96
N PRO D 43 -54.40 -37.89 9.07
CA PRO D 43 -53.69 -37.17 7.98
C PRO D 43 -54.58 -36.26 7.13
N GLU D 44 -55.84 -36.69 6.88
CA GLU D 44 -56.92 -36.00 6.17
C GLU D 44 -56.99 -34.58 6.63
N ASP D 45 -56.96 -34.40 7.96
CA ASP D 45 -57.07 -33.14 8.70
C ASP D 45 -55.97 -32.16 8.38
N PHE D 46 -54.78 -32.67 8.02
CA PHE D 46 -53.59 -31.86 7.70
C PHE D 46 -53.28 -31.65 6.19
N ARG D 47 -54.07 -32.28 5.28
CA ARG D 47 -53.89 -32.24 3.81
C ARG D 47 -53.57 -30.85 3.25
N ASP D 48 -54.51 -29.91 3.42
CA ASP D 48 -54.41 -28.56 2.89
C ASP D 48 -54.07 -27.49 3.94
N LEU D 49 -53.59 -27.94 5.11
CA LEU D 49 -53.18 -27.09 6.22
C LEU D 49 -51.74 -26.61 6.01
N SER D 50 -51.55 -25.29 5.93
CA SER D 50 -50.22 -24.74 5.66
C SER D 50 -50.03 -23.37 6.26
N PHE D 51 -48.81 -23.08 6.75
CA PHE D 51 -48.45 -21.78 7.30
C PHE D 51 -47.17 -21.28 6.61
N PRO D 52 -47.28 -20.86 5.30
CA PRO D 52 -46.09 -20.47 4.55
C PRO D 52 -45.48 -19.17 5.01
N LYS D 53 -46.28 -18.34 5.68
CA LYS D 53 -45.80 -17.07 6.21
C LYS D 53 -44.79 -17.25 7.39
N LEU D 54 -44.94 -18.31 8.25
CA LEU D 54 -44.07 -18.50 9.41
C LEU D 54 -42.65 -18.78 9.03
N ILE D 55 -41.80 -17.78 9.36
CA ILE D 55 -40.40 -17.59 9.05
C ILE D 55 -39.55 -17.85 10.28
N MET D 56 -40.03 -17.42 11.45
CA MET D 56 -39.20 -17.52 12.65
C MET D 56 -40.00 -17.70 13.96
N ILE D 57 -39.44 -18.52 14.89
CA ILE D 57 -39.86 -18.73 16.28
C ILE D 57 -38.70 -18.18 17.20
N THR D 58 -39.03 -17.26 18.14
CA THR D 58 -37.98 -16.64 18.97
C THR D 58 -37.55 -17.54 20.09
N ASP D 59 -38.50 -18.30 20.66
CA ASP D 59 -38.19 -19.23 21.74
C ASP D 59 -38.00 -20.61 21.17
N TYR D 60 -38.85 -21.59 21.56
CA TYR D 60 -38.73 -22.95 21.09
C TYR D 60 -39.94 -23.48 20.32
N LEU D 61 -39.75 -24.60 19.60
CA LEU D 61 -40.84 -25.29 18.92
C LEU D 61 -40.97 -26.66 19.58
N LEU D 62 -42.14 -26.95 20.14
CA LEU D 62 -42.43 -28.24 20.78
C LEU D 62 -43.63 -28.94 20.09
N LEU D 63 -43.44 -30.21 19.74
CA LEU D 63 -44.49 -31.04 19.14
C LEU D 63 -44.58 -32.37 19.87
N PHE D 64 -45.70 -32.60 20.55
CA PHE D 64 -45.90 -33.80 21.36
C PHE D 64 -47.29 -34.42 21.24
N ARG D 65 -47.38 -35.72 20.96
CA ARG D 65 -48.66 -36.44 20.81
C ARG D 65 -49.64 -35.76 19.80
N VAL D 66 -49.18 -35.46 18.60
CA VAL D 66 -50.04 -34.93 17.53
C VAL D 66 -50.22 -36.09 16.52
N TYR D 67 -51.34 -36.80 16.68
CA TYR D 67 -51.72 -37.95 15.85
C TYR D 67 -52.08 -37.50 14.43
N GLY D 68 -51.79 -38.35 13.45
CA GLY D 68 -52.09 -38.11 12.04
C GLY D 68 -51.11 -37.24 11.27
N LEU D 69 -50.28 -36.45 11.98
CA LEU D 69 -49.28 -35.59 11.34
C LEU D 69 -48.09 -36.43 10.91
N GLU D 70 -47.84 -36.51 9.59
CA GLU D 70 -46.78 -37.35 8.99
C GLU D 70 -45.46 -36.61 8.62
N SER D 71 -45.55 -35.29 8.41
CA SER D 71 -44.42 -34.43 8.05
C SER D 71 -44.73 -33.01 8.45
N LEU D 72 -43.68 -32.16 8.53
CA LEU D 72 -43.86 -30.74 8.84
C LEU D 72 -43.63 -29.94 7.60
N LYS D 73 -43.33 -30.61 6.46
CA LYS D 73 -43.01 -29.96 5.18
C LYS D 73 -44.14 -29.07 4.65
N ASP D 74 -45.41 -29.41 4.94
CA ASP D 74 -46.51 -28.57 4.45
C ASP D 74 -46.95 -27.55 5.49
N LEU D 75 -46.88 -27.93 6.77
CA LEU D 75 -47.25 -27.07 7.88
C LEU D 75 -46.33 -25.84 7.98
N PHE D 76 -45.02 -26.05 8.06
CA PHE D 76 -44.02 -24.99 8.20
C PHE D 76 -42.93 -25.09 7.11
N PRO D 77 -43.31 -24.79 5.83
CA PRO D 77 -42.34 -24.92 4.73
C PRO D 77 -41.27 -23.85 4.70
N ASN D 78 -41.54 -22.67 5.33
CA ASN D 78 -40.58 -21.57 5.27
C ASN D 78 -39.99 -21.19 6.64
N LEU D 79 -40.22 -22.02 7.67
CA LEU D 79 -39.61 -21.79 8.99
C LEU D 79 -38.12 -21.91 8.79
N THR D 80 -37.42 -20.76 8.89
CA THR D 80 -36.00 -20.64 8.64
C THR D 80 -35.14 -20.62 9.90
N VAL D 81 -35.61 -19.91 10.96
CA VAL D 81 -34.86 -19.76 12.21
C VAL D 81 -35.68 -20.08 13.48
N ILE D 82 -35.04 -20.77 14.46
CA ILE D 82 -35.54 -20.98 15.82
C ILE D 82 -34.48 -20.27 16.71
N ARG D 83 -34.82 -19.07 17.20
CA ARG D 83 -33.83 -18.26 17.91
C ARG D 83 -33.35 -18.83 19.26
N GLY D 84 -34.20 -19.61 19.93
CA GLY D 84 -33.87 -20.24 21.20
C GLY D 84 -33.60 -19.28 22.33
N SER D 85 -34.30 -18.12 22.37
CA SER D 85 -34.15 -17.11 23.43
C SER D 85 -34.48 -17.73 24.79
N ARG D 86 -35.60 -18.47 24.83
CA ARG D 86 -36.05 -19.24 25.98
C ARG D 86 -36.19 -20.66 25.48
N LEU D 87 -35.71 -21.61 26.27
CA LEU D 87 -35.67 -22.99 25.84
C LEU D 87 -36.54 -23.90 26.69
N PHE D 88 -36.88 -25.09 26.15
CA PHE D 88 -37.67 -26.11 26.84
C PHE D 88 -36.69 -27.15 27.34
N PHE D 89 -36.21 -26.96 28.58
CA PHE D 89 -35.25 -27.84 29.23
C PHE D 89 -33.94 -27.90 28.44
N ASN D 90 -33.50 -26.73 27.96
CA ASN D 90 -32.28 -26.49 27.17
C ASN D 90 -32.42 -26.86 25.65
N TYR D 91 -33.65 -27.10 25.17
CA TYR D 91 -33.94 -27.46 23.78
C TYR D 91 -34.79 -26.43 23.09
N ALA D 92 -34.39 -26.08 21.85
CA ALA D 92 -35.10 -25.14 20.99
C ALA D 92 -36.09 -25.92 20.08
N LEU D 93 -35.83 -27.21 19.86
CA LEU D 93 -36.71 -28.06 19.06
C LEU D 93 -36.97 -29.37 19.78
N VAL D 94 -38.27 -29.67 20.03
CA VAL D 94 -38.71 -30.88 20.76
C VAL D 94 -39.76 -31.63 19.96
N ILE D 95 -39.44 -32.86 19.55
CA ILE D 95 -40.33 -33.75 18.80
C ILE D 95 -40.39 -35.00 19.64
N PHE D 96 -41.48 -35.15 20.40
CA PHE D 96 -41.64 -36.24 21.33
C PHE D 96 -42.96 -36.98 21.17
N GLU D 97 -42.91 -38.31 21.07
CA GLU D 97 -44.10 -39.17 20.92
C GLU D 97 -45.07 -38.64 19.82
N MET D 98 -44.50 -38.26 18.66
CA MET D 98 -45.25 -37.85 17.47
C MET D 98 -45.41 -39.17 16.69
N VAL D 99 -46.43 -39.89 17.08
CA VAL D 99 -46.74 -41.27 16.69
C VAL D 99 -46.86 -41.53 15.15
N HIS D 100 -47.21 -40.55 14.33
CA HIS D 100 -47.37 -40.84 12.90
C HIS D 100 -46.42 -40.06 12.00
N LEU D 101 -45.49 -39.30 12.63
CA LEU D 101 -44.48 -38.52 11.91
C LEU D 101 -43.48 -39.47 11.27
N LYS D 102 -43.36 -39.37 9.94
CA LYS D 102 -42.51 -40.19 9.10
C LYS D 102 -41.21 -39.50 8.69
N GLU D 103 -41.22 -38.15 8.66
CA GLU D 103 -40.08 -37.27 8.32
C GLU D 103 -40.27 -35.94 9.04
N LEU D 104 -39.18 -35.16 9.24
CA LEU D 104 -39.34 -33.82 9.83
C LEU D 104 -39.80 -32.89 8.74
N GLY D 105 -39.04 -32.81 7.65
CA GLY D 105 -39.33 -32.02 6.46
C GLY D 105 -39.24 -30.52 6.65
N LEU D 106 -38.43 -30.05 7.63
CA LEU D 106 -38.30 -28.60 7.85
C LEU D 106 -37.19 -28.08 6.95
N TYR D 107 -37.34 -28.31 5.63
CA TYR D 107 -36.34 -28.09 4.58
C TYR D 107 -35.81 -26.66 4.47
N ASN D 108 -36.44 -25.71 5.14
CA ASN D 108 -35.97 -24.33 5.14
C ASN D 108 -35.29 -23.95 6.46
N LEU D 109 -35.22 -24.89 7.44
CA LEU D 109 -34.58 -24.62 8.72
C LEU D 109 -33.08 -24.49 8.54
N MET D 110 -32.60 -23.24 8.65
CA MET D 110 -31.21 -22.90 8.40
C MET D 110 -30.40 -22.69 9.67
N ASN D 111 -31.06 -22.31 10.76
CA ASN D 111 -30.31 -21.96 11.95
C ASN D 111 -31.14 -22.02 13.20
N ILE D 112 -30.57 -22.64 14.23
CA ILE D 112 -31.08 -22.74 15.59
C ILE D 112 -30.00 -21.95 16.35
N THR D 113 -30.35 -20.70 16.66
CA THR D 113 -29.43 -19.72 17.23
C THR D 113 -28.93 -20.07 18.62
N ARG D 114 -29.77 -20.68 19.44
CA ARG D 114 -29.39 -21.10 20.79
C ARG D 114 -30.16 -22.36 21.13
N GLY D 115 -29.56 -23.22 21.94
CA GLY D 115 -30.23 -24.45 22.39
C GLY D 115 -30.01 -25.64 21.49
N SER D 116 -30.40 -26.81 21.97
CA SER D 116 -30.26 -28.09 21.27
C SER D 116 -31.59 -28.69 20.72
N VAL D 117 -31.49 -29.88 20.13
CA VAL D 117 -32.63 -30.59 19.56
C VAL D 117 -32.89 -31.90 20.31
N ARG D 118 -34.15 -32.15 20.71
CA ARG D 118 -34.53 -33.41 21.36
C ARG D 118 -35.61 -34.09 20.49
N ILE D 119 -35.26 -35.22 19.87
CA ILE D 119 -36.19 -35.99 19.02
C ILE D 119 -36.24 -37.42 19.56
N GLU D 120 -37.33 -37.72 20.28
CA GLU D 120 -37.44 -38.98 21.00
C GLU D 120 -38.81 -39.64 20.90
N LYS D 121 -38.81 -40.95 20.87
CA LYS D 121 -39.99 -41.84 20.91
C LYS D 121 -40.99 -41.56 19.77
N ASN D 122 -40.46 -41.40 18.55
CA ASN D 122 -41.27 -41.19 17.35
C ASN D 122 -41.04 -42.43 16.50
N ASN D 123 -41.86 -43.44 16.71
CA ASN D 123 -41.67 -44.75 16.10
C ASN D 123 -41.78 -44.83 14.57
N GLU D 124 -42.26 -43.79 13.88
CA GLU D 124 -42.34 -43.88 12.42
C GLU D 124 -41.36 -42.98 11.72
N LEU D 125 -40.60 -42.22 12.55
CA LEU D 125 -39.69 -41.18 12.13
C LEU D 125 -38.39 -41.64 11.48
N CYS D 126 -38.29 -41.31 10.18
CA CYS D 126 -37.14 -41.52 9.31
C CYS D 126 -36.60 -40.15 8.89
N TYR D 127 -35.58 -40.14 8.03
CA TYR D 127 -34.99 -38.91 7.51
C TYR D 127 -34.36 -38.04 8.60
N LEU D 128 -33.70 -38.68 9.58
CA LEU D 128 -33.02 -38.02 10.70
C LEU D 128 -31.53 -38.17 10.51
N ALA D 129 -31.11 -39.36 9.99
CA ALA D 129 -29.72 -39.74 9.72
C ALA D 129 -29.16 -38.88 8.61
N THR D 130 -30.04 -38.44 7.70
CA THR D 130 -29.77 -37.63 6.52
C THR D 130 -29.62 -36.14 6.88
N ILE D 131 -29.84 -35.75 8.16
CA ILE D 131 -29.76 -34.34 8.55
C ILE D 131 -28.40 -33.98 9.20
N ASP D 132 -27.64 -33.09 8.56
CA ASP D 132 -26.39 -32.60 9.09
C ASP D 132 -26.72 -31.42 10.00
N TRP D 133 -26.90 -31.69 11.30
CA TRP D 133 -27.25 -30.63 12.27
C TRP D 133 -26.11 -29.67 12.51
N SER D 134 -24.88 -30.09 12.21
CA SER D 134 -23.66 -29.27 12.38
C SER D 134 -23.69 -27.97 11.62
N ARG D 135 -24.62 -27.85 10.61
CA ARG D 135 -24.85 -26.68 9.71
C ARG D 135 -26.02 -25.78 10.20
N ILE D 136 -26.79 -26.29 11.20
CA ILE D 136 -27.97 -25.64 11.79
C ILE D 136 -27.68 -25.13 13.24
N LEU D 137 -27.00 -25.96 14.05
CA LEU D 137 -26.62 -25.70 15.43
C LEU D 137 -25.12 -25.70 15.61
N ASP D 138 -24.64 -25.01 16.65
CA ASP D 138 -23.23 -25.08 17.02
C ASP D 138 -23.08 -26.22 18.05
N SER D 139 -24.02 -26.29 19.03
CA SER D 139 -24.09 -27.26 20.15
C SER D 139 -24.78 -28.63 19.81
N VAL D 140 -24.26 -29.32 18.79
CA VAL D 140 -24.77 -30.62 18.32
C VAL D 140 -24.49 -31.75 19.31
N GLU D 141 -23.47 -31.57 20.15
CA GLU D 141 -23.07 -32.56 21.15
C GLU D 141 -24.17 -32.80 22.16
N ASP D 142 -24.99 -31.76 22.46
CA ASP D 142 -26.11 -31.79 23.41
C ASP D 142 -27.48 -32.18 22.79
N ASN D 143 -27.48 -32.64 21.53
CA ASN D 143 -28.69 -33.14 20.90
C ASN D 143 -28.99 -34.52 21.47
N HIS D 144 -30.28 -34.86 21.59
CA HIS D 144 -30.75 -36.14 22.12
C HIS D 144 -31.76 -36.74 21.13
N ILE D 145 -31.27 -37.51 20.15
CA ILE D 145 -32.10 -38.08 19.08
C ILE D 145 -32.06 -39.59 19.21
N VAL D 146 -32.99 -40.12 19.99
CA VAL D 146 -33.05 -41.54 20.34
C VAL D 146 -34.47 -42.07 20.23
N LEU D 147 -34.59 -43.42 20.22
CA LEU D 147 -35.85 -44.16 20.22
C LEU D 147 -36.82 -43.81 19.10
N ASN D 148 -36.27 -43.64 17.89
CA ASN D 148 -37.06 -43.33 16.70
C ASN D 148 -37.03 -44.55 15.82
N LYS D 149 -37.59 -44.50 14.59
CA LYS D 149 -37.65 -45.68 13.74
C LYS D 149 -36.27 -46.31 13.49
N ASP D 150 -35.19 -45.50 13.38
CA ASP D 150 -33.85 -46.06 13.16
C ASP D 150 -33.33 -46.90 14.32
N ASP D 151 -33.60 -46.51 15.58
CA ASP D 151 -33.16 -47.25 16.79
C ASP D 151 -33.75 -48.66 16.91
N ASN D 152 -34.85 -48.93 16.20
CA ASN D 152 -35.57 -50.20 16.25
C ASN D 152 -35.82 -50.85 14.86
N GLU D 153 -35.40 -50.17 13.75
CA GLU D 153 -35.61 -50.64 12.37
C GLU D 153 -34.73 -49.94 11.34
N GLU D 154 -34.79 -50.40 10.10
CA GLU D 154 -34.04 -49.77 9.03
C GLU D 154 -34.98 -48.86 8.28
N CYS D 155 -34.53 -47.59 8.08
CA CYS D 155 -35.19 -46.52 7.33
C CYS D 155 -34.60 -46.56 5.94
N GLY D 156 -35.46 -46.55 4.93
CA GLY D 156 -35.00 -46.54 3.54
C GLY D 156 -34.77 -45.13 3.03
N ASP D 157 -33.94 -44.35 3.75
CA ASP D 157 -33.67 -42.93 3.50
C ASP D 157 -32.98 -42.66 2.14
N ILE D 158 -33.78 -42.20 1.15
CA ILE D 158 -33.28 -41.89 -0.21
C ILE D 158 -33.34 -40.37 -0.48
N CYS D 159 -32.37 -39.80 -1.23
CA CYS D 159 -32.45 -38.34 -1.50
C CYS D 159 -32.49 -38.01 -3.00
N CYS D 169 -27.48 -33.49 -4.79
CA CYS D 169 -27.68 -33.43 -3.34
C CYS D 169 -26.35 -33.26 -2.57
N PRO D 170 -26.24 -32.40 -1.50
CA PRO D 170 -24.94 -32.26 -0.81
C PRO D 170 -24.60 -33.39 0.16
N ALA D 171 -23.31 -33.78 0.22
CA ALA D 171 -22.79 -34.81 1.12
C ALA D 171 -21.67 -34.23 1.98
N THR D 172 -21.67 -34.60 3.28
CA THR D 172 -20.68 -34.16 4.28
C THR D 172 -20.19 -35.38 5.09
N VAL D 173 -19.03 -35.28 5.77
CA VAL D 173 -18.51 -36.39 6.60
C VAL D 173 -18.90 -36.17 8.06
N PHE D 178 -18.36 -39.80 4.09
CA PHE D 178 -19.24 -38.92 3.31
C PHE D 178 -20.64 -39.48 3.22
N VAL D 179 -21.63 -38.71 3.72
CA VAL D 179 -23.06 -39.07 3.80
C VAL D 179 -23.90 -37.91 3.21
N GLU D 180 -24.83 -38.26 2.29
CA GLU D 180 -25.71 -37.30 1.64
C GLU D 180 -26.76 -36.79 2.60
N ARG D 181 -27.02 -35.47 2.52
CA ARG D 181 -27.90 -34.73 3.40
C ARG D 181 -29.21 -34.30 2.78
N CYS D 182 -30.32 -34.82 3.34
CA CYS D 182 -31.67 -34.45 2.91
C CYS D 182 -32.67 -34.45 4.05
N TRP D 183 -33.83 -33.80 3.83
CA TRP D 183 -34.93 -33.67 4.78
C TRP D 183 -36.02 -34.68 4.49
N THR D 184 -36.33 -34.88 3.20
CA THR D 184 -37.33 -35.80 2.66
C THR D 184 -36.77 -36.42 1.39
N HIS D 185 -37.55 -37.34 0.81
CA HIS D 185 -37.22 -38.02 -0.44
C HIS D 185 -37.02 -37.03 -1.62
N SER D 186 -37.67 -35.83 -1.56
CA SER D 186 -37.66 -34.79 -2.57
C SER D 186 -37.06 -33.43 -2.13
N HIS D 187 -36.49 -33.34 -0.91
CA HIS D 187 -35.88 -32.08 -0.44
C HIS D 187 -34.47 -32.27 0.10
N CYS D 188 -33.47 -31.67 -0.57
CA CYS D 188 -32.08 -31.74 -0.09
C CYS D 188 -31.91 -30.78 1.07
N GLN D 189 -30.78 -30.86 1.75
CA GLN D 189 -30.47 -29.90 2.79
C GLN D 189 -29.75 -28.71 2.07
N LYS D 190 -30.24 -27.43 2.20
CA LYS D 190 -29.60 -26.25 1.55
C LYS D 190 -28.23 -26.02 2.17
N VAL D 191 -27.21 -25.85 1.31
CA VAL D 191 -25.85 -25.59 1.75
C VAL D 191 -25.28 -24.36 1.03
N CYS D 192 -24.82 -23.39 1.82
CA CYS D 192 -24.23 -22.16 1.31
C CYS D 192 -22.71 -22.24 1.32
N PRO D 193 -21.99 -21.49 0.46
CA PRO D 193 -20.52 -21.45 0.54
C PRO D 193 -20.02 -21.02 1.92
N THR D 194 -18.87 -21.59 2.35
CA THR D 194 -18.22 -21.38 3.66
C THR D 194 -18.14 -19.90 4.00
N ILE D 195 -17.79 -19.05 3.02
CA ILE D 195 -17.69 -17.59 3.14
C ILE D 195 -19.02 -16.93 3.54
N CYS D 196 -20.17 -17.55 3.18
CA CYS D 196 -21.49 -17.03 3.48
C CYS D 196 -21.82 -17.16 4.92
N LYS D 197 -21.10 -18.02 5.67
CA LYS D 197 -21.33 -18.32 7.09
C LYS D 197 -22.80 -18.67 7.32
N SER D 198 -23.39 -18.16 8.43
CA SER D 198 -24.79 -18.35 8.80
C SER D 198 -25.75 -17.40 8.07
N HIS D 199 -25.24 -16.36 7.41
CA HIS D 199 -25.93 -15.29 6.67
C HIS D 199 -26.96 -15.73 5.63
N GLY D 200 -26.74 -16.89 5.03
CA GLY D 200 -27.56 -17.39 3.95
C GLY D 200 -26.97 -16.99 2.62
N CYS D 201 -27.61 -17.45 1.56
CA CYS D 201 -27.18 -17.19 0.19
C CYS D 201 -28.34 -17.38 -0.73
N THR D 202 -28.20 -16.82 -1.94
CA THR D 202 -29.23 -16.89 -2.97
C THR D 202 -29.12 -18.23 -3.67
N ALA D 203 -30.09 -18.54 -4.55
CA ALA D 203 -30.10 -19.77 -5.36
C ALA D 203 -28.87 -19.85 -6.30
N GLU D 204 -28.27 -18.68 -6.62
CA GLU D 204 -27.07 -18.53 -7.47
C GLU D 204 -25.78 -18.71 -6.65
N GLY D 205 -25.90 -18.81 -5.32
CA GLY D 205 -24.77 -19.00 -4.40
C GLY D 205 -24.16 -17.72 -3.84
N LEU D 206 -24.76 -16.54 -4.17
CA LEU D 206 -24.31 -15.21 -3.71
C LEU D 206 -24.70 -15.01 -2.26
N CYS D 207 -23.75 -14.60 -1.40
CA CYS D 207 -24.04 -14.39 0.02
C CYS D 207 -25.02 -13.29 0.28
N CYS D 208 -25.84 -13.49 1.30
CA CYS D 208 -26.75 -12.49 1.81
C CYS D 208 -25.90 -11.53 2.60
N HIS D 209 -26.45 -10.37 2.89
CA HIS D 209 -25.80 -9.38 3.70
C HIS D 209 -25.35 -9.99 5.05
N SER D 210 -24.21 -9.50 5.56
CA SER D 210 -23.59 -9.92 6.81
C SER D 210 -24.53 -9.79 8.01
N GLU D 211 -25.64 -9.06 7.88
CA GLU D 211 -26.62 -8.84 8.95
C GLU D 211 -27.80 -9.75 8.83
N CYS D 212 -27.89 -10.53 7.71
CA CYS D 212 -28.96 -11.52 7.52
C CYS D 212 -28.69 -12.80 8.33
N LEU D 213 -29.71 -13.66 8.42
CA LEU D 213 -29.56 -14.94 9.05
C LEU D 213 -30.42 -15.93 8.27
N GLY D 214 -29.78 -17.03 7.82
CA GLY D 214 -30.39 -18.14 7.08
C GLY D 214 -30.73 -17.93 5.62
N ASN D 215 -31.39 -16.81 5.29
CA ASN D 215 -31.79 -16.51 3.90
C ASN D 215 -32.09 -15.04 3.67
N CYS D 216 -32.31 -14.69 2.40
CA CYS D 216 -32.63 -13.36 1.90
C CYS D 216 -33.18 -13.47 0.48
N SER D 217 -33.87 -12.40 0.05
CA SER D 217 -34.50 -12.31 -1.27
C SER D 217 -33.54 -11.76 -2.30
N GLN D 218 -32.54 -10.99 -1.83
CA GLN D 218 -31.51 -10.36 -2.65
C GLN D 218 -30.21 -10.29 -1.84
N PRO D 219 -29.05 -10.34 -2.51
CA PRO D 219 -27.78 -10.25 -1.79
C PRO D 219 -27.38 -8.81 -1.43
N ASP D 220 -26.45 -8.69 -0.47
CA ASP D 220 -25.83 -7.47 0.03
C ASP D 220 -26.81 -6.31 0.34
N ASP D 221 -27.96 -6.64 0.90
CA ASP D 221 -28.99 -5.69 1.29
C ASP D 221 -29.63 -6.15 2.65
N PRO D 222 -29.44 -5.36 3.73
CA PRO D 222 -30.00 -5.75 5.04
C PRO D 222 -31.51 -5.50 5.20
N THR D 223 -32.16 -5.06 4.12
CA THR D 223 -33.61 -4.85 4.11
C THR D 223 -34.26 -5.99 3.31
N LYS D 224 -33.42 -6.93 2.81
CA LYS D 224 -33.85 -8.07 1.99
C LYS D 224 -33.66 -9.43 2.71
N CYS D 225 -33.38 -9.42 4.04
CA CYS D 225 -33.23 -10.60 4.88
C CYS D 225 -34.56 -11.26 5.11
N VAL D 226 -34.52 -12.53 5.54
CA VAL D 226 -35.66 -13.35 5.92
C VAL D 226 -35.68 -13.31 7.45
N ALA D 227 -34.50 -13.18 8.05
CA ALA D 227 -34.34 -13.07 9.50
C ALA D 227 -33.02 -12.34 9.78
N CYS D 228 -32.86 -11.77 10.99
CA CYS D 228 -31.66 -11.00 11.33
C CYS D 228 -30.65 -11.75 12.18
N ARG D 229 -29.36 -11.61 11.92
CA ARG D 229 -28.27 -12.17 12.76
C ARG D 229 -28.34 -11.55 14.19
N ASN D 230 -28.68 -10.26 14.27
CA ASN D 230 -28.79 -9.49 15.50
C ASN D 230 -30.17 -8.94 15.78
N PHE D 231 -30.40 -7.68 15.42
CA PHE D 231 -31.64 -6.98 15.73
C PHE D 231 -32.43 -6.50 14.55
N TYR D 232 -33.76 -6.50 14.70
CA TYR D 232 -34.67 -6.03 13.68
C TYR D 232 -35.26 -4.66 14.09
N LEU D 233 -35.14 -3.73 13.17
CA LEU D 233 -35.63 -2.39 13.35
C LEU D 233 -36.05 -1.84 12.04
N ASP D 234 -37.25 -1.27 12.02
CA ASP D 234 -37.79 -0.49 10.89
C ASP D 234 -37.61 -1.13 9.52
N GLY D 235 -37.71 -2.46 9.47
CA GLY D 235 -37.66 -3.19 8.22
C GLY D 235 -36.25 -3.55 7.80
N ARG D 236 -35.33 -3.53 8.77
CA ARG D 236 -33.92 -3.71 8.54
C ARG D 236 -33.29 -4.50 9.66
N CYS D 237 -32.20 -5.21 9.31
CA CYS D 237 -31.37 -5.96 10.20
C CYS D 237 -30.21 -5.10 10.60
N VAL D 238 -30.25 -4.64 11.83
CA VAL D 238 -29.25 -3.78 12.43
C VAL D 238 -28.36 -4.60 13.38
N GLU D 239 -27.15 -4.13 13.59
CA GLU D 239 -26.22 -4.77 14.51
C GLU D 239 -26.62 -4.56 15.98
N THR D 240 -27.08 -3.39 16.33
CA THR D 240 -27.48 -3.03 17.68
C THR D 240 -28.68 -2.08 17.63
N CYS D 241 -29.46 -1.99 18.73
CA CYS D 241 -30.56 -1.04 18.81
C CYS D 241 -29.93 0.22 19.29
N PRO D 242 -29.96 1.28 18.47
CA PRO D 242 -29.32 2.51 18.92
C PRO D 242 -30.21 3.34 19.84
N PRO D 243 -29.65 4.14 20.76
CA PRO D 243 -30.49 5.08 21.53
C PRO D 243 -31.28 5.99 20.54
N PRO D 244 -32.60 6.24 20.76
CA PRO D 244 -33.44 5.92 21.95
C PRO D 244 -34.12 4.56 22.00
N TYR D 245 -33.72 3.61 21.18
CA TYR D 245 -34.36 2.30 21.15
C TYR D 245 -33.79 1.32 22.16
N TYR D 246 -34.60 0.29 22.46
CA TYR D 246 -34.36 -0.76 23.42
C TYR D 246 -34.43 -2.10 22.76
N HIS D 247 -33.56 -2.99 23.22
CA HIS D 247 -33.48 -4.38 22.76
C HIS D 247 -34.64 -5.10 23.42
N PHE D 248 -35.43 -5.80 22.61
CA PHE D 248 -36.64 -6.49 23.09
C PHE D 248 -36.74 -7.89 22.59
N GLN D 249 -36.92 -8.84 23.52
CA GLN D 249 -37.06 -10.27 23.26
C GLN D 249 -35.82 -10.82 22.55
N ASP D 250 -34.69 -10.11 22.73
CA ASP D 250 -33.38 -10.40 22.14
C ASP D 250 -33.40 -10.48 20.58
N TRP D 251 -34.41 -9.91 19.92
CA TRP D 251 -34.42 -9.98 18.48
C TRP D 251 -34.83 -8.65 17.78
N ARG D 252 -35.63 -7.78 18.46
CA ARG D 252 -36.12 -6.54 17.84
C ARG D 252 -35.95 -5.27 18.72
N CYS D 253 -35.97 -4.10 18.06
CA CYS D 253 -35.85 -2.81 18.71
C CYS D 253 -37.20 -2.23 18.88
N VAL D 254 -37.44 -1.67 20.09
CA VAL D 254 -38.69 -1.03 20.48
C VAL D 254 -38.40 0.34 21.11
N ASN D 255 -39.40 1.22 21.21
CA ASN D 255 -39.21 2.52 21.84
C ASN D 255 -39.66 2.48 23.30
N PHE D 256 -39.50 3.59 24.04
CA PHE D 256 -39.87 3.70 25.43
C PHE D 256 -41.38 3.48 25.65
N SER D 257 -42.20 4.08 24.79
CA SER D 257 -43.66 4.00 24.81
C SER D 257 -44.15 2.55 24.74
N PHE D 258 -43.61 1.74 23.81
CA PHE D 258 -43.97 0.34 23.64
C PHE D 258 -43.69 -0.43 24.94
N CYS D 259 -42.51 -0.20 25.52
CA CYS D 259 -42.10 -0.83 26.76
C CYS D 259 -43.01 -0.42 27.92
N GLN D 260 -43.37 0.86 27.98
CA GLN D 260 -44.27 1.43 29.00
C GLN D 260 -45.67 0.87 28.87
N ASP D 261 -46.19 0.75 27.65
CA ASP D 261 -47.54 0.24 27.41
C ASP D 261 -47.67 -1.24 27.73
N LEU D 262 -46.56 -2.01 27.71
CA LEU D 262 -46.57 -3.43 28.09
C LEU D 262 -46.64 -3.54 29.61
N HIS D 263 -45.86 -2.68 30.30
CA HIS D 263 -45.78 -2.59 31.75
C HIS D 263 -47.16 -2.30 32.37
N HIS D 264 -47.89 -1.32 31.79
CA HIS D 264 -49.22 -0.90 32.24
C HIS D 264 -50.36 -1.81 31.78
N LYS D 265 -50.16 -2.51 30.64
CA LYS D 265 -51.12 -3.49 30.10
C LYS D 265 -51.19 -4.68 31.08
N CYS D 266 -50.05 -5.00 31.74
CA CYS D 266 -49.96 -6.09 32.71
C CYS D 266 -50.29 -5.63 34.14
N LYS D 267 -50.25 -4.31 34.39
CA LYS D 267 -50.59 -3.70 35.68
C LYS D 267 -52.11 -3.90 36.01
N ASN D 268 -52.94 -4.21 34.98
CA ASN D 268 -54.38 -4.47 35.05
C ASN D 268 -54.70 -5.98 34.95
N CYS D 274 -47.78 -13.34 32.66
CA CYS D 274 -47.81 -11.88 32.57
C CYS D 274 -46.66 -11.20 33.35
N HIS D 275 -46.04 -10.13 32.75
CA HIS D 275 -44.96 -9.36 33.37
C HIS D 275 -45.12 -7.85 33.18
N GLN D 276 -44.71 -7.07 34.20
CA GLN D 276 -44.72 -5.60 34.16
C GLN D 276 -43.27 -5.22 33.82
N TYR D 277 -43.02 -4.95 32.52
CA TYR D 277 -41.72 -4.72 31.91
C TYR D 277 -40.95 -3.56 32.48
N VAL D 278 -39.61 -3.68 32.48
CA VAL D 278 -38.66 -2.71 33.03
C VAL D 278 -37.52 -2.36 32.02
N ILE D 279 -36.77 -1.29 32.28
CA ILE D 279 -35.64 -0.84 31.44
C ILE D 279 -34.32 -1.07 32.20
N HIS D 280 -33.45 -1.89 31.64
CA HIS D 280 -32.16 -2.17 32.25
C HIS D 280 -31.15 -2.49 31.16
N ASN D 281 -29.99 -1.82 31.19
CA ASN D 281 -28.88 -1.98 30.24
C ASN D 281 -29.38 -1.98 28.79
N ASN D 282 -30.12 -0.91 28.43
CA ASN D 282 -30.65 -0.67 27.07
C ASN D 282 -31.59 -1.80 26.54
N LYS D 283 -32.17 -2.59 27.47
CA LYS D 283 -33.12 -3.67 27.20
C LYS D 283 -34.50 -3.41 27.84
N CYS D 284 -35.57 -3.85 27.17
CA CYS D 284 -36.91 -3.84 27.73
C CYS D 284 -37.16 -5.29 28.19
N ILE D 285 -36.94 -5.54 29.51
CA ILE D 285 -36.97 -6.87 30.12
C ILE D 285 -38.18 -7.09 31.00
N PRO D 286 -38.64 -8.37 31.18
CA PRO D 286 -39.82 -8.64 32.01
C PRO D 286 -39.68 -8.35 33.51
N GLU D 287 -38.45 -8.48 34.06
CA GLU D 287 -38.18 -8.34 35.50
C GLU D 287 -36.80 -7.77 35.77
N CYS D 288 -36.68 -6.94 36.85
CA CYS D 288 -35.40 -6.36 37.29
C CYS D 288 -34.42 -7.49 37.68
N PRO D 289 -33.10 -7.39 37.41
CA PRO D 289 -32.20 -8.48 37.80
C PRO D 289 -31.93 -8.50 39.31
N SER D 290 -31.26 -9.56 39.81
CA SER D 290 -30.90 -9.74 41.22
C SER D 290 -30.18 -8.50 41.75
N GLY D 291 -30.65 -7.99 42.88
CA GLY D 291 -30.09 -6.80 43.51
C GLY D 291 -30.62 -5.47 42.98
N TYR D 292 -31.64 -5.54 42.09
CA TYR D 292 -32.25 -4.34 41.49
C TYR D 292 -33.75 -4.27 41.76
N THR D 293 -34.28 -3.04 41.80
CA THR D 293 -35.70 -2.73 41.99
C THR D 293 -36.09 -1.61 41.02
N MET D 294 -37.38 -1.52 40.68
CA MET D 294 -37.85 -0.54 39.72
C MET D 294 -38.17 0.82 40.36
N ASN D 295 -37.43 1.84 39.89
CA ASN D 295 -37.59 3.25 40.27
C ASN D 295 -38.86 3.74 39.56
N SER D 296 -40.01 3.65 40.28
CA SER D 296 -41.36 4.03 39.83
C SER D 296 -41.36 5.34 38.99
N SER D 297 -41.84 5.24 37.70
CA SER D 297 -41.99 6.31 36.68
C SER D 297 -41.21 6.07 35.38
N ASN D 298 -39.86 6.05 35.46
CA ASN D 298 -39.00 5.91 34.27
C ASN D 298 -38.69 4.45 33.87
N LEU D 299 -39.28 3.46 34.57
CA LEU D 299 -39.09 2.02 34.37
C LEU D 299 -37.66 1.54 34.58
N LEU D 300 -36.72 2.44 34.93
CA LEU D 300 -35.31 2.13 35.12
C LEU D 300 -35.02 1.28 36.35
N CYS D 301 -34.27 0.17 36.17
CA CYS D 301 -33.86 -0.73 37.25
C CYS D 301 -32.74 -0.06 38.03
N THR D 302 -32.97 0.22 39.32
CA THR D 302 -32.00 0.85 40.21
C THR D 302 -31.53 -0.17 41.29
N PRO D 303 -30.23 -0.14 41.69
CA PRO D 303 -29.76 -1.12 42.68
C PRO D 303 -30.38 -0.95 44.08
N CYS D 304 -30.63 -2.08 44.78
CA CYS D 304 -31.24 -2.12 46.10
C CYS D 304 -30.32 -1.64 47.22
N LEU D 305 -30.75 -0.60 47.98
CA LEU D 305 -30.04 -0.14 49.17
C LEU D 305 -30.45 -1.14 50.25
N GLY D 306 -29.57 -2.10 50.47
CA GLY D 306 -29.81 -3.21 51.37
C GLY D 306 -30.68 -4.23 50.64
N PRO D 307 -31.69 -4.82 51.31
CA PRO D 307 -32.53 -5.82 50.62
C PRO D 307 -33.43 -5.23 49.53
N CYS D 308 -34.00 -6.12 48.70
CA CYS D 308 -34.92 -5.75 47.62
C CYS D 308 -36.38 -5.92 48.09
N PRO D 309 -37.24 -4.88 47.89
CA PRO D 309 -38.65 -5.02 48.31
C PRO D 309 -39.44 -6.01 47.44
N THR E 1 -36.77 -37.40 34.96
CA THR E 1 -36.43 -37.44 33.54
C THR E 1 -36.93 -36.19 32.82
N PHE E 2 -36.57 -36.07 31.52
CA PHE E 2 -37.02 -34.97 30.68
C PHE E 2 -38.52 -35.13 30.47
N GLU E 3 -38.97 -36.39 30.23
CA GLU E 3 -40.38 -36.71 30.03
C GLU E 3 -41.22 -36.23 31.23
N ASP E 4 -40.65 -36.35 32.44
CA ASP E 4 -41.28 -35.92 33.68
C ASP E 4 -41.44 -34.42 33.66
N TYR E 5 -40.39 -33.70 33.22
CA TYR E 5 -40.42 -32.23 33.09
C TYR E 5 -41.53 -31.83 32.12
N LEU E 6 -41.50 -32.38 30.88
CA LEU E 6 -42.48 -32.16 29.83
C LEU E 6 -43.90 -32.30 30.39
N HIS E 7 -44.21 -33.47 30.98
CA HIS E 7 -45.50 -33.82 31.61
C HIS E 7 -45.90 -32.78 32.64
N ASN E 8 -44.95 -32.38 33.50
CA ASN E 8 -45.18 -31.36 34.53
C ASN E 8 -45.48 -29.94 33.98
N VAL E 9 -44.93 -29.61 32.82
CA VAL E 9 -45.11 -28.31 32.17
C VAL E 9 -46.44 -28.27 31.38
N VAL E 10 -46.67 -29.30 30.54
CA VAL E 10 -47.79 -29.49 29.63
C VAL E 10 -49.13 -29.67 30.36
N PHE E 11 -49.16 -30.61 31.32
CA PHE E 11 -50.36 -30.92 32.10
C PHE E 11 -50.53 -29.93 33.24
N VAL E 12 -51.42 -28.96 32.99
CA VAL E 12 -51.77 -27.83 33.85
C VAL E 12 -53.19 -28.06 34.41
N PRO E 13 -53.41 -27.81 35.74
CA PRO E 13 -54.75 -27.97 36.30
C PRO E 13 -55.65 -26.72 36.14
N ARG E 14 -56.98 -26.92 36.34
CA ARG E 14 -57.99 -25.85 36.30
C ARG E 14 -57.91 -25.02 37.62
N PRO E 15 -57.86 -23.66 37.58
CA PRO E 15 -57.81 -22.88 38.83
C PRO E 15 -59.13 -22.91 39.63
N PHE F 1 53.17 23.99 -67.13
CA PHE F 1 52.34 24.52 -66.05
C PHE F 1 52.09 26.02 -66.23
N VAL F 2 50.85 26.50 -65.92
CA VAL F 2 50.48 27.94 -66.03
C VAL F 2 50.17 28.52 -64.64
N ASN F 3 51.01 29.51 -64.20
CA ASN F 3 50.94 30.17 -62.90
C ASN F 3 49.64 30.93 -62.69
N GLN F 4 48.92 30.61 -61.58
CA GLN F 4 47.64 31.18 -61.21
C GLN F 4 47.26 30.88 -59.77
N HIS F 5 46.12 31.43 -59.36
CA HIS F 5 45.48 31.18 -58.07
C HIS F 5 44.77 29.83 -58.19
N LEU F 6 45.07 28.93 -57.25
CA LEU F 6 44.49 27.60 -57.19
C LEU F 6 43.77 27.47 -55.89
N CYS F 7 42.44 27.58 -55.94
CA CYS F 7 41.57 27.56 -54.78
C CYS F 7 40.53 26.45 -54.92
N GLY F 8 40.11 25.91 -53.77
CA GLY F 8 39.09 24.89 -53.72
C GLY F 8 39.42 23.64 -54.51
N SER F 9 38.49 23.22 -55.35
CA SER F 9 38.62 22.01 -56.16
C SER F 9 39.80 22.11 -57.14
N HIS F 10 39.99 23.32 -57.72
CA HIS F 10 41.05 23.64 -58.67
C HIS F 10 42.41 23.33 -58.09
N LEU F 11 42.58 23.55 -56.77
CA LEU F 11 43.81 23.26 -56.06
C LEU F 11 44.05 21.75 -56.06
N VAL F 12 43.08 20.97 -55.55
CA VAL F 12 43.07 19.50 -55.49
C VAL F 12 43.44 18.93 -56.86
N GLU F 13 42.61 19.18 -57.87
CA GLU F 13 42.78 18.67 -59.24
C GLU F 13 44.13 19.01 -59.89
N ALA F 14 44.64 20.23 -59.67
CA ALA F 14 45.92 20.64 -60.20
C ALA F 14 46.99 19.85 -59.52
N LEU F 15 46.91 19.78 -58.17
CA LEU F 15 47.86 19.12 -57.30
C LEU F 15 48.05 17.65 -57.63
N TYR F 16 46.95 16.95 -57.94
CA TYR F 16 46.97 15.56 -58.36
C TYR F 16 47.79 15.38 -59.65
N LEU F 17 47.71 16.33 -60.59
CA LEU F 17 48.50 16.23 -61.82
C LEU F 17 49.98 16.45 -61.52
N VAL F 18 50.27 17.38 -60.59
CA VAL F 18 51.62 17.73 -60.15
C VAL F 18 52.29 16.50 -59.49
N CYS F 19 51.55 15.73 -58.69
CA CYS F 19 52.10 14.56 -58.02
C CYS F 19 52.09 13.30 -58.86
N GLY F 20 50.99 13.07 -59.57
CA GLY F 20 50.81 11.90 -60.42
C GLY F 20 50.96 10.58 -59.68
N GLU F 21 51.94 9.76 -60.11
CA GLU F 21 52.28 8.41 -59.56
C GLU F 21 52.84 8.51 -58.12
N ARG F 22 53.57 9.61 -57.81
CA ARG F 22 54.20 9.88 -56.50
C ARG F 22 53.17 9.88 -55.36
N GLY F 23 52.07 10.59 -55.59
CA GLY F 23 51.01 10.81 -54.63
C GLY F 23 51.36 11.96 -53.70
N PHE F 24 50.45 12.28 -52.77
CA PHE F 24 50.59 13.39 -51.83
C PHE F 24 51.38 13.01 -50.58
N PHE F 25 51.95 14.03 -49.90
CA PHE F 25 52.68 13.83 -48.65
C PHE F 25 51.68 13.91 -47.50
N ARG F 36 48.42 30.65 -42.67
CA ARG F 36 49.46 29.63 -42.77
C ARG F 36 48.93 28.33 -43.45
N GLY F 37 49.65 27.84 -44.47
CA GLY F 37 49.30 26.64 -45.23
C GLY F 37 49.32 26.79 -46.74
N ILE F 38 48.79 25.78 -47.46
CA ILE F 38 48.75 25.76 -48.92
C ILE F 38 47.80 26.83 -49.52
N VAL F 39 46.76 27.23 -48.77
CA VAL F 39 45.74 28.20 -49.23
C VAL F 39 46.32 29.63 -49.24
N GLU F 40 47.09 30.00 -48.21
CA GLU F 40 47.73 31.30 -48.18
C GLU F 40 48.86 31.35 -49.22
N GLN F 41 49.55 30.20 -49.42
CA GLN F 41 50.65 30.02 -50.35
C GLN F 41 50.23 29.94 -51.83
N CYS F 42 49.19 29.13 -52.18
CA CYS F 42 48.76 28.88 -53.56
C CYS F 42 47.41 29.46 -53.95
N CYS F 43 46.55 29.73 -52.98
CA CYS F 43 45.25 30.28 -53.29
C CYS F 43 45.27 31.82 -53.20
N HIS F 44 45.66 32.39 -52.05
CA HIS F 44 45.76 33.84 -51.84
C HIS F 44 46.98 34.39 -52.58
N SER F 45 48.03 33.58 -52.70
CA SER F 45 49.25 33.95 -53.41
C SER F 45 49.46 32.97 -54.60
N ILE F 46 50.52 33.16 -55.41
CA ILE F 46 50.74 32.29 -56.56
C ILE F 46 51.80 31.21 -56.28
N CYS F 47 51.60 30.00 -56.83
CA CYS F 47 52.54 28.93 -56.65
C CYS F 47 53.22 28.52 -57.93
N SER F 48 54.50 28.18 -57.79
CA SER F 48 55.37 27.66 -58.82
C SER F 48 55.09 26.16 -58.90
N LEU F 49 55.51 25.50 -60.00
CA LEU F 49 55.40 24.04 -60.15
C LEU F 49 56.27 23.40 -59.05
N GLU F 50 57.40 24.06 -58.76
CA GLU F 50 58.37 23.73 -57.74
C GLU F 50 57.73 23.80 -56.33
N GLN F 51 56.94 24.86 -56.07
CA GLN F 51 56.24 25.09 -54.80
C GLN F 51 55.17 24.01 -54.54
N LEU F 52 54.47 23.59 -55.61
CA LEU F 52 53.41 22.58 -55.56
C LEU F 52 53.97 21.17 -55.40
N GLU F 53 55.12 20.89 -56.07
CA GLU F 53 55.83 19.61 -56.02
C GLU F 53 56.29 19.27 -54.60
N ASN F 54 56.52 20.32 -53.76
CA ASN F 54 56.93 20.18 -52.36
C ASN F 54 55.87 19.49 -51.48
N TYR F 55 54.67 19.32 -52.03
CA TYR F 55 53.55 18.66 -51.36
C TYR F 55 53.39 17.20 -51.82
N CYS F 56 54.25 16.73 -52.74
CA CYS F 56 54.21 15.35 -53.27
C CYS F 56 55.11 14.35 -52.46
N ASN F 57 54.99 13.01 -52.73
CA ASN F 57 55.70 11.86 -52.12
C ASN F 57 55.06 11.28 -50.82
N SER G 3 19.96 -17.12 -16.46
CA SER G 3 19.92 -15.66 -16.56
C SER G 3 19.80 -15.00 -15.16
N GLN G 4 19.32 -15.77 -14.14
CA GLN G 4 19.19 -15.29 -12.75
C GLN G 4 20.54 -15.25 -12.11
N VAL G 5 20.92 -14.07 -11.61
CA VAL G 5 22.18 -13.87 -10.88
C VAL G 5 22.05 -14.56 -9.52
N GLN G 6 22.93 -15.51 -9.27
CA GLN G 6 22.99 -16.28 -8.05
C GLN G 6 24.42 -16.67 -7.68
N LEU G 7 24.65 -16.90 -6.40
CA LEU G 7 25.93 -17.26 -5.79
C LEU G 7 25.60 -18.27 -4.74
N LYS G 8 26.47 -19.28 -4.58
CA LYS G 8 26.25 -20.35 -3.59
C LYS G 8 27.58 -20.73 -2.93
N GLU G 9 27.66 -20.66 -1.61
CA GLU G 9 28.87 -21.10 -0.85
C GLU G 9 28.75 -22.58 -0.38
N SER G 10 29.87 -23.41 -0.54
CA SER G 10 30.08 -24.80 -0.07
C SER G 10 31.25 -24.76 0.90
N GLY G 11 31.10 -25.36 2.05
CA GLY G 11 32.13 -25.34 3.08
C GLY G 11 31.82 -26.20 4.28
N PRO G 12 32.86 -26.53 5.07
CA PRO G 12 32.62 -27.36 6.26
C PRO G 12 31.91 -26.56 7.38
N GLY G 13 30.96 -27.25 8.04
CA GLY G 13 30.24 -26.73 9.17
C GLY G 13 31.17 -26.62 10.37
N LEU G 14 32.06 -27.61 10.53
CA LEU G 14 33.00 -27.68 11.62
C LEU G 14 34.42 -27.75 11.17
N VAL G 15 35.27 -26.98 11.82
CA VAL G 15 36.70 -26.93 11.61
C VAL G 15 37.28 -26.91 13.01
N ALA G 16 38.37 -27.63 13.17
CA ALA G 16 39.10 -27.71 14.42
C ALA G 16 40.07 -26.51 14.47
N PRO G 17 40.32 -25.90 15.65
CA PRO G 17 41.31 -24.81 15.72
C PRO G 17 42.67 -25.32 15.24
N SER G 18 43.41 -24.45 14.54
CA SER G 18 44.74 -24.67 13.93
C SER G 18 44.70 -25.27 12.54
N GLN G 19 43.55 -25.81 12.13
CA GLN G 19 43.34 -26.37 10.80
C GLN G 19 43.01 -25.30 9.75
N SER G 20 43.01 -25.70 8.48
CA SER G 20 42.72 -24.82 7.35
C SER G 20 41.36 -25.10 6.83
N LEU G 21 40.78 -24.12 6.19
CA LEU G 21 39.42 -24.09 5.70
C LEU G 21 39.40 -23.75 4.22
N SER G 22 38.42 -24.33 3.49
CA SER G 22 38.15 -24.02 2.12
C SER G 22 36.67 -23.86 1.92
N ILE G 23 36.28 -22.71 1.37
CA ILE G 23 34.93 -22.41 0.94
C ILE G 23 34.99 -22.13 -0.57
N THR G 24 34.02 -22.66 -1.31
CA THR G 24 33.85 -22.44 -2.74
C THR G 24 32.55 -21.72 -2.94
N CYS G 25 32.63 -20.63 -3.70
CA CYS G 25 31.53 -19.84 -4.16
C CYS G 25 31.33 -20.24 -5.62
N THR G 26 30.17 -20.83 -5.91
CA THR G 26 29.81 -21.19 -7.28
C THR G 26 28.78 -20.13 -7.72
N VAL G 27 29.15 -19.38 -8.76
CA VAL G 27 28.29 -18.32 -9.28
C VAL G 27 27.62 -18.73 -10.59
N SER G 28 26.52 -18.07 -10.88
CA SER G 28 25.73 -18.29 -12.07
C SER G 28 25.05 -16.97 -12.48
N GLY G 29 24.83 -16.83 -13.80
CA GLY G 29 24.12 -15.69 -14.37
C GLY G 29 24.94 -14.47 -14.67
N PHE G 30 26.28 -14.53 -14.51
CA PHE G 30 27.22 -13.43 -14.83
C PHE G 30 28.63 -13.96 -14.99
N PRO G 31 29.47 -13.36 -15.85
CA PRO G 31 30.86 -13.86 -16.00
C PRO G 31 31.78 -13.37 -14.88
N LEU G 32 32.64 -14.26 -14.39
CA LEU G 32 33.59 -13.91 -13.32
C LEU G 32 34.72 -12.99 -13.84
N THR G 33 34.86 -12.88 -15.16
CA THR G 33 35.86 -12.03 -15.80
C THR G 33 35.44 -10.55 -15.75
N ALA G 34 34.11 -10.27 -15.62
CA ALA G 34 33.59 -8.90 -15.60
C ALA G 34 33.24 -8.40 -14.22
N TYR G 35 33.06 -9.29 -13.25
CA TYR G 35 32.65 -8.94 -11.90
C TYR G 35 33.60 -9.41 -10.86
N GLY G 36 33.67 -8.69 -9.73
CA GLY G 36 34.48 -9.12 -8.60
C GLY G 36 33.61 -9.93 -7.66
N VAL G 37 34.22 -10.67 -6.77
CA VAL G 37 33.49 -11.47 -5.76
C VAL G 37 34.17 -11.19 -4.43
N ASN G 38 33.36 -10.78 -3.43
CA ASN G 38 33.85 -10.52 -2.08
C ASN G 38 33.55 -11.67 -1.15
N TRP G 39 34.34 -11.74 -0.08
CA TRP G 39 34.12 -12.66 1.00
C TRP G 39 33.89 -11.78 2.21
N VAL G 40 32.72 -11.94 2.80
CA VAL G 40 32.29 -11.20 3.98
C VAL G 40 31.86 -12.25 5.02
N ARG G 41 32.38 -12.13 6.26
CA ARG G 41 31.94 -13.02 7.34
C ARG G 41 31.16 -12.25 8.42
N GLN G 42 30.39 -13.00 9.19
CA GLN G 42 29.64 -12.42 10.25
C GLN G 42 29.62 -13.35 11.44
N PRO G 43 30.32 -12.97 12.52
CA PRO G 43 30.30 -13.79 13.74
C PRO G 43 28.90 -13.77 14.35
N PRO G 44 28.50 -14.82 15.10
CA PRO G 44 27.17 -14.80 15.71
C PRO G 44 27.01 -13.61 16.67
N GLY G 45 25.91 -12.87 16.45
CA GLY G 45 25.51 -11.70 17.23
C GLY G 45 26.34 -10.46 16.97
N LYS G 46 27.30 -10.55 16.02
CA LYS G 46 28.21 -9.49 15.67
C LYS G 46 27.99 -8.97 14.22
N GLY G 47 28.70 -7.90 13.87
CA GLY G 47 28.62 -7.25 12.55
C GLY G 47 29.35 -7.92 11.39
N LEU G 48 29.13 -7.36 10.19
CA LEU G 48 29.72 -7.84 8.95
C LEU G 48 31.20 -7.40 8.83
N GLU G 49 32.08 -8.37 8.53
CA GLU G 49 33.50 -8.11 8.31
C GLU G 49 33.93 -8.56 6.90
N TRP G 50 34.50 -7.60 6.14
CA TRP G 50 34.98 -7.81 4.78
C TRP G 50 36.31 -8.52 4.86
N LEU G 51 36.47 -9.65 4.15
CA LEU G 51 37.70 -10.45 4.16
C LEU G 51 38.63 -10.13 3.00
N GLY G 52 38.07 -10.08 1.81
CA GLY G 52 38.81 -9.80 0.59
C GLY G 52 37.92 -9.82 -0.63
N MET G 53 38.49 -9.36 -1.75
CA MET G 53 37.79 -9.27 -3.04
C MET G 53 38.69 -9.80 -4.12
N ILE G 54 38.12 -10.47 -5.13
CA ILE G 54 38.88 -10.91 -6.31
C ILE G 54 38.29 -10.25 -7.55
N TRP G 55 39.07 -9.35 -8.17
CA TRP G 55 38.71 -8.55 -9.35
C TRP G 55 38.58 -9.43 -10.59
N GLY G 56 37.90 -8.92 -11.62
CA GLY G 56 37.71 -9.61 -12.89
C GLY G 56 39.02 -10.10 -13.46
N ASP G 57 40.06 -9.20 -13.49
CA ASP G 57 41.44 -9.43 -13.98
C ASP G 57 42.30 -10.41 -13.12
N GLY G 58 41.70 -10.95 -12.05
CA GLY G 58 42.33 -11.93 -11.16
C GLY G 58 43.09 -11.37 -9.99
N ASN G 59 43.21 -10.05 -9.91
CA ASN G 59 43.87 -9.34 -8.82
C ASN G 59 43.05 -9.45 -7.52
N THR G 60 43.74 -9.48 -6.37
CA THR G 60 43.11 -9.63 -5.07
C THR G 60 43.44 -8.54 -4.07
N ASP G 61 42.47 -8.23 -3.20
CA ASP G 61 42.62 -7.29 -2.11
C ASP G 61 42.13 -8.03 -0.88
N TYR G 62 42.88 -7.87 0.24
CA TYR G 62 42.60 -8.54 1.53
C TYR G 62 42.50 -7.58 2.69
N ASN G 63 41.72 -7.99 3.73
CA ASN G 63 41.60 -7.27 4.99
C ASN G 63 42.96 -7.39 5.67
N SER G 64 43.58 -6.23 5.92
CA SER G 64 44.93 -6.12 6.50
C SER G 64 45.10 -6.98 7.75
N ALA G 65 44.07 -6.98 8.63
CA ALA G 65 44.04 -7.72 9.87
C ALA G 65 44.13 -9.21 9.67
N LEU G 66 43.74 -9.72 8.50
CA LEU G 66 43.73 -11.15 8.24
C LEU G 66 44.70 -11.61 7.18
N LYS G 67 45.05 -10.71 6.23
CA LYS G 67 45.97 -10.84 5.09
C LYS G 67 46.93 -12.05 5.16
N SER G 68 47.65 -12.20 6.29
CA SER G 68 48.61 -13.29 6.54
C SER G 68 48.07 -14.72 6.32
N ARG G 69 46.78 -14.95 6.61
CA ARG G 69 46.10 -16.26 6.57
C ARG G 69 45.02 -16.42 5.50
N LEU G 70 44.78 -15.40 4.68
CA LEU G 70 43.72 -15.45 3.68
C LEU G 70 44.22 -15.63 2.29
N SER G 71 43.51 -16.40 1.48
CA SER G 71 43.90 -16.62 0.10
C SER G 71 42.68 -16.76 -0.76
N ILE G 72 42.51 -15.81 -1.69
CA ILE G 72 41.38 -15.82 -2.64
C ILE G 72 41.94 -16.14 -4.01
N SER G 73 41.25 -17.04 -4.74
CA SER G 73 41.59 -17.50 -6.08
C SER G 73 40.29 -17.84 -6.77
N LYS G 74 40.34 -18.19 -8.06
CA LYS G 74 39.13 -18.49 -8.83
C LYS G 74 39.43 -19.32 -10.06
N ASP G 75 38.37 -19.72 -10.75
CA ASP G 75 38.38 -20.44 -12.01
C ASP G 75 37.19 -19.93 -12.79
N ASN G 76 37.47 -18.96 -13.69
CA ASN G 76 36.47 -18.33 -14.55
C ASN G 76 35.63 -19.33 -15.33
N SER G 77 36.30 -20.31 -15.96
CA SER G 77 35.60 -21.32 -16.75
C SER G 77 34.59 -22.13 -15.93
N LYS G 78 34.90 -22.42 -14.66
CA LYS G 78 34.03 -23.22 -13.76
C LYS G 78 33.08 -22.34 -12.94
N SER G 79 33.15 -21.00 -13.13
CA SER G 79 32.34 -20.00 -12.42
C SER G 79 32.48 -20.25 -10.89
N GLN G 80 33.74 -20.41 -10.46
CA GLN G 80 34.09 -20.71 -9.07
C GLN G 80 35.15 -19.80 -8.49
N VAL G 81 34.92 -19.38 -7.25
CA VAL G 81 35.80 -18.52 -6.46
C VAL G 81 36.07 -19.33 -5.17
N PHE G 82 37.32 -19.32 -4.69
CA PHE G 82 37.77 -20.10 -3.53
C PHE G 82 38.34 -19.22 -2.43
N LEU G 83 37.98 -19.51 -1.20
CA LEU G 83 38.51 -18.82 -0.03
C LEU G 83 39.31 -19.89 0.76
N LYS G 84 40.60 -19.65 0.98
CA LYS G 84 41.44 -20.50 1.80
C LYS G 84 41.86 -19.63 2.99
N MET G 85 41.57 -20.11 4.16
CA MET G 85 41.92 -19.45 5.40
C MET G 85 42.63 -20.52 6.23
N ASN G 86 43.84 -20.20 6.71
CA ASN G 86 44.71 -21.07 7.49
C ASN G 86 44.67 -20.70 8.95
N SER G 87 45.27 -21.60 9.79
CA SER G 87 45.44 -21.55 11.26
C SER G 87 44.24 -20.93 11.93
N LEU G 88 43.09 -21.65 11.80
CA LEU G 88 41.79 -21.25 12.33
C LEU G 88 41.81 -21.15 13.88
N GLN G 89 41.02 -20.21 14.39
CA GLN G 89 40.84 -19.93 15.81
C GLN G 89 39.35 -19.73 16.05
N THR G 90 38.90 -19.77 17.32
CA THR G 90 37.47 -19.61 17.69
C THR G 90 36.88 -18.29 17.17
N ASP G 91 37.70 -17.21 17.03
CA ASP G 91 37.30 -15.91 16.50
C ASP G 91 36.90 -16.05 15.06
N ASP G 92 37.24 -17.19 14.46
CA ASP G 92 36.89 -17.41 13.07
C ASP G 92 35.50 -18.01 12.91
N THR G 93 34.84 -18.39 14.04
CA THR G 93 33.45 -18.87 14.03
C THR G 93 32.54 -17.75 13.52
N ALA G 94 31.87 -18.00 12.36
CA ALA G 94 31.06 -17.01 11.68
C ALA G 94 30.28 -17.60 10.50
N ARG G 95 29.26 -16.85 9.92
CA ARG G 95 28.61 -17.23 8.68
C ARG G 95 29.46 -16.50 7.58
N TYR G 96 29.90 -17.25 6.56
CA TYR G 96 30.74 -16.74 5.50
C TYR G 96 29.93 -16.55 4.19
N TYR G 97 29.88 -15.34 3.67
CA TYR G 97 29.15 -15.05 2.46
C TYR G 97 30.08 -14.68 1.34
N CYS G 98 29.64 -14.93 0.09
CA CYS G 98 30.25 -14.39 -1.11
C CYS G 98 29.18 -13.42 -1.77
N ALA G 99 29.61 -12.26 -2.28
CA ALA G 99 28.77 -11.25 -2.89
C ALA G 99 29.45 -10.76 -4.16
N ARG G 100 28.62 -10.42 -5.17
CA ARG G 100 29.07 -9.91 -6.46
C ARG G 100 29.47 -8.45 -6.28
N ASP G 101 30.54 -8.05 -6.97
CA ASP G 101 31.01 -6.69 -6.97
C ASP G 101 30.95 -6.10 -8.36
N PRO G 102 29.85 -5.39 -8.71
CA PRO G 102 29.79 -4.71 -10.00
C PRO G 102 30.61 -3.40 -9.95
N TYR G 103 31.92 -3.55 -9.74
CA TYR G 103 32.88 -2.48 -9.57
C TYR G 103 32.85 -1.49 -10.70
N GLY G 104 32.68 -0.21 -10.33
CA GLY G 104 32.57 0.90 -11.25
C GLY G 104 31.16 1.41 -11.43
N SER G 105 30.17 0.61 -11.02
CA SER G 105 28.74 0.89 -11.15
C SER G 105 28.00 0.67 -9.83
N LYS G 106 28.21 -0.47 -9.13
CA LYS G 106 27.53 -0.75 -7.85
C LYS G 106 28.45 -1.41 -6.78
N PRO G 107 28.08 -1.26 -5.49
CA PRO G 107 28.79 -2.02 -4.45
C PRO G 107 28.22 -3.44 -4.43
N MET G 108 28.73 -4.36 -3.54
CA MET G 108 28.19 -5.73 -3.42
C MET G 108 26.64 -5.77 -3.56
N ASP G 109 26.10 -6.35 -4.66
CA ASP G 109 24.64 -6.37 -4.85
C ASP G 109 24.02 -7.69 -4.49
N TYR G 110 24.35 -8.77 -5.21
CA TYR G 110 23.86 -10.11 -4.94
C TYR G 110 24.75 -10.84 -3.96
N TRP G 111 24.13 -11.44 -2.93
CA TRP G 111 24.79 -12.22 -1.90
C TRP G 111 24.36 -13.71 -1.97
N GLY G 112 25.17 -14.56 -1.40
CA GLY G 112 24.83 -15.95 -1.22
C GLY G 112 24.04 -16.03 0.08
N GLN G 113 23.54 -17.24 0.45
CA GLN G 113 22.80 -17.37 1.71
C GLN G 113 23.75 -17.61 2.92
N GLY G 114 25.02 -17.74 2.60
CA GLY G 114 26.09 -17.94 3.56
C GLY G 114 26.29 -19.38 3.93
N THR G 115 27.40 -19.64 4.62
CA THR G 115 27.72 -20.97 5.13
C THR G 115 28.21 -20.78 6.58
N SER G 116 27.57 -21.44 7.54
CA SER G 116 28.00 -21.33 8.93
C SER G 116 29.26 -22.21 9.20
N VAL G 117 30.33 -21.56 9.68
CA VAL G 117 31.58 -22.21 10.03
C VAL G 117 31.80 -22.01 11.53
N THR G 118 31.85 -23.12 12.28
CA THR G 118 32.14 -23.21 13.70
C THR G 118 33.56 -23.80 13.87
N VAL G 119 34.46 -23.06 14.57
CA VAL G 119 35.84 -23.47 14.85
C VAL G 119 35.79 -23.89 16.27
N SER G 120 35.83 -25.23 16.53
CA SER G 120 35.74 -25.81 17.87
C SER G 120 36.52 -27.09 18.02
N SER G 121 37.02 -27.36 19.28
CA SER G 121 37.75 -28.58 19.69
C SER G 121 36.98 -29.44 20.76
N SER G 122 35.80 -30.03 20.41
CA SER G 122 35.16 -29.94 19.09
C SER G 122 33.62 -30.08 19.12
N LEU G 123 33.09 -30.56 17.97
CA LEU G 123 31.69 -30.75 17.61
C LEU G 123 30.94 -29.43 17.69
N VAL G 124 29.63 -29.49 17.42
CA VAL G 124 28.76 -28.32 17.36
C VAL G 124 28.28 -27.81 18.81
N PRO G 125 28.45 -28.53 19.99
CA PRO G 125 27.97 -27.98 21.29
C PRO G 125 28.57 -26.66 21.78
N GLY H 2 47.99 3.39 9.86
CA GLY H 2 46.60 3.15 9.47
C GLY H 2 46.23 3.75 8.12
N SER H 3 46.32 2.94 7.09
CA SER H 3 46.04 3.40 5.74
C SER H 3 44.61 3.08 5.42
N ASP H 4 44.11 1.97 5.98
CA ASP H 4 42.76 1.44 5.77
C ASP H 4 41.69 2.37 6.37
N ILE H 5 40.54 2.49 5.66
CA ILE H 5 39.44 3.35 6.11
C ILE H 5 38.67 2.73 7.27
N VAL H 6 38.37 3.55 8.28
CA VAL H 6 37.60 3.16 9.46
C VAL H 6 36.17 3.72 9.35
N MET H 7 35.18 2.88 9.61
CA MET H 7 33.79 3.27 9.57
C MET H 7 33.21 3.24 10.99
N SER H 8 32.37 4.22 11.31
CA SER H 8 31.72 4.33 12.63
C SER H 8 30.24 4.53 12.39
N GLN H 9 29.42 3.86 13.21
CA GLN H 9 27.97 3.95 13.14
C GLN H 9 27.38 4.33 14.47
N SER H 10 26.35 5.21 14.41
CA SER H 10 25.67 5.72 15.57
C SER H 10 24.17 5.87 15.27
N PRO H 11 23.26 5.46 16.20
CA PRO H 11 23.55 4.82 17.50
C PRO H 11 23.80 3.34 17.27
N SER H 12 24.26 2.62 18.29
CA SER H 12 24.48 1.19 18.15
C SER H 12 23.12 0.46 18.03
N SER H 13 22.11 0.92 18.78
CA SER H 13 20.77 0.37 18.76
C SER H 13 19.77 1.46 18.93
N LEU H 14 18.56 1.27 18.39
CA LEU H 14 17.46 2.23 18.57
C LEU H 14 16.10 1.50 18.49
N VAL H 15 15.24 1.81 19.49
CA VAL H 15 13.93 1.21 19.67
C VAL H 15 12.87 2.24 19.41
N VAL H 16 12.02 1.96 18.42
CA VAL H 16 10.99 2.86 17.97
C VAL H 16 9.66 2.17 17.80
N SER H 17 8.58 2.95 17.78
CA SER H 17 7.26 2.43 17.51
C SER H 17 6.96 2.60 16.03
N VAL H 18 6.06 1.76 15.50
CA VAL H 18 5.66 1.76 14.09
C VAL H 18 5.26 3.16 13.64
N GLY H 19 5.77 3.55 12.49
CA GLY H 19 5.49 4.83 11.85
C GLY H 19 6.38 5.99 12.21
N GLU H 20 7.29 5.82 13.20
CA GLU H 20 8.23 6.87 13.64
C GLU H 20 9.30 7.16 12.58
N LYS H 21 9.80 8.42 12.54
CA LYS H 21 10.93 8.79 11.66
C LYS H 21 12.17 8.38 12.39
N VAL H 22 13.11 7.78 11.66
CA VAL H 22 14.36 7.25 12.22
C VAL H 22 15.54 7.72 11.39
N THR H 23 16.58 8.22 12.09
CA THR H 23 17.80 8.70 11.49
C THR H 23 19.00 8.01 12.13
N MET H 24 19.81 7.36 11.29
CA MET H 24 21.05 6.71 11.72
C MET H 24 22.19 7.31 10.96
N SER H 25 23.31 7.43 11.65
CA SER H 25 24.53 8.07 11.16
C SER H 25 25.66 7.07 10.84
N CYS H 26 26.57 7.54 9.97
CA CYS H 26 27.75 6.86 9.48
C CYS H 26 28.88 7.85 9.31
N LYS H 27 30.04 7.54 9.89
CA LYS H 27 31.23 8.40 9.84
C LYS H 27 32.40 7.63 9.22
N SER H 28 33.20 8.30 8.39
CA SER H 28 34.30 7.70 7.68
C SER H 28 35.60 8.35 8.09
N SER H 29 36.67 7.53 8.25
CA SER H 29 37.99 8.05 8.61
C SER H 29 38.61 8.94 7.51
N GLN H 30 38.21 8.73 6.24
CA GLN H 30 38.65 9.50 5.06
C GLN H 30 37.47 9.83 4.14
N SER H 31 37.57 10.93 3.36
CA SER H 31 36.53 11.28 2.38
C SER H 31 36.32 10.15 1.36
N LEU H 32 35.05 9.86 1.13
CA LEU H 32 34.64 8.84 0.18
C LEU H 32 34.18 9.45 -1.14
N LEU H 33 34.36 10.80 -1.28
CA LEU H 33 34.00 11.56 -2.47
C LEU H 33 35.05 11.41 -3.55
N TYR H 34 34.63 10.88 -4.70
CA TYR H 34 35.45 10.67 -5.90
C TYR H 34 35.48 11.98 -6.69
N SER H 35 36.69 12.53 -6.92
CA SER H 35 36.80 13.80 -7.64
C SER H 35 36.36 13.70 -9.12
N SER H 36 36.35 12.46 -9.69
CA SER H 36 35.96 12.22 -11.08
C SER H 36 34.48 12.55 -11.34
N ASN H 37 33.57 11.87 -10.67
CA ASN H 37 32.13 12.03 -10.86
C ASN H 37 31.40 12.81 -9.76
N GLN H 38 32.13 13.20 -8.68
CA GLN H 38 31.60 13.94 -7.53
C GLN H 38 30.51 13.12 -6.77
N LYS H 39 30.74 11.82 -6.74
CA LYS H 39 29.85 10.91 -6.03
C LYS H 39 30.63 10.26 -4.91
N ASN H 40 29.92 9.92 -3.81
CA ASN H 40 30.52 9.26 -2.65
C ASN H 40 30.41 7.76 -2.73
N PHE H 41 31.54 7.08 -2.53
CA PHE H 41 31.64 5.62 -2.52
C PHE H 41 31.18 5.08 -1.17
N LEU H 42 29.88 5.28 -0.88
CA LEU H 42 29.21 4.82 0.34
C LEU H 42 27.88 4.17 0.05
N ALA H 43 27.67 3.03 0.67
CA ALA H 43 26.49 2.20 0.55
C ALA H 43 25.85 1.86 1.92
N TRP H 44 24.53 1.61 1.91
CA TRP H 44 23.72 1.19 3.07
C TRP H 44 23.08 -0.12 2.73
N TYR H 45 23.24 -1.05 3.66
CA TYR H 45 22.70 -2.39 3.62
C TYR H 45 21.76 -2.56 4.76
N GLN H 46 20.74 -3.36 4.54
CA GLN H 46 19.75 -3.74 5.56
C GLN H 46 19.80 -5.27 5.71
N GLN H 47 20.02 -5.77 6.92
CA GLN H 47 20.03 -7.21 7.15
C GLN H 47 18.94 -7.62 8.13
N LYS H 48 17.82 -8.18 7.61
CA LYS H 48 16.71 -8.63 8.42
C LYS H 48 17.10 -9.93 9.12
N PRO H 49 16.51 -10.26 10.30
CA PRO H 49 16.88 -11.51 10.99
C PRO H 49 16.74 -12.78 10.13
N GLY H 50 17.80 -13.59 10.08
CA GLY H 50 17.85 -14.85 9.35
C GLY H 50 17.83 -14.71 7.84
N GLN H 51 18.42 -13.62 7.35
CA GLN H 51 18.52 -13.33 5.93
C GLN H 51 19.89 -12.73 5.67
N SER H 52 20.36 -12.80 4.41
CA SER H 52 21.61 -12.17 4.05
C SER H 52 21.42 -10.64 3.86
N PRO H 53 22.50 -9.80 3.86
CA PRO H 53 22.30 -8.34 3.69
C PRO H 53 21.76 -7.96 2.33
N LYS H 54 20.99 -6.86 2.29
CA LYS H 54 20.34 -6.32 1.09
C LYS H 54 20.78 -4.88 0.91
N LEU H 55 21.28 -4.56 -0.31
CA LEU H 55 21.71 -3.21 -0.71
C LEU H 55 20.53 -2.34 -0.82
N LEU H 56 20.59 -1.19 -0.14
CA LEU H 56 19.50 -0.20 -0.14
C LEU H 56 19.88 1.00 -0.96
N ILE H 57 21.00 1.62 -0.57
CA ILE H 57 21.52 2.87 -1.14
C ILE H 57 22.95 2.66 -1.53
N TYR H 58 23.34 3.27 -2.63
CA TYR H 58 24.72 3.35 -3.11
C TYR H 58 24.94 4.75 -3.60
N TRP H 59 26.20 5.16 -3.79
CA TRP H 59 26.53 6.54 -4.20
C TRP H 59 25.97 7.54 -3.18
N ALA H 60 25.90 7.12 -1.90
CA ALA H 60 25.43 7.83 -0.71
C ALA H 60 23.95 8.13 -0.70
N SER H 61 23.31 8.36 -1.88
CA SER H 61 21.90 8.77 -2.02
C SER H 61 21.08 8.03 -3.10
N THR H 62 21.72 7.18 -3.91
CA THR H 62 20.99 6.47 -4.97
C THR H 62 20.35 5.23 -4.41
N ARG H 63 19.00 5.12 -4.56
CA ARG H 63 18.23 3.94 -4.14
C ARG H 63 18.47 2.76 -5.10
N GLU H 64 18.60 1.56 -4.55
CA GLU H 64 18.77 0.36 -5.36
C GLU H 64 17.36 0.03 -5.90
N SER H 65 17.26 -0.60 -7.07
CA SER H 65 15.97 -0.97 -7.66
C SER H 65 15.19 -1.87 -6.69
N GLY H 66 13.92 -1.51 -6.50
CA GLY H 66 13.03 -2.22 -5.59
C GLY H 66 12.86 -1.53 -4.25
N VAL H 67 13.93 -0.86 -3.77
CA VAL H 67 13.98 -0.18 -2.46
C VAL H 67 12.90 0.91 -2.32
N PRO H 68 12.03 0.81 -1.26
CA PRO H 68 10.97 1.81 -1.07
C PRO H 68 11.48 3.22 -0.85
N ASP H 69 10.63 4.20 -1.17
CA ASP H 69 10.92 5.61 -1.04
C ASP H 69 11.09 6.06 0.41
N ARG H 70 10.69 5.22 1.40
CA ARG H 70 10.78 5.54 2.83
C ARG H 70 12.20 5.58 3.33
N PHE H 71 13.09 4.85 2.65
CA PHE H 71 14.55 4.79 2.87
C PHE H 71 15.24 5.91 2.06
N THR H 72 15.95 6.82 2.76
CA THR H 72 16.60 7.97 2.13
C THR H 72 18.03 8.14 2.65
N GLY H 73 18.98 8.10 1.73
CA GLY H 73 20.38 8.28 2.07
C GLY H 73 20.79 9.70 1.78
N SER H 74 21.56 10.29 2.70
CA SER H 74 22.10 11.65 2.56
C SER H 74 23.57 11.75 3.08
N GLY H 75 24.26 12.82 2.71
CA GLY H 75 25.62 13.10 3.16
C GLY H 75 26.68 13.14 2.08
N SER H 76 27.89 13.62 2.47
CA SER H 76 29.04 13.76 1.56
C SER H 76 30.34 13.78 2.37
N GLY H 77 31.39 13.26 1.74
CA GLY H 77 32.74 13.21 2.30
C GLY H 77 32.93 12.11 3.30
N THR H 78 32.81 12.48 4.58
CA THR H 78 33.00 11.61 5.76
C THR H 78 31.73 11.44 6.61
N ASP H 79 30.75 12.32 6.47
CA ASP H 79 29.53 12.28 7.26
C ASP H 79 28.28 11.93 6.46
N PHE H 80 27.63 10.80 6.81
CA PHE H 80 26.47 10.28 6.08
C PHE H 80 25.33 9.83 6.98
N THR H 81 24.07 9.92 6.49
CA THR H 81 22.90 9.44 7.24
C THR H 81 21.92 8.62 6.36
N LEU H 82 21.19 7.71 7.02
CA LEU H 82 20.09 6.92 6.47
C LEU H 82 18.85 7.34 7.25
N THR H 83 17.76 7.62 6.52
CA THR H 83 16.52 8.02 7.12
C THR H 83 15.38 7.11 6.67
N ILE H 84 14.50 6.70 7.63
CA ILE H 84 13.26 5.92 7.40
C ILE H 84 12.14 6.85 7.81
N SER H 85 11.35 7.34 6.83
CA SER H 85 10.27 8.32 7.07
C SER H 85 9.18 7.82 8.02
N SER H 86 8.76 6.56 7.83
CA SER H 86 7.74 5.91 8.64
C SER H 86 8.11 4.47 8.69
N VAL H 87 8.68 4.11 9.81
CA VAL H 87 9.16 2.78 10.13
C VAL H 87 7.99 1.79 10.06
N LYS H 88 8.14 0.70 9.33
CA LYS H 88 7.16 -0.39 9.23
C LYS H 88 7.71 -1.54 10.08
N ALA H 89 6.83 -2.50 10.42
CA ALA H 89 7.23 -3.67 11.23
C ALA H 89 8.33 -4.51 10.54
N GLU H 90 8.28 -4.58 9.20
CA GLU H 90 9.21 -5.30 8.35
C GLU H 90 10.58 -4.67 8.32
N ASP H 91 10.72 -3.43 8.84
CA ASP H 91 12.01 -2.72 8.88
C ASP H 91 12.91 -3.18 10.02
N LEU H 92 12.42 -4.11 10.90
CA LEU H 92 13.21 -4.73 11.94
C LEU H 92 14.34 -5.42 11.22
N ALA H 93 15.55 -4.84 11.39
CA ALA H 93 16.79 -5.23 10.78
C ALA H 93 17.96 -4.48 11.41
N VAL H 94 19.18 -4.88 10.99
CA VAL H 94 20.42 -4.20 11.33
C VAL H 94 20.87 -3.49 10.06
N TYR H 95 21.12 -2.19 10.15
CA TYR H 95 21.53 -1.38 9.01
C TYR H 95 23.01 -1.08 9.08
N TYR H 96 23.76 -1.48 8.05
CA TYR H 96 25.23 -1.26 7.97
C TYR H 96 25.56 -0.32 6.87
N CYS H 97 26.50 0.59 7.13
CA CYS H 97 27.03 1.42 6.06
C CYS H 97 28.32 0.73 5.66
N GLN H 98 28.71 0.90 4.41
CA GLN H 98 29.91 0.31 3.86
C GLN H 98 30.61 1.28 2.89
N GLN H 99 31.92 1.43 3.05
CA GLN H 99 32.68 2.24 2.12
C GLN H 99 33.20 1.27 1.03
N TYR H 100 33.26 1.74 -0.22
CA TYR H 100 33.78 0.92 -1.31
C TYR H 100 34.67 1.78 -2.20
N PHE H 101 35.34 2.78 -1.57
CA PHE H 101 36.31 3.67 -2.22
C PHE H 101 37.59 2.87 -2.64
N ARG H 102 38.39 2.41 -1.64
CA ARG H 102 39.53 1.51 -1.82
C ARG H 102 39.33 0.39 -0.81
N TYR H 103 39.15 -0.86 -1.33
CA TYR H 103 38.78 -2.07 -0.58
C TYR H 103 37.35 -1.80 -0.10
N ARG H 104 36.89 -2.51 0.96
CA ARG H 104 35.56 -2.33 1.54
C ARG H 104 35.65 -2.42 3.04
N THR H 105 34.84 -1.62 3.74
CA THR H 105 34.78 -1.60 5.20
C THR H 105 33.32 -1.41 5.59
N PHE H 106 32.83 -2.27 6.48
CA PHE H 106 31.46 -2.15 7.00
C PHE H 106 31.51 -1.50 8.36
N GLY H 107 30.54 -0.64 8.62
CA GLY H 107 30.42 -0.03 9.94
C GLY H 107 29.92 -1.07 10.94
N GLY H 108 29.80 -0.65 12.18
CA GLY H 108 29.32 -1.54 13.24
C GLY H 108 27.91 -2.03 13.13
N GLY H 109 27.06 -1.26 12.48
CA GLY H 109 25.63 -1.53 12.37
C GLY H 109 24.81 -0.77 13.39
N THR H 110 23.55 -0.45 13.03
CA THR H 110 22.54 0.16 13.90
C THR H 110 21.41 -0.86 13.97
N LYS H 111 21.11 -1.34 15.18
CA LYS H 111 20.03 -2.33 15.37
C LYS H 111 18.72 -1.57 15.51
N LEU H 112 17.83 -1.74 14.52
CA LEU H 112 16.53 -1.08 14.58
C LEU H 112 15.50 -2.05 15.12
N GLU H 113 15.09 -1.82 16.38
CA GLU H 113 14.08 -2.62 17.08
C GLU H 113 12.72 -1.90 17.04
N ILE H 114 11.63 -2.69 16.95
CA ILE H 114 10.26 -2.16 16.86
C ILE H 114 9.46 -2.47 18.10
N LYS H 115 8.84 -1.46 18.71
CA LYS H 115 7.95 -1.59 19.87
C LYS H 115 6.54 -1.99 19.37
N SER H 116 5.95 -3.04 19.96
CA SER H 116 4.57 -3.41 19.60
C SER H 116 3.55 -2.69 20.50
N GLY I 5 38.03 -8.34 -29.39
CA GLY I 5 38.50 -7.40 -30.42
C GLY I 5 39.64 -6.50 -29.98
N GLU I 6 40.40 -5.94 -30.94
CA GLU I 6 41.55 -5.07 -30.63
C GLU I 6 41.26 -3.54 -30.64
N VAL I 7 42.02 -2.81 -29.79
CA VAL I 7 42.01 -1.35 -29.72
C VAL I 7 43.22 -0.86 -30.53
N CYS I 8 42.97 0.02 -31.51
CA CYS I 8 43.99 0.52 -32.41
C CYS I 8 44.18 1.99 -32.32
N PRO I 9 45.36 2.53 -32.71
CA PRO I 9 45.53 3.99 -32.63
C PRO I 9 44.90 4.69 -33.83
N GLY I 10 44.90 6.03 -33.80
CA GLY I 10 44.42 6.87 -34.88
C GLY I 10 45.24 6.67 -36.14
N MET I 11 44.60 6.81 -37.31
CA MET I 11 45.25 6.61 -38.60
C MET I 11 44.86 7.57 -39.66
N ASP I 12 45.82 7.85 -40.55
CA ASP I 12 45.62 8.69 -41.73
C ASP I 12 46.07 7.85 -42.90
N ILE I 13 45.11 7.40 -43.73
CA ILE I 13 45.36 6.54 -44.88
C ILE I 13 45.08 7.31 -46.18
N ARG I 14 46.11 7.48 -47.01
CA ARG I 14 45.96 8.22 -48.27
C ARG I 14 46.62 7.54 -49.47
N ASN I 15 46.34 8.05 -50.70
CA ASN I 15 46.90 7.61 -51.99
C ASN I 15 46.47 6.20 -52.44
N ASN I 16 46.92 5.15 -51.70
CA ASN I 16 46.67 3.72 -51.94
C ASN I 16 45.99 3.12 -50.72
N LEU I 17 45.18 2.09 -50.95
CA LEU I 17 44.46 1.33 -49.91
C LEU I 17 45.36 0.44 -49.05
N THR I 18 46.63 0.21 -49.47
CA THR I 18 47.61 -0.63 -48.80
C THR I 18 47.49 -0.59 -47.26
N ARG I 19 47.79 0.57 -46.63
CA ARG I 19 47.79 0.72 -45.17
C ARG I 19 46.42 0.52 -44.50
N LEU I 20 45.33 0.42 -45.27
CA LEU I 20 43.99 0.20 -44.70
C LEU I 20 43.83 -1.17 -44.03
N HIS I 21 44.64 -2.17 -44.44
CA HIS I 21 44.60 -3.53 -43.86
C HIS I 21 45.00 -3.53 -42.39
N GLU I 22 45.68 -2.47 -41.93
CA GLU I 22 46.14 -2.35 -40.56
C GLU I 22 44.96 -2.27 -39.55
N LEU I 23 43.72 -2.08 -40.10
CA LEU I 23 42.47 -1.98 -39.35
C LEU I 23 41.74 -3.33 -39.21
N GLU I 24 42.23 -4.39 -39.89
CA GLU I 24 41.59 -5.70 -39.97
C GLU I 24 41.17 -6.29 -38.62
N ASN I 25 41.96 -6.09 -37.55
CA ASN I 25 41.62 -6.68 -36.25
C ASN I 25 41.06 -5.67 -35.23
N CYS I 26 40.82 -4.40 -35.64
CA CYS I 26 40.26 -3.37 -34.74
C CYS I 26 38.79 -3.49 -34.50
N SER I 27 38.40 -3.31 -33.24
CA SER I 27 37.01 -3.20 -32.90
C SER I 27 36.75 -1.74 -32.52
N VAL I 28 37.79 -1.07 -31.97
CA VAL I 28 37.75 0.33 -31.51
C VAL I 28 38.99 1.07 -31.98
N ILE I 29 38.81 2.26 -32.59
CA ILE I 29 39.91 3.13 -32.97
C ILE I 29 39.97 4.17 -31.88
N GLU I 30 41.10 4.21 -31.19
CA GLU I 30 41.42 5.15 -30.14
C GLU I 30 42.22 6.30 -30.81
N GLY I 31 41.45 7.16 -31.46
CA GLY I 31 41.90 8.33 -32.19
C GLY I 31 40.92 8.62 -33.31
N HIS I 32 41.42 9.23 -34.38
CA HIS I 32 40.62 9.54 -35.55
C HIS I 32 40.94 8.61 -36.72
N LEU I 33 40.07 8.60 -37.72
CA LEU I 33 40.31 7.85 -38.93
C LEU I 33 40.08 8.78 -40.09
N GLN I 34 41.14 8.97 -40.88
CA GLN I 34 41.14 9.78 -42.07
C GLN I 34 41.48 8.87 -43.22
N ILE I 35 40.58 8.80 -44.21
CA ILE I 35 40.81 8.03 -45.43
C ILE I 35 40.56 9.04 -46.53
N LEU I 36 41.64 9.38 -47.26
CA LEU I 36 41.58 10.47 -48.20
C LEU I 36 42.48 10.36 -49.42
N LEU I 37 42.25 11.24 -50.40
CA LEU I 37 43.01 11.43 -51.63
C LEU I 37 43.43 10.13 -52.34
N MET I 38 42.41 9.35 -52.74
CA MET I 38 42.62 8.11 -53.47
C MET I 38 41.95 8.26 -54.82
N PHE I 39 42.74 8.65 -55.83
CA PHE I 39 42.22 8.97 -57.17
C PHE I 39 42.17 7.82 -58.16
N LYS I 40 42.96 6.76 -57.93
CA LYS I 40 43.04 5.61 -58.85
C LYS I 40 42.25 4.37 -58.31
N THR I 41 41.57 4.53 -57.18
CA THR I 41 40.75 3.46 -56.60
C THR I 41 39.43 3.33 -57.37
N ARG I 42 39.00 2.07 -57.59
CA ARG I 42 37.79 1.68 -58.33
C ARG I 42 36.89 0.84 -57.39
N PRO I 43 35.56 0.69 -57.67
CA PRO I 43 34.70 -0.14 -56.77
C PRO I 43 35.25 -1.55 -56.55
N GLU I 44 35.92 -2.09 -57.59
CA GLU I 44 36.59 -3.38 -57.70
C GLU I 44 37.64 -3.56 -56.58
N ASP I 45 38.32 -2.46 -56.18
CA ASP I 45 39.37 -2.46 -55.15
C ASP I 45 38.83 -2.54 -53.71
N PHE I 46 37.50 -2.39 -53.56
CA PHE I 46 36.77 -2.41 -52.29
C PHE I 46 35.92 -3.71 -52.13
N ARG I 47 35.91 -4.60 -53.14
CA ARG I 47 35.07 -5.82 -53.17
C ARG I 47 35.33 -6.85 -52.04
N ASP I 48 36.61 -7.16 -51.71
CA ASP I 48 36.92 -8.10 -50.62
C ASP I 48 37.18 -7.37 -49.28
N LEU I 49 37.19 -6.01 -49.33
CA LEU I 49 37.47 -5.10 -48.24
C LEU I 49 36.26 -4.79 -47.32
N SER I 50 36.38 -5.28 -46.09
CA SER I 50 35.35 -5.09 -45.10
C SER I 50 35.96 -5.07 -43.72
N PHE I 51 35.37 -4.24 -42.83
CA PHE I 51 35.80 -4.16 -41.44
C PHE I 51 34.60 -4.35 -40.49
N PRO I 52 34.05 -5.61 -40.43
CA PRO I 52 32.87 -5.85 -39.56
C PRO I 52 33.16 -5.75 -38.08
N LYS I 53 34.45 -5.83 -37.72
CA LYS I 53 34.90 -5.71 -36.34
C LYS I 53 34.80 -4.27 -35.80
N LEU I 54 35.05 -3.27 -36.64
CA LEU I 54 35.01 -1.88 -36.19
C LEU I 54 33.60 -1.42 -35.76
N ILE I 55 33.50 -1.17 -34.45
CA ILE I 55 32.31 -0.80 -33.69
C ILE I 55 32.37 0.68 -33.31
N MET I 56 33.58 1.19 -33.00
CA MET I 56 33.68 2.53 -32.47
C MET I 56 34.94 3.31 -32.80
N ILE I 57 34.79 4.65 -33.00
CA ILE I 57 35.87 5.63 -33.25
C ILE I 57 35.79 6.66 -32.12
N THR I 58 36.88 6.84 -31.35
CA THR I 58 36.85 7.74 -30.19
C THR I 58 36.84 9.19 -30.59
N ASP I 59 37.53 9.57 -31.70
CA ASP I 59 37.56 10.95 -32.17
C ASP I 59 36.59 11.16 -33.34
N TYR I 60 37.10 11.34 -34.57
CA TYR I 60 36.28 11.60 -35.75
C TYR I 60 36.56 10.70 -36.96
N LEU I 61 35.59 10.65 -37.88
CA LEU I 61 35.73 9.94 -39.14
C LEU I 61 35.70 10.96 -40.29
N LEU I 62 36.78 11.01 -41.07
CA LEU I 62 36.92 11.93 -42.19
C LEU I 62 37.19 11.18 -43.49
N LEU I 63 36.38 11.47 -44.52
CA LEU I 63 36.47 10.83 -45.81
C LEU I 63 36.43 11.88 -46.88
N PHE I 64 37.58 12.05 -47.59
CA PHE I 64 37.78 13.09 -48.57
C PHE I 64 38.43 12.60 -49.87
N ARG I 65 37.80 12.84 -51.04
CA ARG I 65 38.35 12.42 -52.35
C ARG I 65 38.76 10.94 -52.44
N VAL I 66 37.87 10.02 -52.03
CA VAL I 66 38.12 8.59 -52.14
C VAL I 66 37.27 8.09 -53.34
N TYR I 67 37.93 7.93 -54.49
CA TYR I 67 37.32 7.49 -55.75
C TYR I 67 36.97 6.00 -55.69
N GLY I 68 35.90 5.61 -56.38
CA GLY I 68 35.44 4.22 -56.41
C GLY I 68 34.56 3.77 -55.25
N LEU I 69 34.63 4.47 -54.10
CA LEU I 69 33.83 4.09 -52.92
C LEU I 69 32.40 4.58 -53.09
N GLU I 70 31.44 3.64 -53.20
CA GLU I 70 30.02 3.95 -53.45
C GLU I 70 29.12 3.97 -52.21
N SER I 71 29.56 3.27 -51.17
CA SER I 71 28.82 3.12 -49.92
C SER I 71 29.81 2.77 -48.83
N LEU I 72 29.40 2.99 -47.58
CA LEU I 72 30.22 2.62 -46.44
C LEU I 72 29.63 1.39 -45.79
N LYS I 73 28.51 0.87 -46.34
CA LYS I 73 27.79 -0.30 -45.82
C LYS I 73 28.66 -1.56 -45.75
N ASP I 74 29.62 -1.73 -46.68
CA ASP I 74 30.50 -2.90 -46.70
C ASP I 74 31.81 -2.66 -45.95
N LEU I 75 32.32 -1.43 -45.99
CA LEU I 75 33.54 -1.06 -45.28
C LEU I 75 33.36 -1.09 -43.74
N PHE I 76 32.34 -0.38 -43.21
CA PHE I 76 32.08 -0.28 -41.77
C PHE I 76 30.64 -0.67 -41.41
N PRO I 77 30.23 -1.94 -41.62
CA PRO I 77 28.83 -2.31 -41.35
C PRO I 77 28.39 -2.27 -39.89
N ASN I 78 29.34 -2.30 -38.95
CA ASN I 78 28.96 -2.32 -37.55
C ASN I 78 29.43 -1.10 -36.76
N LEU I 79 29.88 -0.05 -37.45
CA LEU I 79 30.30 1.17 -36.76
C LEU I 79 29.03 1.75 -36.15
N THR I 80 28.95 1.67 -34.82
CA THR I 80 27.79 2.05 -34.01
C THR I 80 27.95 3.43 -33.38
N VAL I 81 29.19 3.77 -32.91
CA VAL I 81 29.43 5.01 -32.19
C VAL I 81 30.66 5.81 -32.69
N ILE I 82 30.51 7.14 -32.81
CA ILE I 82 31.60 8.08 -33.06
C ILE I 82 31.55 8.99 -31.81
N ARG I 83 32.46 8.75 -30.85
CA ARG I 83 32.47 9.45 -29.57
C ARG I 83 32.73 10.96 -29.65
N GLY I 84 33.50 11.39 -30.66
CA GLY I 84 33.82 12.79 -30.89
C GLY I 84 34.58 13.49 -29.78
N SER I 85 35.52 12.77 -29.11
CA SER I 85 36.38 13.32 -28.02
C SER I 85 37.21 14.51 -28.58
N ARG I 86 37.72 14.33 -29.80
CA ARG I 86 38.45 15.30 -30.59
C ARG I 86 37.73 15.35 -31.94
N LEU I 87 37.48 16.57 -32.40
CA LEU I 87 36.74 16.87 -33.61
C LEU I 87 37.57 17.51 -34.72
N PHE I 88 37.07 17.41 -35.97
CA PHE I 88 37.69 18.04 -37.13
C PHE I 88 36.90 19.32 -37.45
N PHE I 89 37.35 20.48 -36.89
CA PHE I 89 36.68 21.78 -37.09
C PHE I 89 35.22 21.71 -36.55
N ASN I 90 35.07 21.05 -35.39
CA ASN I 90 33.83 20.86 -34.65
C ASN I 90 32.90 19.76 -35.24
N TYR I 91 33.45 18.91 -36.13
CA TYR I 91 32.72 17.80 -36.76
C TYR I 91 33.33 16.45 -36.43
N ALA I 92 32.47 15.47 -36.10
CA ALA I 92 32.82 14.07 -35.78
C ALA I 92 32.75 13.20 -37.06
N LEU I 93 31.97 13.66 -38.05
CA LEU I 93 31.81 12.95 -39.33
C LEU I 93 31.90 13.94 -40.47
N VAL I 94 32.90 13.72 -41.35
CA VAL I 94 33.17 14.59 -42.50
C VAL I 94 33.21 13.74 -43.80
N ILE I 95 32.29 14.03 -44.73
CA ILE I 95 32.19 13.39 -46.04
C ILE I 95 32.26 14.53 -47.03
N PHE I 96 33.42 14.73 -47.65
CA PHE I 96 33.65 15.84 -48.54
C PHE I 96 34.26 15.41 -49.84
N GLU I 97 33.68 15.88 -50.97
CA GLU I 97 34.11 15.56 -52.33
C GLU I 97 34.37 14.06 -52.51
N MET I 98 33.42 13.23 -52.01
CA MET I 98 33.44 11.77 -52.18
C MET I 98 32.65 11.50 -53.49
N VAL I 99 33.37 11.68 -54.60
CA VAL I 99 32.90 11.69 -55.98
C VAL I 99 32.04 10.46 -56.40
N HIS I 100 32.21 9.29 -55.79
CA HIS I 100 31.43 8.14 -56.22
C HIS I 100 30.48 7.59 -55.16
N LEU I 101 30.43 8.24 -54.01
CA LEU I 101 29.55 7.82 -52.94
C LEU I 101 28.09 8.10 -53.31
N LYS I 102 27.28 7.03 -53.29
CA LYS I 102 25.87 7.02 -53.67
C LYS I 102 24.93 7.03 -52.45
N GLU I 103 25.42 6.46 -51.35
CA GLU I 103 24.71 6.34 -50.07
C GLU I 103 25.74 6.32 -48.95
N LEU I 104 25.35 6.71 -47.73
CA LEU I 104 26.29 6.60 -46.62
C LEU I 104 26.32 5.11 -46.22
N GLY I 105 25.14 4.53 -45.95
CA GLY I 105 25.00 3.13 -45.57
C GLY I 105 25.57 2.73 -44.23
N LEU I 106 25.71 3.69 -43.28
CA LEU I 106 26.24 3.38 -41.95
C LEU I 106 25.04 3.01 -41.07
N TYR I 107 24.31 1.97 -41.49
CA TYR I 107 23.04 1.50 -40.93
C TYR I 107 23.10 1.10 -39.45
N ASN I 108 24.32 1.01 -38.90
CA ASN I 108 24.48 0.70 -37.50
C ASN I 108 24.87 1.92 -36.67
N LEU I 109 25.11 3.08 -37.30
CA LEU I 109 25.47 4.30 -36.59
C LEU I 109 24.29 4.80 -35.76
N MET I 110 24.39 4.57 -34.45
CA MET I 110 23.33 4.85 -33.50
C MET I 110 23.54 6.10 -32.70
N ASN I 111 24.82 6.55 -32.57
CA ASN I 111 25.10 7.70 -31.73
C ASN I 111 26.43 8.37 -32.06
N ILE I 112 26.37 9.70 -32.20
CA ILE I 112 27.51 10.61 -32.37
C ILE I 112 27.47 11.40 -31.04
N THR I 113 28.31 11.00 -30.10
CA THR I 113 28.27 11.48 -28.72
C THR I 113 28.60 12.96 -28.60
N ARG I 114 29.60 13.42 -29.36
CA ARG I 114 30.00 14.82 -29.36
C ARG I 114 30.30 15.31 -30.82
N GLY I 115 30.01 16.56 -31.11
CA GLY I 115 30.27 17.15 -32.42
C GLY I 115 29.17 16.93 -33.44
N SER I 116 29.34 17.57 -34.61
CA SER I 116 28.38 17.56 -35.71
C SER I 116 28.85 16.79 -36.97
N VAL I 117 28.02 16.85 -38.02
CA VAL I 117 28.24 16.16 -39.27
C VAL I 117 28.34 17.19 -40.40
N ARG I 118 29.39 17.06 -41.25
CA ARG I 118 29.59 17.92 -42.42
C ARG I 118 29.63 17.03 -43.67
N ILE I 119 28.58 17.09 -44.52
CA ILE I 119 28.47 16.27 -45.73
C ILE I 119 28.26 17.23 -46.87
N GLU I 120 29.35 17.48 -47.63
CA GLU I 120 29.36 18.50 -48.67
C GLU I 120 30.06 18.08 -49.96
N LYS I 121 29.54 18.58 -51.11
CA LYS I 121 30.08 18.40 -52.46
C LYS I 121 30.25 16.92 -52.90
N ASN I 122 29.23 16.12 -52.62
CA ASN I 122 29.21 14.71 -52.99
C ASN I 122 28.10 14.58 -54.01
N ASN I 123 28.45 14.76 -55.26
CA ASN I 123 27.52 14.83 -56.38
C ASN I 123 26.71 13.55 -56.70
N GLU I 124 27.03 12.39 -56.10
CA GLU I 124 26.27 11.17 -56.37
C GLU I 124 25.50 10.70 -55.14
N LEU I 125 25.67 11.45 -54.02
CA LEU I 125 25.13 11.12 -52.72
C LEU I 125 23.62 11.32 -52.53
N CYS I 126 22.93 10.19 -52.30
CA CYS I 126 21.51 10.11 -51.99
C CYS I 126 21.38 9.50 -50.60
N TYR I 127 20.14 9.29 -50.14
CA TYR I 127 19.79 8.71 -48.84
C TYR I 127 20.40 9.48 -47.67
N LEU I 128 20.14 10.80 -47.68
CA LEU I 128 20.57 11.77 -46.68
C LEU I 128 19.33 12.40 -46.05
N ALA I 129 18.31 12.65 -46.90
CA ALA I 129 17.01 13.21 -46.53
C ALA I 129 16.23 12.20 -45.65
N THR I 130 16.59 10.92 -45.79
CA THR I 130 16.04 9.75 -45.14
C THR I 130 16.66 9.47 -43.78
N ILE I 131 17.80 10.08 -43.46
CA ILE I 131 18.40 9.90 -42.14
C ILE I 131 17.82 10.94 -41.17
N ASP I 132 17.31 10.48 -40.04
CA ASP I 132 16.85 11.37 -39.00
C ASP I 132 18.03 11.45 -38.02
N TRP I 133 18.87 12.47 -38.18
CA TRP I 133 20.04 12.68 -37.34
C TRP I 133 19.68 13.01 -35.91
N SER I 134 18.45 13.49 -35.63
CA SER I 134 17.96 13.83 -34.28
C SER I 134 17.98 12.63 -33.31
N ARG I 135 18.09 11.41 -33.87
CA ARG I 135 18.15 10.13 -33.14
C ARG I 135 19.60 9.64 -32.90
N ILE I 136 20.58 10.27 -33.56
CA ILE I 136 22.01 9.98 -33.50
C ILE I 136 22.76 11.09 -32.73
N LEU I 137 22.50 12.37 -33.08
CA LEU I 137 23.11 13.59 -32.53
C LEU I 137 22.14 14.38 -31.69
N ASP I 138 22.68 15.16 -30.75
CA ASP I 138 21.87 16.08 -29.98
C ASP I 138 21.95 17.44 -30.69
N SER I 139 23.16 17.80 -31.19
CA SER I 139 23.49 19.08 -31.87
C SER I 139 23.29 19.07 -33.42
N VAL I 140 22.07 18.74 -33.86
CA VAL I 140 21.67 18.66 -35.27
C VAL I 140 21.64 20.02 -35.97
N GLU I 141 21.44 21.11 -35.19
CA GLU I 141 21.40 22.47 -35.72
C GLU I 141 22.74 22.87 -36.35
N ASP I 142 23.85 22.32 -35.85
CA ASP I 142 25.19 22.60 -36.30
C ASP I 142 25.69 21.67 -37.43
N ASN I 143 24.80 20.82 -37.98
CA ASN I 143 25.13 19.97 -39.12
C ASN I 143 25.20 20.84 -40.38
N HIS I 144 26.03 20.43 -41.35
CA HIS I 144 26.16 21.17 -42.61
C HIS I 144 26.13 20.17 -43.76
N ILE I 145 24.92 19.90 -44.27
CA ILE I 145 24.68 18.90 -45.31
C ILE I 145 24.15 19.62 -46.56
N VAL I 146 25.09 20.05 -47.42
CA VAL I 146 24.79 20.85 -48.62
C VAL I 146 25.56 20.36 -49.84
N LEU I 147 25.13 20.81 -51.03
CA LEU I 147 25.76 20.55 -52.33
C LEU I 147 25.96 19.06 -52.64
N ASN I 148 24.91 18.25 -52.40
CA ASN I 148 24.91 16.81 -52.69
C ASN I 148 23.84 16.52 -53.73
N LYS I 149 23.80 15.29 -54.29
CA LYS I 149 22.80 14.92 -55.28
C LYS I 149 21.39 15.11 -54.71
N ASP I 150 21.19 14.79 -53.42
CA ASP I 150 19.89 14.91 -52.75
C ASP I 150 19.41 16.36 -52.66
N ASP I 151 20.35 17.32 -52.45
CA ASP I 151 20.07 18.76 -52.34
C ASP I 151 19.32 19.31 -53.55
N ASN I 152 19.82 19.05 -54.77
CA ASN I 152 19.24 19.50 -56.05
C ASN I 152 17.90 18.82 -56.38
N GLU I 153 17.39 17.98 -55.44
CA GLU I 153 16.15 17.19 -55.50
C GLU I 153 16.09 16.36 -56.79
N GLU I 154 17.02 15.39 -56.86
CA GLU I 154 17.27 14.45 -57.96
C GLU I 154 17.18 12.99 -57.50
N CYS I 155 17.14 12.74 -56.16
CA CYS I 155 17.12 11.40 -55.56
C CYS I 155 15.71 10.83 -55.31
N GLY I 156 15.53 9.55 -55.67
CA GLY I 156 14.28 8.82 -55.46
C GLY I 156 14.47 7.81 -54.34
N ASP I 157 14.58 8.30 -53.11
CA ASP I 157 14.86 7.52 -51.91
C ASP I 157 13.74 6.54 -51.49
N ILE I 158 13.91 5.25 -51.83
CA ILE I 158 12.97 4.16 -51.55
C ILE I 158 13.45 3.31 -50.36
N CYS I 159 12.53 2.84 -49.47
CA CYS I 159 12.95 2.03 -48.32
C CYS I 159 12.30 0.64 -48.29
N ASN I 168 7.42 0.02 -44.47
CA ASN I 168 7.68 -0.82 -43.29
C ASN I 168 8.76 -0.25 -42.34
N CYS I 169 9.47 0.77 -42.81
CA CYS I 169 10.53 1.53 -42.12
C CYS I 169 9.96 2.48 -41.04
N PRO I 170 10.72 2.87 -39.98
CA PRO I 170 10.17 3.83 -39.01
C PRO I 170 10.04 5.24 -39.60
N ALA I 171 8.97 5.96 -39.25
CA ALA I 171 8.75 7.32 -39.72
C ALA I 171 8.72 8.31 -38.56
N THR I 172 9.34 9.47 -38.73
CA THR I 172 9.43 10.54 -37.74
C THR I 172 9.13 11.89 -38.40
N VAL I 173 8.80 12.92 -37.61
CA VAL I 173 8.47 14.25 -38.14
C VAL I 173 9.72 15.15 -38.19
N PHE I 178 5.60 13.75 -41.18
CA PHE I 178 6.06 12.38 -41.00
C PHE I 178 6.77 11.89 -42.27
N VAL I 179 8.04 11.44 -42.11
CA VAL I 179 8.91 10.95 -43.21
C VAL I 179 9.58 9.65 -42.76
N GLU I 180 9.54 8.60 -43.61
CA GLU I 180 10.19 7.33 -43.27
C GLU I 180 11.70 7.42 -43.38
N ARG I 181 12.37 6.72 -42.46
CA ARG I 181 13.81 6.78 -42.32
C ARG I 181 14.51 5.49 -42.69
N CYS I 182 15.53 5.60 -43.54
CA CYS I 182 16.35 4.48 -43.99
C CYS I 182 17.73 4.96 -44.47
N TRP I 183 18.73 4.05 -44.50
CA TRP I 183 20.12 4.32 -44.90
C TRP I 183 20.41 3.96 -46.33
N THR I 184 19.84 2.83 -46.79
CA THR I 184 19.97 2.28 -48.14
C THR I 184 18.57 1.81 -48.59
N HIS I 185 18.47 1.26 -49.81
CA HIS I 185 17.21 0.72 -50.34
C HIS I 185 16.76 -0.52 -49.54
N SER I 186 17.73 -1.22 -48.89
CA SER I 186 17.54 -2.43 -48.09
C SER I 186 17.86 -2.31 -46.58
N HIS I 187 18.16 -1.09 -46.06
CA HIS I 187 18.45 -0.91 -44.63
C HIS I 187 17.66 0.25 -44.00
N CYS I 188 16.71 -0.06 -43.08
CA CYS I 188 15.87 0.90 -42.33
C CYS I 188 16.78 1.64 -41.36
N GLN I 189 16.30 2.77 -40.83
CA GLN I 189 17.10 3.40 -39.78
C GLN I 189 16.53 2.84 -38.47
N LYS I 190 17.40 2.29 -37.61
CA LYS I 190 16.96 1.75 -36.33
C LYS I 190 16.46 2.86 -35.42
N VAL I 191 15.22 2.70 -34.95
CA VAL I 191 14.58 3.64 -34.03
C VAL I 191 14.06 2.83 -32.83
N CYS I 192 14.54 3.23 -31.64
CA CYS I 192 14.20 2.61 -30.38
C CYS I 192 13.10 3.37 -29.64
N PRO I 193 12.26 2.69 -28.81
CA PRO I 193 11.24 3.41 -28.03
C PRO I 193 11.85 4.53 -27.16
N THR I 194 11.07 5.60 -26.91
CA THR I 194 11.42 6.79 -26.13
C THR I 194 12.06 6.40 -24.78
N ILE I 195 11.47 5.40 -24.11
CA ILE I 195 11.94 4.87 -22.83
C ILE I 195 13.36 4.29 -22.90
N CYS I 196 13.78 3.84 -24.11
CA CYS I 196 15.11 3.25 -24.34
C CYS I 196 16.22 4.25 -24.38
N LYS I 197 15.88 5.53 -24.57
CA LYS I 197 16.84 6.63 -24.64
C LYS I 197 17.97 6.28 -25.64
N SER I 198 19.25 6.56 -25.28
CA SER I 198 20.44 6.32 -26.10
C SER I 198 21.01 4.91 -25.98
N HIS I 199 20.54 4.15 -24.99
CA HIS I 199 20.97 2.78 -24.63
C HIS I 199 20.89 1.76 -25.75
N GLY I 200 19.91 1.94 -26.63
CA GLY I 200 19.62 1.00 -27.68
C GLY I 200 18.54 0.04 -27.23
N CYS I 201 18.20 -0.89 -28.11
CA CYS I 201 17.16 -1.88 -27.87
C CYS I 201 17.36 -3.11 -28.77
N THR I 202 16.68 -4.20 -28.44
CA THR I 202 16.74 -5.44 -29.21
C THR I 202 15.79 -5.29 -30.40
N ALA I 203 15.82 -6.26 -31.34
CA ALA I 203 14.95 -6.27 -32.54
C ALA I 203 13.46 -6.31 -32.16
N GLU I 204 13.16 -6.81 -30.93
CA GLU I 204 11.81 -6.92 -30.36
C GLU I 204 11.39 -5.59 -29.69
N GLY I 205 12.32 -4.66 -29.52
CA GLY I 205 12.06 -3.38 -28.90
C GLY I 205 12.38 -3.26 -27.43
N LEU I 206 12.95 -4.33 -26.82
CA LEU I 206 13.33 -4.38 -25.39
C LEU I 206 14.60 -3.55 -25.17
N CYS I 207 14.59 -2.64 -24.18
CA CYS I 207 15.73 -1.75 -23.91
C CYS I 207 16.96 -2.47 -23.48
N CYS I 208 18.12 -1.95 -23.92
CA CYS I 208 19.42 -2.44 -23.51
C CYS I 208 19.67 -1.89 -22.13
N HIS I 209 20.68 -2.40 -21.46
CA HIS I 209 21.10 -1.90 -20.17
C HIS I 209 21.40 -0.37 -20.22
N SER I 210 21.13 0.31 -19.10
CA SER I 210 21.33 1.74 -18.94
C SER I 210 22.77 2.18 -19.18
N GLU I 211 23.73 1.25 -19.09
CA GLU I 211 25.15 1.52 -19.31
C GLU I 211 25.59 1.32 -20.75
N CYS I 212 24.73 0.67 -21.59
CA CYS I 212 25.01 0.46 -23.01
C CYS I 212 24.80 1.76 -23.76
N LEU I 213 25.33 1.80 -24.98
CA LEU I 213 25.15 2.89 -25.92
C LEU I 213 24.90 2.27 -27.27
N GLY I 214 23.81 2.68 -27.90
CA GLY I 214 23.40 2.29 -29.25
C GLY I 214 22.78 0.92 -29.47
N ASN I 215 23.45 -0.14 -29.00
CA ASN I 215 22.97 -1.49 -29.21
C ASN I 215 23.56 -2.45 -28.20
N CYS I 216 23.04 -3.69 -28.22
CA CYS I 216 23.40 -4.78 -27.33
C CYS I 216 22.91 -6.08 -27.93
N SER I 217 23.56 -7.18 -27.57
CA SER I 217 23.22 -8.53 -28.02
C SER I 217 22.08 -9.11 -27.19
N GLN I 218 21.95 -8.65 -25.92
CA GLN I 218 20.93 -9.07 -24.95
C GLN I 218 20.50 -7.88 -24.05
N PRO I 219 19.23 -7.83 -23.62
CA PRO I 219 18.80 -6.70 -22.77
C PRO I 219 19.20 -6.83 -21.30
N ASP I 220 19.17 -5.69 -20.58
CA ASP I 220 19.45 -5.53 -19.15
C ASP I 220 20.71 -6.26 -18.67
N ASP I 221 21.78 -6.23 -19.44
CA ASP I 221 23.07 -6.85 -19.11
C ASP I 221 24.20 -5.92 -19.62
N PRO I 222 25.02 -5.36 -18.68
CA PRO I 222 26.11 -4.46 -19.08
C PRO I 222 27.34 -5.15 -19.67
N THR I 223 27.29 -6.47 -19.81
CA THR I 223 28.39 -7.22 -20.41
C THR I 223 27.95 -7.62 -21.83
N LYS I 224 26.72 -7.21 -22.25
CA LYS I 224 26.17 -7.55 -23.57
C LYS I 224 26.05 -6.33 -24.49
N CYS I 225 26.68 -5.18 -24.11
CA CYS I 225 26.66 -3.96 -24.88
C CYS I 225 27.52 -4.13 -26.10
N VAL I 226 27.26 -3.25 -27.09
CA VAL I 226 28.04 -3.14 -28.33
C VAL I 226 29.03 -1.99 -28.06
N ALA I 227 28.56 -0.97 -27.33
CA ALA I 227 29.36 0.18 -26.93
C ALA I 227 28.87 0.68 -25.54
N CYS I 228 29.72 1.48 -24.84
CA CYS I 228 29.43 1.97 -23.50
C CYS I 228 29.02 3.40 -23.46
N ARG I 229 28.00 3.75 -22.69
CA ARG I 229 27.56 5.12 -22.45
C ARG I 229 28.69 5.89 -21.76
N ASN I 230 29.40 5.24 -20.82
CA ASN I 230 30.48 5.86 -20.06
C ASN I 230 31.82 5.20 -20.28
N PHE I 231 32.21 4.30 -19.36
CA PHE I 231 33.51 3.64 -19.39
C PHE I 231 33.47 2.15 -19.60
N TYR I 232 34.52 1.65 -20.24
CA TYR I 232 34.69 0.24 -20.50
C TYR I 232 35.78 -0.32 -19.60
N LEU I 233 35.45 -1.42 -18.94
CA LEU I 233 36.40 -2.13 -18.09
C LEU I 233 36.00 -3.56 -18.01
N ASP I 234 37.00 -4.44 -18.17
CA ASP I 234 36.89 -5.91 -18.00
C ASP I 234 35.71 -6.56 -18.75
N GLY I 235 35.39 -6.01 -19.93
CA GLY I 235 34.32 -6.52 -20.78
C GLY I 235 32.96 -6.06 -20.35
N ARG I 236 32.92 -4.96 -19.58
CA ARG I 236 31.71 -4.39 -19.01
C ARG I 236 31.68 -2.91 -19.17
N CYS I 237 30.46 -2.39 -19.21
CA CYS I 237 30.16 -0.99 -19.26
C CYS I 237 29.89 -0.53 -17.87
N VAL I 238 30.89 0.14 -17.33
CA VAL I 238 30.93 0.68 -15.98
C VAL I 238 30.65 2.19 -16.05
N GLU I 239 30.07 2.70 -14.99
CA GLU I 239 29.72 4.10 -14.89
C GLU I 239 30.98 4.93 -14.73
N THR I 240 31.94 4.44 -13.95
CA THR I 240 33.18 5.16 -13.65
C THR I 240 34.32 4.16 -13.48
N CYS I 241 35.58 4.62 -13.60
CA CYS I 241 36.72 3.74 -13.35
C CYS I 241 36.96 3.78 -11.88
N PRO I 242 36.80 2.67 -11.14
CA PRO I 242 37.00 2.74 -9.69
C PRO I 242 38.47 2.65 -9.32
N PRO I 243 38.91 3.21 -8.19
CA PRO I 243 40.30 3.00 -7.78
C PRO I 243 40.55 1.48 -7.59
N PRO I 244 41.69 0.90 -8.01
CA PRO I 244 42.94 1.54 -8.48
C PRO I 244 43.04 1.78 -9.97
N TYR I 245 41.90 1.97 -10.68
CA TYR I 245 41.90 2.19 -12.13
C TYR I 245 41.81 3.68 -12.50
N TYR I 246 42.31 4.01 -13.69
CA TYR I 246 42.32 5.38 -14.22
C TYR I 246 41.52 5.48 -15.49
N HIS I 247 40.90 6.64 -15.69
CA HIS I 247 40.10 6.93 -16.87
C HIS I 247 41.09 7.26 -18.01
N PHE I 248 40.87 6.66 -19.18
CA PHE I 248 41.78 6.82 -20.31
C PHE I 248 41.07 7.01 -21.63
N GLN I 249 41.47 8.11 -22.32
CA GLN I 249 40.93 8.50 -23.62
C GLN I 249 39.41 8.71 -23.58
N ASP I 250 38.92 8.99 -22.34
CA ASP I 250 37.54 9.27 -21.99
C ASP I 250 36.57 8.10 -22.34
N TRP I 251 37.10 6.88 -22.50
CA TRP I 251 36.18 5.80 -22.84
C TRP I 251 36.47 4.47 -22.10
N ARG I 252 37.73 4.26 -21.63
CA ARG I 252 38.14 3.02 -20.97
C ARG I 252 38.98 3.20 -19.69
N CYS I 253 39.04 2.11 -18.89
CA CYS I 253 39.75 2.01 -17.63
C CYS I 253 41.04 1.26 -17.82
N VAL I 254 42.12 1.82 -17.25
CA VAL I 254 43.49 1.29 -17.35
C VAL I 254 44.16 1.32 -15.98
N ASN I 255 45.13 0.41 -15.74
CA ASN I 255 45.82 0.38 -14.46
C ASN I 255 46.99 1.36 -14.41
N PHE I 256 47.68 1.44 -13.24
CA PHE I 256 48.83 2.33 -13.09
C PHE I 256 49.98 1.97 -14.04
N SER I 257 50.25 0.65 -14.17
CA SER I 257 51.29 0.07 -15.00
C SER I 257 51.12 0.46 -16.47
N PHE I 258 49.87 0.33 -16.99
CA PHE I 258 49.56 0.69 -18.38
C PHE I 258 49.98 2.13 -18.62
N CYS I 259 49.54 3.04 -17.71
CA CYS I 259 49.83 4.46 -17.80
C CYS I 259 51.32 4.74 -17.73
N GLN I 260 52.02 4.02 -16.83
CA GLN I 260 53.47 4.12 -16.62
C GLN I 260 54.23 3.67 -17.87
N ASP I 261 53.82 2.54 -18.47
CA ASP I 261 54.47 1.97 -19.65
C ASP I 261 54.29 2.84 -20.88
N LEU I 262 53.24 3.69 -20.94
CA LEU I 262 53.03 4.65 -22.04
C LEU I 262 54.00 5.81 -21.89
N HIS I 263 54.14 6.29 -20.64
CA HIS I 263 55.02 7.38 -20.21
C HIS I 263 56.50 7.07 -20.54
N HIS I 264 56.96 5.83 -20.22
CA HIS I 264 58.32 5.36 -20.47
C HIS I 264 58.56 4.93 -21.91
N LYS I 265 57.51 4.46 -22.61
CA LYS I 265 57.59 4.08 -24.02
C LYS I 265 57.88 5.35 -24.86
N CYS I 266 57.38 6.52 -24.40
CA CYS I 266 57.56 7.82 -25.04
C CYS I 266 58.79 8.56 -24.53
N LYS I 267 59.35 8.12 -23.37
CA LYS I 267 60.57 8.67 -22.77
C LYS I 267 61.80 8.37 -23.67
N ASN I 268 61.64 7.46 -24.66
CA ASN I 268 62.68 7.05 -25.61
C ASN I 268 62.56 7.75 -26.99
N CYS I 274 54.30 11.30 -29.93
CA CYS I 274 53.66 10.79 -28.71
C CYS I 274 53.71 11.80 -27.53
N HIS I 275 53.35 11.32 -26.32
CA HIS I 275 53.33 12.08 -25.06
C HIS I 275 53.81 11.18 -23.91
N GLN I 276 54.41 11.78 -22.88
CA GLN I 276 54.83 11.09 -21.65
C GLN I 276 53.67 11.31 -20.68
N TYR I 277 52.78 10.30 -20.58
CA TYR I 277 51.53 10.34 -19.83
C TYR I 277 51.70 10.57 -18.37
N VAL I 278 50.71 11.25 -17.76
CA VAL I 278 50.68 11.60 -16.33
C VAL I 278 49.33 11.23 -15.65
N ILE I 279 49.32 11.20 -14.30
CA ILE I 279 48.12 10.90 -13.49
C ILE I 279 47.58 12.20 -12.87
N HIS I 280 46.35 12.56 -13.23
CA HIS I 280 45.70 13.74 -12.67
C HIS I 280 44.21 13.56 -12.65
N ASN I 281 43.59 13.82 -11.48
CA ASN I 281 42.14 13.72 -11.22
C ASN I 281 41.59 12.39 -11.75
N ASN I 282 42.19 11.26 -11.25
CA ASN I 282 41.82 9.87 -11.54
C ASN I 282 41.86 9.48 -13.04
N LYS I 283 42.59 10.28 -13.85
CA LYS I 283 42.76 10.14 -15.31
C LYS I 283 44.23 9.89 -15.70
N CYS I 284 44.44 9.11 -16.75
CA CYS I 284 45.77 8.94 -17.34
C CYS I 284 45.76 9.88 -18.59
N ILE I 285 46.34 11.09 -18.43
CA ILE I 285 46.34 12.15 -19.45
C ILE I 285 47.70 12.38 -20.11
N PRO I 286 47.72 12.92 -21.36
CA PRO I 286 49.01 13.15 -22.05
C PRO I 286 49.94 14.20 -21.44
N GLU I 287 49.37 15.22 -20.75
CA GLU I 287 50.14 16.31 -20.15
C GLU I 287 49.46 16.88 -18.90
N CYS I 288 50.27 17.32 -17.90
CA CYS I 288 49.84 17.97 -16.66
C CYS I 288 49.07 19.26 -17.03
N PRO I 289 48.01 19.65 -16.30
CA PRO I 289 47.31 20.89 -16.66
C PRO I 289 48.07 22.16 -16.22
N SER I 290 47.53 23.34 -16.60
CA SER I 290 48.12 24.64 -16.25
C SER I 290 48.34 24.78 -14.74
N GLY I 291 49.56 25.14 -14.38
CA GLY I 291 49.98 25.31 -13.00
C GLY I 291 50.43 24.03 -12.32
N TYR I 292 50.57 22.93 -13.10
CA TYR I 292 50.99 21.63 -12.56
C TYR I 292 52.24 21.08 -13.25
N THR I 293 53.02 20.26 -12.51
CA THR I 293 54.23 19.58 -12.96
C THR I 293 54.21 18.14 -12.44
N MET I 294 54.96 17.22 -13.09
CA MET I 294 54.91 15.82 -12.67
C MET I 294 55.91 15.44 -11.56
N ASN I 295 55.36 14.80 -10.50
CA ASN I 295 56.10 14.28 -9.35
C ASN I 295 56.80 13.02 -9.87
N SER I 296 58.10 13.16 -10.19
CA SER I 296 58.96 12.08 -10.71
C SER I 296 58.97 10.88 -9.74
N SER I 297 58.35 9.75 -10.18
CA SER I 297 58.17 8.44 -9.53
C SER I 297 56.72 7.96 -9.59
N ASN I 298 55.80 8.64 -8.87
CA ASN I 298 54.37 8.28 -8.77
C ASN I 298 53.49 8.80 -9.93
N LEU I 299 54.10 9.56 -10.88
CA LEU I 299 53.46 10.13 -12.08
C LEU I 299 52.34 11.15 -11.81
N LEU I 300 52.08 11.45 -10.53
CA LEU I 300 51.04 12.36 -10.06
C LEU I 300 51.34 13.83 -10.37
N CYS I 301 50.35 14.56 -10.91
CA CYS I 301 50.47 15.99 -11.22
C CYS I 301 50.39 16.79 -9.92
N THR I 302 51.48 17.51 -9.58
CA THR I 302 51.58 18.36 -8.38
C THR I 302 51.64 19.84 -8.78
N PRO I 303 51.03 20.76 -7.99
CA PRO I 303 51.04 22.19 -8.39
C PRO I 303 52.39 22.88 -8.33
N THR J 1 36.53 28.42 -47.06
CA THR J 1 36.03 28.50 -45.69
C THR J 1 36.53 27.27 -44.86
N PHE J 2 35.65 26.25 -44.66
CA PHE J 2 35.93 24.95 -44.05
C PHE J 2 36.86 24.20 -44.99
N GLU J 3 36.59 24.29 -46.32
CA GLU J 3 37.35 23.66 -47.40
C GLU J 3 38.79 24.12 -47.30
N ASP J 4 38.96 25.41 -47.03
CA ASP J 4 40.28 26.03 -46.90
C ASP J 4 41.01 25.44 -45.71
N TYR J 5 40.28 25.26 -44.58
CA TYR J 5 40.83 24.66 -43.36
C TYR J 5 41.29 23.23 -43.67
N LEU J 6 40.39 22.38 -44.20
CA LEU J 6 40.67 21.01 -44.60
C LEU J 6 41.97 20.93 -45.44
N HIS J 7 42.02 21.69 -46.56
CA HIS J 7 43.14 21.78 -47.49
C HIS J 7 44.42 22.15 -46.77
N ASN J 8 44.35 23.12 -45.85
CA ASN J 8 45.48 23.61 -45.08
C ASN J 8 46.04 22.56 -44.11
N VAL J 9 45.17 21.70 -43.58
CA VAL J 9 45.49 20.62 -42.63
C VAL J 9 46.08 19.40 -43.38
N VAL J 10 45.33 18.94 -44.41
CA VAL J 10 45.60 17.77 -45.25
C VAL J 10 46.89 17.91 -46.07
N PHE J 11 47.03 19.04 -46.81
CA PHE J 11 48.19 19.24 -47.66
C PHE J 11 49.35 19.80 -46.88
N VAL J 12 50.27 18.86 -46.55
CA VAL J 12 51.48 18.98 -45.76
C VAL J 12 52.71 18.91 -46.68
N PRO J 13 53.71 19.80 -46.50
CA PRO J 13 54.89 19.74 -47.38
C PRO J 13 56.01 18.82 -46.88
N ARG J 14 57.03 18.53 -47.73
CA ARG J 14 58.19 17.71 -47.36
C ARG J 14 59.26 18.65 -46.70
N PRO J 15 59.77 18.32 -45.48
CA PRO J 15 60.79 19.21 -44.86
C PRO J 15 62.18 19.06 -45.48
N PHE K 1 -33.95 -39.31 69.63
CA PHE K 1 -34.41 -38.77 68.35
C PHE K 1 -35.93 -38.67 68.26
N VAL K 2 -36.42 -37.54 67.72
CA VAL K 2 -37.84 -37.25 67.49
C VAL K 2 -38.09 -37.06 65.98
N ASN K 3 -38.89 -37.98 65.39
CA ASN K 3 -39.26 -38.04 63.98
C ASN K 3 -40.00 -36.78 63.54
N GLN K 4 -39.49 -36.15 62.45
CA GLN K 4 -40.04 -34.91 61.89
C GLN K 4 -39.52 -34.64 60.50
N HIS K 5 -40.05 -33.56 59.90
CA HIS K 5 -39.58 -33.07 58.61
C HIS K 5 -38.32 -32.29 58.90
N LEU K 6 -37.24 -32.63 58.19
CA LEU K 6 -35.96 -31.92 58.35
C LEU K 6 -35.59 -31.29 57.02
N CYS K 7 -35.79 -29.96 56.91
CA CYS K 7 -35.52 -29.21 55.68
C CYS K 7 -34.50 -28.11 55.90
N GLY K 8 -33.75 -27.79 54.83
CA GLY K 8 -32.75 -26.73 54.80
C GLY K 8 -31.75 -26.81 55.94
N SER K 9 -31.54 -25.69 56.63
CA SER K 9 -30.64 -25.57 57.78
C SER K 9 -30.87 -26.66 58.83
N HIS K 10 -32.15 -26.97 59.16
CA HIS K 10 -32.55 -28.02 60.10
C HIS K 10 -32.03 -29.40 59.68
N LEU K 11 -32.11 -29.72 58.36
CA LEU K 11 -31.64 -30.98 57.74
C LEU K 11 -30.14 -31.18 57.94
N VAL K 12 -29.35 -30.11 57.79
CA VAL K 12 -27.89 -30.12 57.95
C VAL K 12 -27.54 -30.30 59.45
N GLU K 13 -28.03 -29.38 60.33
CA GLU K 13 -27.78 -29.36 61.78
C GLU K 13 -28.16 -30.68 62.47
N ALA K 14 -29.31 -31.27 62.08
CA ALA K 14 -29.78 -32.54 62.63
C ALA K 14 -28.89 -33.69 62.19
N LEU K 15 -28.58 -33.77 60.87
CA LEU K 15 -27.77 -34.84 60.28
C LEU K 15 -26.37 -34.93 60.89
N TYR K 16 -25.77 -33.77 61.16
CA TYR K 16 -24.47 -33.65 61.82
C TYR K 16 -24.52 -34.35 63.20
N LEU K 17 -25.62 -34.18 63.94
CA LEU K 17 -25.77 -34.81 65.26
C LEU K 17 -25.86 -36.31 65.10
N VAL K 18 -26.60 -36.77 64.07
CA VAL K 18 -26.84 -38.19 63.74
C VAL K 18 -25.52 -38.89 63.49
N CYS K 19 -24.59 -38.23 62.76
CA CYS K 19 -23.29 -38.79 62.41
C CYS K 19 -22.25 -38.62 63.51
N GLY K 20 -22.24 -37.44 64.13
CA GLY K 20 -21.31 -37.11 65.20
C GLY K 20 -19.87 -37.24 64.76
N GLU K 21 -19.11 -38.11 65.46
CA GLU K 21 -17.69 -38.39 65.21
C GLU K 21 -17.44 -39.17 63.90
N ARG K 22 -18.44 -39.97 63.44
CA ARG K 22 -18.38 -40.76 62.21
C ARG K 22 -18.20 -39.87 60.98
N GLY K 23 -18.97 -38.79 60.93
CA GLY K 23 -18.96 -37.86 59.82
C GLY K 23 -19.87 -38.35 58.71
N PHE K 24 -19.99 -37.56 57.63
CA PHE K 24 -20.86 -37.87 56.50
C PHE K 24 -20.18 -38.77 55.48
N PHE K 25 -20.98 -39.49 54.66
CA PHE K 25 -20.47 -40.37 53.60
C PHE K 25 -20.32 -39.55 52.34
N ARG K 36 -33.43 -37.09 42.75
CA ARG K 36 -34.04 -37.03 44.10
C ARG K 36 -33.24 -37.79 45.16
N GLY K 37 -33.14 -37.21 46.35
CA GLY K 37 -32.37 -37.79 47.45
C GLY K 37 -32.88 -37.49 48.84
N ILE K 38 -31.97 -37.03 49.72
CA ILE K 38 -32.28 -36.76 51.13
C ILE K 38 -33.42 -35.73 51.34
N VAL K 39 -33.69 -34.84 50.37
CA VAL K 39 -34.78 -33.86 50.52
C VAL K 39 -36.13 -34.58 50.41
N GLU K 40 -36.33 -35.35 49.35
CA GLU K 40 -37.59 -36.08 49.18
C GLU K 40 -37.76 -37.07 50.34
N GLN K 41 -36.70 -37.80 50.69
CA GLN K 41 -36.68 -38.79 51.75
C GLN K 41 -36.90 -38.23 53.17
N CYS K 42 -36.19 -37.15 53.56
CA CYS K 42 -36.25 -36.67 54.95
C CYS K 42 -36.91 -35.28 55.14
N CYS K 43 -37.10 -34.51 54.07
CA CYS K 43 -37.74 -33.19 54.13
C CYS K 43 -39.19 -33.31 53.69
N HIS K 44 -39.45 -33.86 52.50
CA HIS K 44 -40.81 -34.07 52.00
C HIS K 44 -41.50 -35.21 52.75
N SER K 45 -40.73 -36.23 53.12
CA SER K 45 -41.20 -37.39 53.88
C SER K 45 -40.50 -37.43 55.26
N ILE K 46 -40.81 -38.42 56.12
CA ILE K 46 -40.20 -38.49 57.44
C ILE K 46 -39.06 -39.51 57.47
N CYS K 47 -38.00 -39.21 58.22
CA CYS K 47 -36.87 -40.11 58.34
C CYS K 47 -36.68 -40.66 59.74
N SER K 48 -36.33 -41.95 59.79
CA SER K 48 -36.01 -42.69 61.01
C SER K 48 -34.56 -42.35 61.35
N LEU K 49 -34.13 -42.61 62.60
CA LEU K 49 -32.74 -42.40 63.00
C LEU K 49 -31.87 -43.33 62.16
N GLU K 50 -32.40 -44.53 61.87
CA GLU K 50 -31.82 -45.58 61.04
C GLU K 50 -31.67 -45.09 59.58
N GLN K 51 -32.68 -44.36 59.04
CA GLN K 51 -32.70 -43.80 57.68
C GLN K 51 -31.63 -42.70 57.49
N LEU K 52 -31.47 -41.85 58.53
CA LEU K 52 -30.50 -40.76 58.55
C LEU K 52 -29.08 -41.27 58.74
N GLU K 53 -28.90 -42.33 59.57
CA GLU K 53 -27.61 -42.98 59.83
C GLU K 53 -27.01 -43.57 58.56
N ASN K 54 -27.86 -43.91 57.56
CA ASN K 54 -27.43 -44.43 56.27
C ASN K 54 -26.61 -43.41 55.43
N TYR K 55 -26.58 -42.15 55.91
CA TYR K 55 -25.83 -41.06 55.31
C TYR K 55 -24.49 -40.82 56.02
N CYS K 56 -24.21 -41.56 57.11
CA CYS K 56 -22.97 -41.43 57.91
C CYS K 56 -21.83 -42.36 57.45
N ASN K 57 -20.59 -42.18 58.00
CA ASN K 57 -19.32 -42.92 57.76
C ASN K 57 -18.48 -42.35 56.62
N SER L 3 15.93 -12.87 23.10
CA SER L 3 14.51 -13.15 22.88
C SER L 3 14.21 -13.41 21.39
N GLN L 4 15.20 -13.19 20.52
CA GLN L 4 15.05 -13.37 19.07
C GLN L 4 15.04 -14.84 18.69
N VAL L 5 13.93 -15.25 18.05
CA VAL L 5 13.74 -16.61 17.53
C VAL L 5 14.62 -16.72 16.32
N GLN L 6 15.56 -17.68 16.37
CA GLN L 6 16.50 -17.99 15.28
C GLN L 6 16.82 -19.51 15.26
N LEU L 7 17.24 -20.01 14.06
CA LEU L 7 17.61 -21.42 13.76
C LEU L 7 18.87 -21.41 12.88
N LYS L 8 19.85 -22.26 13.20
CA LYS L 8 21.13 -22.32 12.45
C LYS L 8 21.53 -23.75 12.13
N GLU L 9 21.63 -24.08 10.86
CA GLU L 9 22.11 -25.43 10.45
C GLU L 9 23.66 -25.44 10.30
N SER L 10 24.30 -26.54 10.71
CA SER L 10 25.73 -26.86 10.50
C SER L 10 25.69 -28.13 9.66
N GLY L 11 26.36 -28.12 8.53
CA GLY L 11 26.42 -29.27 7.63
C GLY L 11 27.80 -29.43 7.00
N PRO L 12 27.93 -30.48 6.19
CA PRO L 12 29.25 -30.83 5.61
C PRO L 12 29.78 -30.03 4.40
N GLY L 13 28.86 -29.43 3.64
CA GLY L 13 29.15 -28.73 2.40
C GLY L 13 29.11 -29.71 1.26
N LEU L 14 30.06 -30.68 1.30
CA LEU L 14 30.35 -31.71 0.29
C LEU L 14 30.34 -33.09 0.89
N VAL L 15 29.60 -33.99 0.23
CA VAL L 15 29.50 -35.38 0.63
C VAL L 15 29.65 -36.21 -0.63
N ALA L 16 30.32 -37.39 -0.49
CA ALA L 16 30.53 -38.43 -1.47
C ALA L 16 29.24 -39.28 -1.64
N PRO L 17 28.93 -39.82 -2.85
CA PRO L 17 27.72 -40.66 -2.97
C PRO L 17 27.83 -41.87 -2.04
N SER L 18 26.66 -42.41 -1.64
CA SER L 18 26.43 -43.54 -0.72
C SER L 18 26.70 -43.23 0.76
N GLN L 19 27.20 -42.03 1.10
CA GLN L 19 27.46 -41.65 2.49
C GLN L 19 26.20 -41.13 3.19
N SER L 20 26.31 -40.86 4.51
CA SER L 20 25.24 -40.27 5.31
C SER L 20 25.55 -38.81 5.45
N LEU L 21 24.49 -38.03 5.53
CA LEU L 21 24.53 -36.60 5.69
C LEU L 21 24.14 -36.37 7.14
N SER L 22 24.83 -35.45 7.82
CA SER L 22 24.59 -35.08 9.20
C SER L 22 24.51 -33.58 9.32
N ILE L 23 23.32 -33.09 9.66
CA ILE L 23 23.08 -31.67 9.88
C ILE L 23 22.62 -31.41 11.32
N THR L 24 23.17 -30.32 11.91
CA THR L 24 22.73 -29.86 13.24
C THR L 24 21.96 -28.51 13.16
N CYS L 25 20.74 -28.52 13.67
CA CYS L 25 19.97 -27.32 13.80
C CYS L 25 20.10 -26.83 15.23
N THR L 26 20.74 -25.70 15.46
CA THR L 26 20.86 -25.12 16.79
C THR L 26 19.85 -23.99 16.81
N VAL L 27 18.93 -24.07 17.76
CA VAL L 27 17.89 -23.07 17.89
C VAL L 27 18.14 -22.15 19.09
N SER L 28 17.53 -20.98 19.04
CA SER L 28 17.58 -19.99 20.11
C SER L 28 16.27 -19.22 20.15
N GLY L 29 15.91 -18.76 21.34
CA GLY L 29 14.72 -17.92 21.54
C GLY L 29 13.38 -18.58 21.78
N PHE L 30 13.34 -19.91 21.91
CA PHE L 30 12.13 -20.69 22.14
C PHE L 30 12.48 -22.08 22.65
N PRO L 31 11.65 -22.72 23.49
CA PRO L 31 11.98 -24.09 23.96
C PRO L 31 11.66 -25.18 22.93
N LEU L 32 12.55 -26.16 22.82
CA LEU L 32 12.37 -27.26 21.88
C LEU L 32 11.27 -28.24 22.36
N THR L 33 10.92 -28.14 23.67
CA THR L 33 9.91 -28.99 24.30
C THR L 33 8.50 -28.57 23.91
N ALA L 34 8.31 -27.27 23.49
CA ALA L 34 6.97 -26.75 23.14
C ALA L 34 6.76 -26.61 21.65
N TYR L 35 7.85 -26.56 20.85
CA TYR L 35 7.78 -26.41 19.39
C TYR L 35 8.41 -27.57 18.60
N GLY L 36 7.88 -27.82 17.42
CA GLY L 36 8.41 -28.83 16.52
C GLY L 36 9.44 -28.19 15.60
N VAL L 37 10.29 -29.03 15.00
CA VAL L 37 11.28 -28.56 14.07
C VAL L 37 11.18 -29.44 12.85
N ASN L 38 11.03 -28.81 11.67
CA ASN L 38 10.99 -29.52 10.42
C ASN L 38 12.31 -29.45 9.70
N TRP L 39 12.50 -30.38 8.75
CA TRP L 39 13.62 -30.42 7.85
C TRP L 39 13.01 -30.37 6.48
N VAL L 40 13.35 -29.31 5.74
CA VAL L 40 12.88 -29.06 4.38
C VAL L 40 14.11 -28.88 3.48
N ARG L 41 14.17 -29.59 2.34
CA ARG L 41 15.28 -29.39 1.42
C ARG L 41 14.79 -28.76 0.11
N GLN L 42 15.74 -28.18 -0.62
CA GLN L 42 15.47 -27.57 -1.88
C GLN L 42 16.63 -27.77 -2.89
N PRO L 43 16.40 -28.69 -3.86
CA PRO L 43 17.41 -28.92 -4.89
C PRO L 43 17.58 -27.65 -5.74
N PRO L 44 18.77 -27.42 -6.33
CA PRO L 44 18.95 -26.22 -7.17
C PRO L 44 18.00 -26.19 -8.37
N GLY L 45 17.28 -25.06 -8.50
CA GLY L 45 16.30 -24.84 -9.55
C GLY L 45 14.94 -25.49 -9.29
N LYS L 46 14.84 -26.28 -8.22
CA LYS L 46 13.66 -27.06 -7.89
C LYS L 46 12.96 -26.56 -6.63
N GLY L 47 11.82 -27.17 -6.31
CA GLY L 47 10.96 -26.78 -5.21
C GLY L 47 11.28 -27.32 -3.84
N LEU L 48 10.50 -26.87 -2.86
CA LEU L 48 10.66 -27.24 -1.46
C LEU L 48 10.09 -28.64 -1.21
N GLU L 49 10.89 -29.51 -0.58
CA GLU L 49 10.49 -30.86 -0.23
C GLU L 49 10.63 -31.07 1.28
N TRP L 50 9.56 -31.49 1.90
CA TRP L 50 9.50 -31.75 3.32
C TRP L 50 10.11 -33.12 3.61
N LEU L 51 11.06 -33.19 4.57
CA LEU L 51 11.73 -34.42 4.92
C LEU L 51 11.14 -35.11 6.14
N GLY L 52 10.90 -34.34 7.19
CA GLY L 52 10.34 -34.84 8.44
C GLY L 52 10.28 -33.75 9.49
N MET L 53 9.64 -34.07 10.60
CA MET L 53 9.43 -33.20 11.73
C MET L 53 9.61 -33.95 13.03
N ILE L 54 10.11 -33.21 14.05
CA ILE L 54 10.26 -33.71 15.43
C ILE L 54 9.42 -32.82 16.37
N TRP L 55 8.37 -33.39 16.92
CA TRP L 55 7.40 -32.78 17.84
C TRP L 55 8.04 -32.47 19.20
N GLY L 56 7.42 -31.56 19.98
CA GLY L 56 7.87 -31.20 21.32
C GLY L 56 8.10 -32.42 22.20
N ASP L 57 7.12 -33.39 22.19
CA ASP L 57 7.17 -34.65 22.95
C ASP L 57 8.24 -35.65 22.50
N GLY L 58 9.01 -35.34 21.45
CA GLY L 58 10.09 -36.18 20.92
C GLY L 58 9.73 -37.11 19.79
N ASN L 59 8.45 -37.11 19.39
CA ASN L 59 7.92 -37.97 18.33
C ASN L 59 8.32 -37.43 16.96
N THR L 60 8.52 -38.34 16.02
CA THR L 60 8.95 -38.01 14.67
C THR L 60 7.99 -38.45 13.56
N ASP L 61 7.87 -37.61 12.52
CA ASP L 61 7.09 -37.91 11.32
C ASP L 61 8.04 -37.70 10.17
N TYR L 62 8.00 -38.61 9.18
CA TYR L 62 8.89 -38.59 8.02
C TYR L 62 8.12 -38.66 6.71
N ASN L 63 8.76 -38.15 5.64
CA ASN L 63 8.28 -38.18 4.26
C ASN L 63 8.31 -39.66 3.89
N SER L 64 7.13 -40.22 3.59
CA SER L 64 6.97 -41.64 3.31
C SER L 64 7.92 -42.15 2.28
N ALA L 65 8.16 -41.34 1.25
CA ALA L 65 9.08 -41.70 0.18
C ALA L 65 10.52 -41.89 0.66
N LEU L 66 10.97 -41.10 1.67
CA LEU L 66 12.33 -41.14 2.19
C LEU L 66 12.51 -41.80 3.59
N LYS L 67 11.40 -42.12 4.31
CA LYS L 67 11.32 -42.77 5.65
C LYS L 67 12.47 -43.76 5.96
N SER L 68 12.75 -44.67 5.01
CA SER L 68 13.80 -45.69 5.09
C SER L 68 15.23 -45.16 5.35
N ARG L 69 15.55 -43.95 4.87
CA ARG L 69 16.88 -43.33 4.92
C ARG L 69 17.04 -42.18 5.93
N LEU L 70 15.93 -41.71 6.51
CA LEU L 70 15.91 -40.54 7.35
C LEU L 70 15.89 -40.82 8.82
N SER L 71 16.55 -39.91 9.59
CA SER L 71 16.59 -40.01 11.05
C SER L 71 16.66 -38.64 11.69
N ILE L 72 15.59 -38.26 12.40
CA ILE L 72 15.52 -36.99 13.13
C ILE L 72 15.53 -37.32 14.64
N SER L 73 16.31 -36.54 15.39
CA SER L 73 16.48 -36.66 16.85
C SER L 73 16.75 -35.24 17.37
N LYS L 74 16.85 -35.08 18.68
CA LYS L 74 17.12 -33.78 19.27
C LYS L 74 17.71 -33.90 20.66
N ASP L 75 18.11 -32.76 21.22
CA ASP L 75 18.61 -32.62 22.57
C ASP L 75 18.08 -31.27 23.03
N ASN L 76 16.97 -31.31 23.77
CA ASN L 76 16.30 -30.14 24.33
C ASN L 76 17.23 -29.26 25.16
N SER L 77 18.08 -29.86 25.98
CA SER L 77 19.00 -29.15 26.85
C SER L 77 20.02 -28.37 26.09
N LYS L 78 20.46 -28.90 24.92
CA LYS L 78 21.44 -28.25 24.04
C LYS L 78 20.76 -27.41 22.94
N SER L 79 19.41 -27.34 22.94
CA SER L 79 18.60 -26.63 21.94
C SER L 79 19.08 -26.99 20.51
N GLN L 80 19.22 -28.30 20.27
CA GLN L 80 19.69 -28.84 19.00
C GLN L 80 18.81 -29.96 18.50
N VAL L 81 18.55 -29.94 17.20
CA VAL L 81 17.80 -30.94 16.44
C VAL L 81 18.79 -31.49 15.41
N PHE L 82 18.76 -32.80 15.15
CA PHE L 82 19.72 -33.47 14.27
C PHE L 82 19.04 -34.19 13.08
N LEU L 83 19.66 -34.12 11.90
CA LEU L 83 19.20 -34.84 10.73
C LEU L 83 20.31 -35.78 10.30
N LYS L 84 19.92 -37.01 9.96
CA LYS L 84 20.82 -38.03 9.45
C LYS L 84 20.10 -38.58 8.23
N MET L 85 20.72 -38.44 7.08
CA MET L 85 20.09 -38.99 5.89
C MET L 85 21.09 -39.89 5.15
N ASN L 86 20.82 -41.22 5.16
CA ASN L 86 21.67 -42.27 4.59
C ASN L 86 21.62 -42.37 3.07
N SER L 87 22.53 -43.24 2.52
CA SER L 87 22.77 -43.64 1.12
C SER L 87 22.41 -42.54 0.12
N LEU L 88 23.22 -41.48 0.19
CA LEU L 88 23.09 -40.28 -0.58
C LEU L 88 23.43 -40.46 -2.01
N GLN L 89 22.64 -39.84 -2.88
CA GLN L 89 22.79 -39.82 -4.33
C GLN L 89 22.77 -38.40 -4.83
N THR L 90 23.18 -38.15 -6.08
CA THR L 90 23.26 -36.80 -6.69
C THR L 90 21.92 -36.05 -6.63
N ASP L 91 20.79 -36.76 -6.64
CA ASP L 91 19.43 -36.22 -6.49
C ASP L 91 19.22 -35.67 -5.08
N ASP L 92 20.11 -35.96 -4.16
CA ASP L 92 19.97 -35.44 -2.81
C ASP L 92 20.72 -34.13 -2.64
N THR L 93 21.38 -33.63 -3.71
CA THR L 93 22.10 -32.35 -3.70
C THR L 93 21.03 -31.27 -3.59
N ALA L 94 21.06 -30.47 -2.48
CA ALA L 94 20.07 -29.48 -2.16
C ALA L 94 20.51 -28.57 -0.98
N ARG L 95 19.76 -27.45 -0.72
CA ARG L 95 19.99 -26.59 0.45
C ARG L 95 18.97 -27.15 1.45
N TYR L 96 19.40 -27.45 2.67
CA TYR L 96 18.65 -28.11 3.72
C TYR L 96 18.38 -27.13 4.80
N TYR L 97 17.10 -26.83 5.05
CA TYR L 97 16.65 -25.87 6.05
C TYR L 97 15.99 -26.56 7.22
N CYS L 98 16.14 -25.95 8.39
CA CYS L 98 15.34 -26.31 9.55
C CYS L 98 14.36 -25.09 9.85
N ALA L 99 13.11 -25.37 10.18
CA ALA L 99 12.06 -24.42 10.47
C ALA L 99 11.34 -24.81 11.76
N ARG L 100 10.84 -23.79 12.49
CA ARG L 100 10.08 -23.97 13.72
C ARG L 100 8.64 -24.29 13.33
N ASP L 101 8.05 -25.20 14.10
CA ASP L 101 6.67 -25.56 13.90
C ASP L 101 5.81 -25.22 15.12
N PRO L 102 5.14 -24.05 15.12
CA PRO L 102 4.22 -23.74 16.22
C PRO L 102 2.91 -24.51 16.03
N TYR L 103 3.00 -25.86 16.06
CA TYR L 103 1.89 -26.80 15.84
C TYR L 103 0.72 -26.53 16.76
N GLY L 104 -0.47 -26.42 16.17
CA GLY L 104 -1.69 -26.10 16.89
C GLY L 104 -2.10 -24.64 16.71
N SER L 105 -1.19 -23.82 16.15
CA SER L 105 -1.42 -22.41 15.98
C SER L 105 -0.97 -21.95 14.56
N LYS L 106 0.31 -22.18 14.26
CA LYS L 106 0.85 -21.79 12.97
C LYS L 106 1.60 -22.91 12.25
N PRO L 107 1.73 -22.78 10.91
CA PRO L 107 2.64 -23.68 10.18
C PRO L 107 4.10 -23.19 10.36
N MET L 108 5.10 -23.85 9.76
CA MET L 108 6.52 -23.41 9.80
C MET L 108 6.63 -21.86 9.68
N ASP L 109 7.10 -21.18 10.75
CA ASP L 109 7.20 -19.74 10.70
C ASP L 109 8.65 -19.29 10.52
N TYR L 110 9.53 -19.58 11.45
CA TYR L 110 10.94 -19.20 11.37
C TYR L 110 11.77 -20.27 10.71
N TRP L 111 12.56 -19.87 9.73
CA TRP L 111 13.44 -20.71 8.96
C TRP L 111 14.88 -20.31 9.24
N GLY L 112 15.77 -21.30 9.09
CA GLY L 112 17.19 -21.04 9.15
C GLY L 112 17.59 -20.47 7.79
N GLN L 113 18.91 -20.07 7.63
CA GLN L 113 19.31 -19.58 6.32
C GLN L 113 19.60 -20.77 5.36
N GLY L 114 19.64 -22.00 5.91
CA GLY L 114 19.88 -23.22 5.17
C GLY L 114 21.35 -23.53 5.03
N THR L 115 21.64 -24.77 4.58
CA THR L 115 23.02 -25.24 4.38
C THR L 115 23.09 -25.99 3.04
N SER L 116 23.95 -25.51 2.12
CA SER L 116 24.06 -26.19 0.83
C SER L 116 24.80 -27.54 0.97
N VAL L 117 24.17 -28.62 0.48
CA VAL L 117 24.75 -29.94 0.47
C VAL L 117 24.89 -30.39 -0.99
N THR L 118 26.13 -30.60 -1.41
CA THR L 118 26.45 -31.07 -2.75
C THR L 118 26.99 -32.51 -2.62
N VAL L 119 26.30 -33.47 -3.27
CA VAL L 119 26.66 -34.90 -3.33
C VAL L 119 27.51 -35.07 -4.60
N SER L 120 28.81 -35.31 -4.43
CA SER L 120 29.77 -35.35 -5.54
C SER L 120 30.77 -36.49 -5.47
N SER L 121 31.06 -37.08 -6.62
CA SER L 121 32.06 -38.13 -6.79
C SER L 121 33.34 -37.50 -7.42
N SER L 122 33.31 -36.16 -7.59
CA SER L 122 34.41 -35.37 -8.16
C SER L 122 35.02 -34.39 -7.14
N LEU L 123 35.10 -34.79 -5.85
CA LEU L 123 35.70 -33.99 -4.78
C LEU L 123 37.22 -34.08 -4.86
N VAL L 124 37.92 -33.07 -4.37
CA VAL L 124 39.38 -33.00 -4.36
C VAL L 124 39.87 -32.27 -3.09
N PRO L 125 40.99 -32.70 -2.47
CA PRO L 125 41.45 -32.00 -1.27
C PRO L 125 42.39 -30.80 -1.55
N ARG L 126 41.84 -29.62 -1.85
CA ARG L 126 42.56 -28.35 -2.10
C ARG L 126 43.15 -27.78 -0.76
N ALA M 1 -4.35 -48.71 0.01
CA ALA M 1 -5.18 -47.51 0.19
C ALA M 1 -4.39 -46.17 0.39
N GLY M 2 -3.04 -46.23 0.44
CA GLY M 2 -2.16 -45.06 0.55
C GLY M 2 -1.60 -44.67 1.92
N SER M 3 -1.69 -43.36 2.36
CA SER M 3 -2.34 -42.21 1.67
C SER M 3 -1.82 -40.81 2.12
N ASP M 4 -0.58 -40.45 1.72
CA ASP M 4 0.02 -39.12 2.00
C ASP M 4 -0.66 -38.08 1.11
N ILE M 5 -0.85 -36.84 1.59
CA ILE M 5 -1.54 -35.79 0.80
C ILE M 5 -0.66 -35.27 -0.34
N VAL M 6 -1.26 -35.11 -1.52
CA VAL M 6 -0.62 -34.58 -2.72
C VAL M 6 -1.09 -33.17 -2.96
N MET M 7 -0.12 -32.29 -3.28
CA MET M 7 -0.37 -30.89 -3.55
C MET M 7 -0.05 -30.60 -4.98
N SER M 8 -0.93 -29.85 -5.64
CA SER M 8 -0.76 -29.46 -7.04
C SER M 8 -0.90 -27.95 -7.10
N GLN M 9 -0.07 -27.31 -7.91
CA GLN M 9 -0.07 -25.87 -8.10
C GLN M 9 -0.16 -25.52 -9.59
N SER M 10 -0.85 -24.42 -9.88
CA SER M 10 -1.04 -23.97 -11.24
C SER M 10 -1.17 -22.44 -11.23
N PRO M 11 -0.51 -21.76 -12.21
CA PRO M 11 0.36 -22.29 -13.26
C PRO M 11 1.77 -22.53 -12.73
N SER M 12 2.65 -23.18 -13.50
CA SER M 12 4.03 -23.41 -13.05
C SER M 12 4.81 -22.08 -13.03
N SER M 13 4.49 -21.19 -13.96
CA SER M 13 5.11 -19.88 -14.07
C SER M 13 4.11 -18.89 -14.59
N LEU M 14 4.26 -17.61 -14.21
CA LEU M 14 3.44 -16.55 -14.78
C LEU M 14 4.22 -15.24 -14.80
N VAL M 15 4.11 -14.52 -15.94
CA VAL M 15 4.78 -13.25 -16.19
C VAL M 15 3.74 -12.15 -16.29
N VAL M 16 3.87 -11.14 -15.42
CA VAL M 16 2.94 -10.01 -15.35
C VAL M 16 3.66 -8.70 -15.23
N SER M 17 2.99 -7.59 -15.57
CA SER M 17 3.55 -6.26 -15.41
C SER M 17 3.16 -5.71 -14.04
N VAL M 18 3.95 -4.76 -13.53
CA VAL M 18 3.75 -4.11 -12.23
C VAL M 18 2.33 -3.52 -12.19
N GLY M 19 1.60 -3.77 -11.12
CA GLY M 19 0.26 -3.23 -10.96
C GLY M 19 -0.92 -4.08 -11.41
N GLU M 20 -0.65 -5.20 -12.11
CA GLU M 20 -1.65 -6.18 -12.56
C GLU M 20 -2.12 -7.13 -11.41
N LYS M 21 -3.31 -7.73 -11.56
CA LYS M 21 -3.81 -8.72 -10.59
C LYS M 21 -3.21 -10.09 -10.96
N VAL M 22 -2.93 -10.89 -9.96
CA VAL M 22 -2.36 -12.22 -10.14
C VAL M 22 -3.08 -13.23 -9.29
N THR M 23 -3.47 -14.37 -9.89
CA THR M 23 -4.17 -15.45 -9.19
C THR M 23 -3.45 -16.76 -9.43
N MET M 24 -3.06 -17.43 -8.36
CA MET M 24 -2.42 -18.75 -8.44
C MET M 24 -3.24 -19.73 -7.63
N SER M 25 -3.30 -20.96 -8.12
CA SER M 25 -4.13 -22.02 -7.59
C SER M 25 -3.36 -23.11 -6.88
N CYS M 26 -4.05 -23.79 -5.94
CA CYS M 26 -3.53 -24.90 -5.14
C CYS M 26 -4.61 -25.94 -4.97
N LYS M 27 -4.29 -27.19 -5.26
CA LYS M 27 -5.22 -28.31 -5.17
C LYS M 27 -4.66 -29.38 -4.24
N SER M 28 -5.53 -29.94 -3.39
CA SER M 28 -5.18 -30.93 -2.38
C SER M 28 -5.84 -32.26 -2.68
N SER M 29 -5.08 -33.36 -2.52
CA SER M 29 -5.59 -34.72 -2.75
C SER M 29 -6.71 -35.11 -1.75
N GLN M 30 -6.74 -34.46 -0.55
CA GLN M 30 -7.72 -34.65 0.52
C GLN M 30 -8.15 -33.32 1.14
N SER M 31 -9.35 -33.23 1.75
CA SER M 31 -9.81 -32.03 2.45
C SER M 31 -8.88 -31.69 3.61
N LEU M 32 -8.52 -30.42 3.69
CA LEU M 32 -7.63 -29.90 4.73
C LEU M 32 -8.43 -29.20 5.81
N LEU M 33 -9.77 -29.32 5.74
CA LEU M 33 -10.68 -28.70 6.66
C LEU M 33 -10.82 -29.55 7.92
N TYR M 34 -10.46 -28.93 9.06
CA TYR M 34 -10.55 -29.53 10.38
C TYR M 34 -11.97 -29.31 10.89
N SER M 35 -12.67 -30.41 11.20
CA SER M 35 -14.05 -30.33 11.70
C SER M 35 -14.13 -29.65 13.08
N SER M 36 -13.03 -29.62 13.86
CA SER M 36 -12.96 -29.01 15.18
C SER M 36 -13.17 -27.50 15.17
N ASN M 37 -12.35 -26.75 14.43
CA ASN M 37 -12.43 -25.30 14.38
C ASN M 37 -12.98 -24.73 13.06
N GLN M 38 -13.24 -25.61 12.07
CA GLN M 38 -13.74 -25.25 10.73
C GLN M 38 -12.74 -24.38 9.97
N LYS M 39 -11.45 -24.66 10.18
CA LYS M 39 -10.33 -23.97 9.55
C LYS M 39 -9.52 -24.97 8.71
N ASN M 40 -9.00 -24.48 7.58
CA ASN M 40 -8.21 -25.30 6.68
C ASN M 40 -6.73 -25.22 7.03
N PHE M 41 -6.09 -26.40 7.14
CA PHE M 41 -4.68 -26.51 7.43
C PHE M 41 -3.89 -26.31 6.14
N LEU M 42 -3.95 -25.08 5.61
CA LEU M 42 -3.26 -24.68 4.39
C LEU M 42 -2.55 -23.34 4.57
N ALA M 43 -1.25 -23.32 4.18
CA ALA M 43 -0.41 -22.15 4.22
C ALA M 43 0.18 -21.76 2.85
N TRP M 44 0.51 -20.47 2.70
CA TRP M 44 1.16 -19.92 1.52
C TRP M 44 2.46 -19.30 1.98
N TYR M 45 3.53 -19.70 1.29
CA TYR M 45 4.89 -19.21 1.47
C TYR M 45 5.35 -18.46 0.24
N GLN M 46 6.22 -17.49 0.45
CA GLN M 46 6.81 -16.68 -0.62
C GLN M 46 8.31 -16.80 -0.42
N GLN M 47 9.03 -17.17 -1.49
CA GLN M 47 10.47 -17.30 -1.39
C GLN M 47 11.11 -16.42 -2.44
N LYS M 48 11.64 -15.27 -2.01
CA LYS M 48 12.30 -14.35 -2.94
C LYS M 48 13.68 -14.92 -3.32
N PRO M 49 14.24 -14.57 -4.50
CA PRO M 49 15.57 -15.10 -4.85
C PRO M 49 16.66 -14.84 -3.80
N GLY M 50 17.38 -15.91 -3.42
CA GLY M 50 18.49 -15.85 -2.48
C GLY M 50 18.11 -15.65 -1.02
N GLN M 51 16.87 -16.01 -0.69
CA GLN M 51 16.34 -15.88 0.64
C GLN M 51 15.63 -17.16 1.02
N SER M 52 15.44 -17.39 2.35
CA SER M 52 14.69 -18.56 2.80
C SER M 52 13.19 -18.30 2.64
N PRO M 53 12.30 -19.34 2.62
CA PRO M 53 10.84 -19.06 2.52
C PRO M 53 10.24 -18.25 3.68
N LYS M 54 9.22 -17.42 3.36
CA LYS M 54 8.51 -16.52 4.29
C LYS M 54 7.02 -16.87 4.27
N LEU M 55 6.43 -17.10 5.47
CA LEU M 55 5.01 -17.39 5.66
C LEU M 55 4.19 -16.18 5.38
N LEU M 56 3.19 -16.35 4.52
CA LEU M 56 2.31 -15.25 4.12
C LEU M 56 0.93 -15.43 4.75
N ILE M 57 0.29 -16.58 4.44
CA ILE M 57 -1.07 -16.92 4.85
C ILE M 57 -1.05 -18.26 5.52
N TYR M 58 -1.88 -18.41 6.55
CA TYR M 58 -2.14 -19.67 7.23
C TYR M 58 -3.63 -19.75 7.49
N TRP M 59 -4.14 -20.94 7.84
CA TRP M 59 -5.57 -21.17 8.04
C TRP M 59 -6.34 -20.78 6.76
N ALA M 60 -5.68 -20.97 5.61
CA ALA M 60 -6.13 -20.69 4.22
C ALA M 60 -6.26 -19.22 3.87
N SER M 61 -6.66 -18.38 4.86
CA SER M 61 -7.02 -16.96 4.67
C SER M 61 -6.46 -15.98 5.72
N THR M 62 -5.81 -16.47 6.78
CA THR M 62 -5.26 -15.59 7.81
C THR M 62 -3.88 -15.10 7.39
N ARG M 63 -3.71 -13.77 7.34
CA ARG M 63 -2.44 -13.14 6.99
C ARG M 63 -1.46 -13.25 8.15
N GLU M 64 -0.18 -13.47 7.86
CA GLU M 64 0.84 -13.52 8.90
C GLU M 64 1.15 -12.06 9.25
N SER M 65 1.59 -11.80 10.50
CA SER M 65 1.91 -10.44 10.94
C SER M 65 2.94 -9.79 10.00
N GLY M 66 2.60 -8.60 9.52
CA GLY M 66 3.43 -7.82 8.61
C GLY M 66 3.06 -7.94 7.14
N VAL M 67 2.45 -9.08 6.75
CA VAL M 67 2.07 -9.35 5.35
C VAL M 67 1.05 -8.30 4.82
N PRO M 68 1.35 -7.62 3.68
CA PRO M 68 0.43 -6.59 3.16
C PRO M 68 -0.94 -7.13 2.78
N ASP M 69 -1.93 -6.21 2.75
CA ASP M 69 -3.32 -6.48 2.40
C ASP M 69 -3.49 -6.86 0.91
N ARG M 70 -2.44 -6.64 0.06
CA ARG M 70 -2.51 -6.97 -1.37
C ARG M 70 -2.50 -8.49 -1.61
N PHE M 71 -1.96 -9.26 -0.63
CA PHE M 71 -1.90 -10.72 -0.61
C PHE M 71 -3.16 -11.24 0.06
N THR M 72 -3.96 -12.03 -0.69
CA THR M 72 -5.24 -12.55 -0.22
C THR M 72 -5.36 -14.06 -0.50
N GLY M 73 -5.50 -14.82 0.59
CA GLY M 73 -5.67 -16.27 0.51
C GLY M 73 -7.13 -16.59 0.59
N SER M 74 -7.62 -17.49 -0.28
CA SER M 74 -9.04 -17.91 -0.31
C SER M 74 -9.17 -19.43 -0.58
N GLY M 75 -10.33 -19.99 -0.25
CA GLY M 75 -10.63 -21.39 -0.50
C GLY M 75 -10.96 -22.21 0.72
N SER M 76 -11.45 -23.45 0.49
CA SER M 76 -11.82 -24.41 1.52
C SER M 76 -11.78 -25.84 0.94
N GLY M 77 -11.42 -26.78 1.82
CA GLY M 77 -11.36 -28.21 1.53
C GLY M 77 -10.13 -28.62 0.78
N THR M 78 -10.24 -28.69 -0.56
CA THR M 78 -9.19 -29.10 -1.50
C THR M 78 -8.78 -28.02 -2.50
N ASP M 79 -9.63 -27.01 -2.73
CA ASP M 79 -9.34 -25.96 -3.68
C ASP M 79 -9.07 -24.63 -3.03
N PHE M 80 -7.86 -24.10 -3.28
CA PHE M 80 -7.39 -22.85 -2.69
C PHE M 80 -6.70 -21.93 -3.70
N THR M 81 -6.85 -20.60 -3.50
CA THR M 81 -6.14 -19.63 -4.34
C THR M 81 -5.42 -18.55 -3.52
N LEU M 82 -4.34 -18.01 -4.11
CA LEU M 82 -3.58 -16.88 -3.59
C LEU M 82 -3.74 -15.77 -4.64
N THR M 83 -4.03 -14.57 -4.15
CA THR M 83 -4.22 -13.44 -5.03
C THR M 83 -3.35 -12.26 -4.58
N ILE M 84 -2.75 -11.56 -5.57
CA ILE M 84 -1.99 -10.31 -5.41
C ILE M 84 -2.76 -9.28 -6.21
N SER M 85 -3.40 -8.33 -5.52
CA SER M 85 -4.24 -7.32 -6.15
C SER M 85 -3.50 -6.41 -7.13
N SER M 86 -2.34 -5.90 -6.73
CA SER M 86 -1.51 -5.02 -7.56
C SER M 86 -0.10 -5.41 -7.28
N VAL M 87 0.46 -6.24 -8.17
CA VAL M 87 1.80 -6.79 -8.00
C VAL M 87 2.86 -5.71 -8.04
N LYS M 88 3.73 -5.72 -7.02
CA LYS M 88 4.87 -4.82 -6.94
C LYS M 88 6.14 -5.55 -7.45
N ALA M 89 7.22 -4.79 -7.74
CA ALA M 89 8.46 -5.33 -8.26
C ALA M 89 9.11 -6.28 -7.26
N GLU M 90 8.90 -6.00 -5.95
CA GLU M 90 9.39 -6.80 -4.82
C GLU M 90 8.69 -8.16 -4.70
N ASP M 91 7.57 -8.34 -5.41
CA ASP M 91 6.82 -9.59 -5.37
C ASP M 91 7.46 -10.69 -6.21
N LEU M 92 8.55 -10.37 -6.99
CA LEU M 92 9.33 -11.37 -7.75
C LEU M 92 9.79 -12.41 -6.74
N ALA M 93 9.18 -13.60 -6.82
CA ALA M 93 9.39 -14.72 -5.92
C ALA M 93 8.68 -15.96 -6.43
N VAL M 94 8.92 -17.11 -5.76
CA VAL M 94 8.23 -18.38 -6.02
C VAL M 94 7.28 -18.55 -4.87
N TYR M 95 5.99 -18.76 -5.18
CA TYR M 95 4.96 -18.92 -4.16
C TYR M 95 4.56 -20.38 -4.07
N TYR M 96 4.67 -20.95 -2.85
CA TYR M 96 4.33 -22.34 -2.60
C TYR M 96 3.17 -22.45 -1.66
N CYS M 97 2.28 -23.40 -1.92
CA CYS M 97 1.26 -23.70 -0.96
C CYS M 97 1.78 -24.91 -0.20
N GLN M 98 1.35 -25.09 1.06
CA GLN M 98 1.76 -26.19 1.91
C GLN M 98 0.61 -26.61 2.79
N GLN M 99 0.36 -27.92 2.82
CA GLN M 99 -0.67 -28.46 3.70
C GLN M 99 0.03 -28.85 5.01
N TYR M 100 -0.63 -28.66 6.15
CA TYR M 100 -0.04 -29.02 7.44
C TYR M 100 -1.09 -29.74 8.32
N PHE M 101 -2.00 -30.46 7.65
CA PHE M 101 -3.05 -31.27 8.25
C PHE M 101 -2.45 -32.50 8.94
N ARG M 102 -1.91 -33.47 8.18
CA ARG M 102 -1.15 -34.65 8.67
C ARG M 102 0.15 -34.67 7.91
N TYR M 103 1.27 -34.44 8.65
CA TYR M 103 2.60 -34.19 8.08
C TYR M 103 2.53 -32.84 7.29
N ARG M 104 3.42 -32.62 6.36
CA ARG M 104 3.44 -31.42 5.53
C ARG M 104 3.81 -31.77 4.12
N THR M 105 3.24 -31.05 3.17
CA THR M 105 3.50 -31.26 1.74
C THR M 105 3.51 -29.91 1.06
N PHE M 106 4.55 -29.63 0.28
CA PHE M 106 4.63 -28.37 -0.46
C PHE M 106 4.23 -28.61 -1.90
N GLY M 107 3.50 -27.66 -2.46
CA GLY M 107 3.08 -27.70 -3.86
C GLY M 107 4.27 -27.38 -4.74
N GLY M 108 4.10 -27.54 -6.03
CA GLY M 108 5.18 -27.32 -7.00
C GLY M 108 5.78 -25.93 -7.05
N GLY M 109 4.96 -24.95 -6.69
CA GLY M 109 5.34 -23.54 -6.72
C GLY M 109 4.87 -22.88 -8.01
N THR M 110 4.58 -21.58 -7.93
CA THR M 110 4.24 -20.74 -9.06
C THR M 110 5.32 -19.65 -9.10
N LYS M 111 6.10 -19.61 -10.20
CA LYS M 111 7.17 -18.62 -10.37
C LYS M 111 6.56 -17.32 -10.85
N LEU M 112 6.58 -16.28 -10.01
CA LEU M 112 6.02 -14.99 -10.42
C LEU M 112 7.14 -14.10 -10.94
N GLU M 113 7.12 -13.86 -12.27
CA GLU M 113 8.08 -13.00 -12.95
C GLU M 113 7.44 -11.65 -13.29
N ILE M 114 8.25 -10.57 -13.26
CA ILE M 114 7.78 -9.21 -13.51
C ILE M 114 8.32 -8.63 -14.84
N LYS M 115 7.43 -8.11 -15.67
CA LYS M 115 7.73 -7.45 -16.95
C LYS M 115 8.20 -6.01 -16.65
N GLY N 5 4.33 -28.72 37.81
CA GLY N 5 3.22 -29.25 38.61
C GLY N 5 2.44 -30.42 38.02
N GLU N 6 1.31 -30.82 38.65
CA GLU N 6 0.48 -31.95 38.19
C GLU N 6 -1.02 -31.67 38.00
N VAL N 7 -1.67 -32.47 37.12
CA VAL N 7 -3.12 -32.47 36.82
C VAL N 7 -3.76 -33.56 37.68
N CYS N 8 -4.79 -33.20 38.45
CA CYS N 8 -5.49 -34.08 39.36
C CYS N 8 -6.92 -34.25 38.97
N PRO N 9 -7.59 -35.34 39.41
CA PRO N 9 -9.02 -35.49 39.10
C PRO N 9 -9.87 -34.64 40.07
N GLY N 10 -11.18 -34.61 39.84
CA GLY N 10 -12.13 -33.92 40.70
C GLY N 10 -12.09 -34.47 42.11
N MET N 11 -12.25 -33.58 43.09
CA MET N 11 -12.22 -33.96 44.50
C MET N 11 -13.31 -33.39 45.36
N ASP N 12 -13.75 -34.19 46.33
CA ASP N 12 -14.72 -33.81 47.33
C ASP N 12 -14.01 -34.05 48.65
N ILE N 13 -13.73 -32.98 49.40
CA ILE N 13 -13.08 -33.07 50.70
C ILE N 13 -14.07 -32.64 51.80
N ARG N 14 -14.40 -33.58 52.71
CA ARG N 14 -15.37 -33.33 53.77
C ARG N 14 -14.95 -33.85 55.16
N ASN N 15 -15.67 -33.38 56.20
CA ASN N 15 -15.53 -33.75 57.62
C ASN N 15 -14.22 -33.29 58.30
N ASN N 16 -13.07 -33.86 57.86
CA ASN N 16 -11.70 -33.62 58.36
C ASN N 16 -10.84 -33.06 57.26
N LEU N 17 -9.83 -32.28 57.64
CA LEU N 17 -8.86 -31.70 56.69
C LEU N 17 -7.85 -32.73 56.13
N THR N 18 -7.79 -33.95 56.72
CA THR N 18 -6.86 -35.03 56.33
C THR N 18 -6.68 -35.17 54.81
N ARG N 19 -7.75 -35.51 54.06
CA ARG N 19 -7.69 -35.72 52.62
C ARG N 19 -7.32 -34.45 51.79
N LEU N 20 -7.26 -33.27 52.43
CA LEU N 20 -6.87 -32.03 51.75
C LEU N 20 -5.42 -32.04 51.25
N HIS N 21 -4.54 -32.86 51.89
CA HIS N 21 -3.12 -33.00 51.48
C HIS N 21 -2.98 -33.60 50.09
N GLU N 22 -4.04 -34.24 49.58
CA GLU N 22 -4.07 -34.86 48.26
C GLU N 22 -3.99 -33.83 47.14
N LEU N 23 -4.08 -32.54 47.49
CA LEU N 23 -3.98 -31.39 46.59
C LEU N 23 -2.58 -30.78 46.54
N GLU N 24 -1.67 -31.25 47.43
CA GLU N 24 -0.32 -30.69 47.56
C GLU N 24 0.45 -30.52 46.25
N ASN N 25 0.26 -31.42 45.27
CA ASN N 25 1.00 -31.36 44.01
C ASN N 25 0.15 -30.91 42.79
N CYS N 26 -1.11 -30.52 43.00
CA CYS N 26 -1.98 -30.08 41.88
C CYS N 26 -1.75 -28.66 41.45
N SER N 27 -1.67 -28.46 40.15
CA SER N 27 -1.65 -27.13 39.59
C SER N 27 -2.94 -26.93 38.80
N VAL N 28 -3.60 -28.07 38.41
CA VAL N 28 -4.86 -28.09 37.66
C VAL N 28 -5.74 -29.22 38.15
N ILE N 29 -6.97 -28.90 38.58
CA ILE N 29 -7.96 -29.90 38.90
C ILE N 29 -8.81 -30.10 37.65
N GLU N 30 -8.77 -31.32 37.12
CA GLU N 30 -9.54 -31.73 35.96
C GLU N 30 -10.83 -32.33 36.52
N GLY N 31 -11.74 -31.42 36.83
CA GLY N 31 -13.03 -31.73 37.41
C GLY N 31 -13.44 -30.60 38.30
N HIS N 32 -14.19 -30.91 39.35
CA HIS N 32 -14.62 -29.89 40.28
C HIS N 32 -13.85 -29.97 41.60
N LEU N 33 -14.03 -28.97 42.46
CA LEU N 33 -13.42 -28.96 43.78
C LEU N 33 -14.46 -28.57 44.79
N GLN N 34 -14.83 -29.54 45.64
CA GLN N 34 -15.80 -29.39 46.71
C GLN N 34 -15.09 -29.53 48.05
N ILE N 35 -15.16 -28.51 48.89
CA ILE N 35 -14.61 -28.55 50.24
C ILE N 35 -15.79 -28.18 51.12
N LEU N 36 -16.25 -29.17 51.92
CA LEU N 36 -17.50 -29.01 52.63
C LEU N 36 -17.60 -29.73 53.96
N LEU N 37 -18.67 -29.41 54.69
CA LEU N 37 -19.08 -30.00 55.97
C LEU N 37 -17.94 -30.26 56.96
N MET N 38 -17.22 -29.21 57.35
CA MET N 38 -16.17 -29.30 58.34
C MET N 38 -16.59 -28.43 59.53
N PHE N 39 -17.19 -29.08 60.54
CA PHE N 39 -17.80 -28.42 61.68
C PHE N 39 -16.89 -28.21 62.88
N LYS N 40 -15.81 -28.99 62.99
CA LYS N 40 -14.90 -28.93 64.15
C LYS N 40 -13.61 -28.18 63.84
N THR N 41 -13.48 -27.68 62.60
CA THR N 41 -12.32 -26.91 62.15
C THR N 41 -12.37 -25.49 62.73
N ARG N 42 -11.20 -25.01 63.16
CA ARG N 42 -10.99 -23.70 63.78
C ARG N 42 -9.93 -22.93 62.98
N PRO N 43 -9.85 -21.58 63.09
CA PRO N 43 -8.87 -20.83 62.29
C PRO N 43 -7.42 -21.34 62.33
N GLU N 44 -6.99 -21.85 63.49
CA GLU N 44 -5.66 -22.41 63.72
C GLU N 44 -5.35 -23.55 62.77
N ASP N 45 -6.37 -24.35 62.37
CA ASP N 45 -6.23 -25.48 61.44
C ASP N 45 -5.89 -25.04 60.02
N PHE N 46 -6.10 -23.75 59.72
CA PHE N 46 -5.86 -23.18 58.41
C PHE N 46 -4.64 -22.26 58.31
N ARG N 47 -3.99 -21.95 59.46
CA ARG N 47 -2.81 -21.08 59.54
C ARG N 47 -1.75 -21.40 58.50
N ASP N 48 -1.12 -22.57 58.60
CA ASP N 48 -0.02 -22.96 57.71
C ASP N 48 -0.43 -23.62 56.39
N LEU N 49 -1.75 -23.81 56.21
CA LEU N 49 -2.37 -24.49 55.08
C LEU N 49 -2.43 -23.67 53.81
N SER N 50 -1.73 -24.13 52.76
CA SER N 50 -1.66 -23.40 51.50
C SER N 50 -1.46 -24.30 50.29
N PHE N 51 -2.10 -23.95 49.16
CA PHE N 51 -1.96 -24.65 47.88
C PHE N 51 -1.62 -23.64 46.77
N PRO N 52 -0.39 -23.07 46.78
CA PRO N 52 -0.03 -22.06 45.77
C PRO N 52 0.15 -22.59 44.36
N LYS N 53 0.28 -23.93 44.22
CA LYS N 53 0.41 -24.57 42.92
C LYS N 53 -0.90 -24.51 42.13
N LEU N 54 -2.07 -24.46 42.83
CA LEU N 54 -3.39 -24.45 42.18
C LEU N 54 -3.67 -23.19 41.39
N ILE N 55 -3.67 -23.36 40.08
CA ILE N 55 -3.84 -22.32 39.07
C ILE N 55 -5.24 -22.38 38.47
N MET N 56 -5.73 -23.59 38.23
CA MET N 56 -7.00 -23.73 37.56
C MET N 56 -7.88 -24.91 38.05
N ILE N 57 -9.21 -24.69 38.03
CA ILE N 57 -10.26 -25.68 38.22
C ILE N 57 -11.00 -25.70 36.87
N THR N 58 -11.19 -26.92 36.26
CA THR N 58 -11.83 -27.02 34.94
C THR N 58 -13.34 -26.93 35.00
N ASP N 59 -13.95 -27.42 36.10
CA ASP N 59 -15.37 -27.38 36.30
C ASP N 59 -15.72 -26.28 37.29
N TYR N 60 -16.16 -26.59 38.53
CA TYR N 60 -16.54 -25.57 39.49
C TYR N 60 -15.83 -25.66 40.86
N LEU N 61 -15.89 -24.56 41.63
CA LEU N 61 -15.40 -24.53 42.99
C LEU N 61 -16.60 -24.33 43.92
N LEU N 62 -16.82 -25.28 44.85
CA LEU N 62 -17.89 -25.23 45.83
C LEU N 62 -17.35 -25.29 47.25
N LEU N 63 -17.77 -24.33 48.09
CA LEU N 63 -17.40 -24.27 49.51
C LEU N 63 -18.65 -24.12 50.36
N PHE N 64 -18.92 -25.17 51.16
CA PHE N 64 -20.11 -25.28 51.99
C PHE N 64 -19.83 -25.71 53.43
N ARG N 65 -20.40 -24.98 54.43
CA ARG N 65 -20.23 -25.31 55.85
C ARG N 65 -18.77 -25.66 56.27
N VAL N 66 -17.79 -24.81 55.93
CA VAL N 66 -16.39 -25.03 56.35
C VAL N 66 -16.11 -24.03 57.48
N TYR N 67 -16.23 -24.51 58.73
CA TYR N 67 -16.05 -23.72 59.95
C TYR N 67 -14.59 -23.35 60.16
N GLY N 68 -14.34 -22.20 60.77
CA GLY N 68 -13.00 -21.71 61.05
C GLY N 68 -12.28 -21.01 59.90
N LEU N 69 -12.68 -21.28 58.64
CA LEU N 69 -12.06 -20.67 57.46
C LEU N 69 -12.55 -19.23 57.33
N GLU N 70 -11.64 -18.26 57.47
CA GLU N 70 -11.92 -16.82 57.43
C GLU N 70 -11.64 -16.13 56.08
N SER N 71 -10.78 -16.73 55.26
CA SER N 71 -10.38 -16.21 53.94
C SER N 71 -9.84 -17.34 53.11
N LEU N 72 -9.84 -17.17 51.78
CA LEU N 72 -9.30 -18.14 50.85
C LEU N 72 -7.96 -17.66 50.33
N LYS N 73 -7.48 -16.47 50.81
CA LYS N 73 -6.24 -15.83 50.38
C LYS N 73 -4.99 -16.69 50.62
N ASP N 74 -5.01 -17.51 51.68
CA ASP N 74 -3.86 -18.37 51.96
C ASP N 74 -4.02 -19.75 51.35
N LEU N 75 -5.26 -20.24 51.28
CA LEU N 75 -5.59 -21.56 50.72
C LEU N 75 -5.31 -21.62 49.22
N PHE N 76 -5.89 -20.68 48.43
CA PHE N 76 -5.76 -20.64 46.97
C PHE N 76 -5.26 -19.28 46.48
N PRO N 77 -3.98 -18.96 46.79
CA PRO N 77 -3.43 -17.66 46.37
C PRO N 77 -3.28 -17.45 44.88
N ASN N 78 -3.00 -18.51 44.13
CA ASN N 78 -2.72 -18.39 42.71
C ASN N 78 -3.82 -18.91 41.79
N LEU N 79 -5.02 -19.29 42.34
CA LEU N 79 -6.16 -19.75 41.53
C LEU N 79 -6.59 -18.60 40.60
N THR N 80 -6.33 -18.76 39.30
CA THR N 80 -6.51 -17.74 38.27
C THR N 80 -7.78 -17.94 37.43
N VAL N 81 -8.09 -19.21 37.09
CA VAL N 81 -9.22 -19.52 36.22
C VAL N 81 -10.10 -20.66 36.74
N ILE N 82 -11.44 -20.46 36.62
CA ILE N 82 -12.45 -21.48 36.84
C ILE N 82 -13.12 -21.60 35.47
N ARG N 83 -12.84 -22.68 34.74
CA ARG N 83 -13.32 -22.84 33.37
C ARG N 83 -14.83 -23.05 33.23
N GLY N 84 -15.47 -23.64 34.24
CA GLY N 84 -16.91 -23.87 34.23
C GLY N 84 -17.39 -24.82 33.14
N SER N 85 -16.56 -25.85 32.79
CA SER N 85 -16.90 -26.86 31.78
C SER N 85 -18.16 -27.59 32.19
N ARG N 86 -18.25 -27.91 33.51
CA ARG N 86 -19.41 -28.51 34.17
C ARG N 86 -19.68 -27.60 35.35
N LEU N 87 -20.95 -27.27 35.55
CA LEU N 87 -21.37 -26.32 36.59
C LEU N 87 -22.23 -26.97 37.65
N PHE N 88 -22.34 -26.31 38.84
CA PHE N 88 -23.17 -26.76 39.94
C PHE N 88 -24.40 -25.91 39.93
N PHE N 89 -25.50 -26.41 39.31
CA PHE N 89 -26.79 -25.70 39.20
C PHE N 89 -26.61 -24.34 38.47
N ASN N 90 -25.75 -24.34 37.39
CA ASN N 90 -25.38 -23.20 36.52
C ASN N 90 -24.33 -22.24 37.15
N TYR N 91 -23.69 -22.66 38.25
CA TYR N 91 -22.69 -21.86 38.93
C TYR N 91 -21.31 -22.50 38.90
N ALA N 92 -20.27 -21.69 38.65
CA ALA N 92 -18.88 -22.09 38.63
C ALA N 92 -18.23 -21.83 39.99
N LEU N 93 -18.79 -20.90 40.76
CA LEU N 93 -18.31 -20.60 42.09
C LEU N 93 -19.48 -20.54 43.05
N VAL N 94 -19.42 -21.38 44.11
CA VAL N 94 -20.48 -21.50 45.13
C VAL N 94 -19.86 -21.36 46.54
N ILE N 95 -20.28 -20.31 47.27
CA ILE N 95 -19.88 -20.03 48.66
C ILE N 95 -21.19 -19.99 49.43
N PHE N 96 -21.52 -21.07 50.15
CA PHE N 96 -22.81 -21.20 50.86
C PHE N 96 -22.67 -21.59 52.32
N GLU N 97 -23.30 -20.84 53.22
CA GLU N 97 -23.26 -21.09 54.67
C GLU N 97 -21.82 -21.32 55.18
N MET N 98 -20.87 -20.45 54.71
CA MET N 98 -19.47 -20.44 55.16
C MET N 98 -19.42 -19.44 56.36
N VAL N 99 -19.87 -19.97 57.50
CA VAL N 99 -20.15 -19.31 58.77
C VAL N 99 -19.01 -18.38 59.30
N HIS N 100 -17.72 -18.64 58.97
CA HIS N 100 -16.67 -17.80 59.53
C HIS N 100 -15.87 -17.02 58.48
N LEU N 101 -16.25 -17.15 57.20
CA LEU N 101 -15.59 -16.45 56.11
C LEU N 101 -15.86 -14.94 56.21
N LYS N 102 -14.78 -14.16 56.28
CA LYS N 102 -14.77 -12.70 56.43
C LYS N 102 -14.51 -11.96 55.11
N GLU N 103 -13.78 -12.62 54.21
CA GLU N 103 -13.43 -12.13 52.88
C GLU N 103 -13.25 -13.33 51.95
N LEU N 104 -13.37 -13.13 50.62
CA LEU N 104 -13.11 -14.20 49.67
C LEU N 104 -11.59 -14.35 49.55
N GLY N 105 -10.91 -13.25 49.19
CA GLY N 105 -9.47 -13.19 49.05
C GLY N 105 -8.89 -13.99 47.91
N LEU N 106 -9.68 -14.25 46.84
CA LEU N 106 -9.19 -14.97 45.66
C LEU N 106 -8.57 -13.96 44.67
N TYR N 107 -7.58 -13.19 45.18
CA TYR N 107 -6.93 -12.06 44.52
C TYR N 107 -6.26 -12.38 43.16
N ASN N 108 -6.13 -13.68 42.85
CA ASN N 108 -5.59 -14.07 41.56
C ASN N 108 -6.68 -14.52 40.55
N LEU N 109 -7.95 -14.60 40.99
CA LEU N 109 -9.05 -15.00 40.10
C LEU N 109 -9.32 -13.95 39.03
N MET N 110 -8.89 -14.26 37.80
CA MET N 110 -8.99 -13.36 36.66
C MET N 110 -10.14 -13.62 35.71
N ASN N 111 -10.58 -14.89 35.61
CA ASN N 111 -11.61 -15.27 34.66
C ASN N 111 -12.37 -16.50 35.07
N ILE N 112 -13.69 -16.42 34.94
CA ILE N 112 -14.65 -17.52 35.11
C ILE N 112 -15.18 -17.66 33.68
N THR N 113 -14.69 -18.67 32.97
CA THR N 113 -14.94 -18.85 31.53
C THR N 113 -16.40 -19.14 31.20
N ARG N 114 -17.08 -19.90 32.07
CA ARG N 114 -18.47 -20.25 31.89
C ARG N 114 -19.14 -20.35 33.24
N GLY N 115 -20.43 -19.99 33.29
CA GLY N 115 -21.22 -20.06 34.51
C GLY N 115 -21.16 -18.81 35.36
N SER N 116 -22.01 -18.79 36.41
CA SER N 116 -22.16 -17.66 37.33
C SER N 116 -21.63 -17.94 38.74
N VAL N 117 -21.81 -16.96 39.61
CA VAL N 117 -21.34 -17.00 40.99
C VAL N 117 -22.53 -16.96 41.96
N ARG N 118 -22.57 -17.90 42.93
CA ARG N 118 -23.61 -17.93 43.97
C ARG N 118 -22.92 -17.79 45.32
N ILE N 119 -23.12 -16.66 46.00
CA ILE N 119 -22.54 -16.38 47.33
C ILE N 119 -23.69 -16.05 48.26
N GLU N 120 -24.08 -17.03 49.08
CA GLU N 120 -25.27 -16.89 49.89
C GLU N 120 -25.14 -17.41 51.34
N LYS N 121 -25.82 -16.73 52.28
CA LYS N 121 -25.93 -17.07 53.71
C LYS N 121 -24.57 -17.16 54.45
N ASN N 122 -23.68 -16.20 54.17
CA ASN N 122 -22.36 -16.11 54.80
C ASN N 122 -22.37 -14.85 55.67
N ASN N 123 -22.78 -15.02 56.92
CA ASN N 123 -23.01 -13.93 57.88
C ASN N 123 -21.78 -13.08 58.28
N GLU N 124 -20.55 -13.50 57.98
CA GLU N 124 -19.39 -12.68 58.35
C GLU N 124 -18.69 -12.11 57.12
N LEU N 125 -19.21 -12.45 55.92
CA LEU N 125 -18.62 -12.12 54.65
C LEU N 125 -18.74 -10.67 54.19
N CYS N 126 -17.57 -10.02 54.09
CA CYS N 126 -17.35 -8.66 53.60
C CYS N 126 -16.47 -8.74 52.37
N TYR N 127 -16.06 -7.56 51.84
CA TYR N 127 -15.21 -7.43 50.65
C TYR N 127 -15.83 -8.10 49.40
N LEU N 128 -17.15 -7.91 49.21
CA LEU N 128 -17.92 -8.45 48.09
C LEU N 128 -18.34 -7.31 47.16
N ALA N 129 -18.62 -6.13 47.77
CA ALA N 129 -19.00 -4.92 47.07
C ALA N 129 -17.76 -4.23 46.48
N THR N 130 -16.56 -4.68 46.88
CA THR N 130 -15.27 -4.21 46.37
C THR N 130 -14.80 -5.04 45.16
N ILE N 131 -15.56 -6.11 44.80
CA ILE N 131 -15.25 -6.98 43.66
C ILE N 131 -16.08 -6.57 42.44
N ASP N 132 -15.41 -6.28 41.31
CA ASP N 132 -16.07 -6.00 40.04
C ASP N 132 -16.03 -7.31 39.23
N TRP N 133 -17.11 -8.08 39.32
CA TRP N 133 -17.25 -9.35 38.64
C TRP N 133 -17.31 -9.21 37.13
N SER N 134 -17.71 -8.01 36.61
CA SER N 134 -17.81 -7.75 35.16
C SER N 134 -16.48 -7.92 34.43
N ARG N 135 -15.37 -7.95 35.19
CA ARG N 135 -13.99 -8.11 34.75
C ARG N 135 -13.52 -9.56 34.85
N ILE N 136 -14.37 -10.42 35.45
CA ILE N 136 -14.13 -11.85 35.64
C ILE N 136 -15.07 -12.73 34.81
N LEU N 137 -16.37 -12.40 34.81
CA LEU N 137 -17.48 -13.08 34.13
C LEU N 137 -18.08 -12.23 33.03
N ASP N 138 -18.72 -12.91 32.06
CA ASP N 138 -19.49 -12.24 31.02
C ASP N 138 -20.94 -12.13 31.51
N SER N 139 -21.48 -13.24 32.08
CA SER N 139 -22.84 -13.42 32.58
C SER N 139 -23.04 -13.00 34.07
N VAL N 140 -22.72 -11.74 34.38
CA VAL N 140 -22.84 -11.14 35.71
C VAL N 140 -24.29 -10.99 36.17
N GLU N 141 -25.23 -10.88 35.22
CA GLU N 141 -26.65 -10.72 35.50
C GLU N 141 -27.23 -11.94 36.22
N ASP N 142 -26.60 -13.12 36.02
CA ASP N 142 -27.03 -14.38 36.61
C ASP N 142 -26.34 -14.69 37.94
N ASN N 143 -25.60 -13.73 38.50
CA ASN N 143 -24.96 -13.90 39.81
C ASN N 143 -26.02 -13.79 40.89
N HIS N 144 -25.84 -14.54 41.99
CA HIS N 144 -26.77 -14.50 43.12
C HIS N 144 -25.99 -14.33 44.42
N ILE N 145 -25.75 -13.06 44.79
CA ILE N 145 -24.94 -12.70 45.96
C ILE N 145 -25.84 -12.00 47.00
N VAL N 146 -26.47 -12.81 47.84
CA VAL N 146 -27.46 -12.34 48.81
C VAL N 146 -27.23 -12.94 50.21
N LEU N 147 -27.87 -12.35 51.22
CA LEU N 147 -27.86 -12.80 52.62
C LEU N 147 -26.47 -12.95 53.24
N ASN N 148 -25.62 -11.94 53.03
CA ASN N 148 -24.25 -11.91 53.57
C ASN N 148 -24.12 -10.70 54.52
N LYS N 149 -22.98 -10.55 55.22
CA LYS N 149 -22.77 -9.42 56.12
C LYS N 149 -22.81 -8.12 55.30
N ASP N 150 -22.27 -8.19 54.08
CA ASP N 150 -22.18 -7.16 53.04
C ASP N 150 -23.50 -6.43 52.79
N ASP N 151 -24.65 -7.15 52.91
CA ASP N 151 -26.00 -6.61 52.71
C ASP N 151 -26.46 -5.70 53.88
N ASN N 152 -25.49 -4.95 54.46
CA ASN N 152 -25.60 -3.99 55.56
C ASN N 152 -24.49 -2.91 55.44
N GLU N 153 -24.54 -1.89 56.33
CA GLU N 153 -23.54 -0.80 56.40
C GLU N 153 -22.32 -1.20 57.27
N GLU N 154 -22.32 -2.48 57.70
CA GLU N 154 -21.36 -3.15 58.58
C GLU N 154 -19.96 -3.37 58.00
N CYS N 155 -19.85 -3.52 56.67
CA CYS N 155 -18.58 -3.85 56.06
C CYS N 155 -17.62 -2.67 55.84
N GLY N 156 -16.65 -2.58 56.75
CA GLY N 156 -15.60 -1.57 56.70
C GLY N 156 -14.56 -1.95 55.69
N ASP N 157 -14.99 -2.11 54.44
CA ASP N 157 -14.13 -2.47 53.32
C ASP N 157 -13.20 -1.29 53.02
N ILE N 158 -11.87 -1.50 53.19
CA ILE N 158 -10.81 -0.50 52.94
C ILE N 158 -9.77 -1.13 52.02
N CYS N 159 -9.17 -0.40 51.06
CA CYS N 159 -8.16 -0.99 50.17
C CYS N 159 -6.83 -0.19 50.17
N ASN N 168 -4.32 3.57 45.38
CA ASN N 168 -3.45 2.89 44.42
C ASN N 168 -4.18 1.75 43.69
N CYS N 169 -5.38 1.38 44.21
CA CYS N 169 -6.25 0.34 43.67
C CYS N 169 -6.99 0.88 42.43
N PRO N 170 -7.27 0.04 41.39
CA PRO N 170 -8.02 0.56 40.23
C PRO N 170 -9.47 0.81 40.63
N ALA N 171 -10.05 1.88 40.13
CA ALA N 171 -11.45 2.21 40.42
C ALA N 171 -12.29 2.06 39.18
N THR N 172 -13.47 1.45 39.33
CA THR N 172 -14.41 1.22 38.22
C THR N 172 -15.83 1.61 38.66
N VAL N 173 -16.70 1.81 37.66
CA VAL N 173 -18.10 2.16 37.85
C VAL N 173 -18.93 0.89 37.67
N ILE N 174 -19.87 0.64 38.60
CA ILE N 174 -20.77 -0.50 38.51
C ILE N 174 -22.20 -0.02 38.27
N ASN N 175 -22.62 1.03 39.00
CA ASN N 175 -23.98 1.59 38.86
C ASN N 175 -23.97 3.12 38.97
N GLY N 176 -23.18 3.74 38.11
CA GLY N 176 -23.02 5.20 38.07
C GLY N 176 -22.33 5.69 39.33
N GLN N 177 -21.26 4.95 39.73
CA GLN N 177 -20.46 5.23 40.92
C GLN N 177 -19.09 4.56 40.78
N PHE N 178 -18.03 5.40 40.68
CA PHE N 178 -16.63 4.97 40.64
C PHE N 178 -16.22 4.54 42.05
N VAL N 179 -15.79 3.27 42.19
CA VAL N 179 -15.41 2.68 43.48
C VAL N 179 -14.09 1.94 43.28
N GLU N 180 -13.12 2.10 44.23
CA GLU N 180 -11.85 1.36 44.13
C GLU N 180 -12.08 -0.14 44.42
N ARG N 181 -11.44 -1.01 43.62
CA ARG N 181 -11.66 -2.45 43.67
C ARG N 181 -10.54 -3.24 44.32
N CYS N 182 -10.94 -4.06 45.30
CA CYS N 182 -10.03 -4.91 46.07
C CYS N 182 -10.71 -6.20 46.54
N TRP N 183 -9.89 -7.18 46.94
CA TRP N 183 -10.28 -8.50 47.44
C TRP N 183 -10.14 -8.57 48.96
N THR N 184 -9.09 -7.91 49.50
CA THR N 184 -8.76 -7.83 50.93
C THR N 184 -8.27 -6.41 51.22
N HIS N 185 -7.93 -6.08 52.51
CA HIS N 185 -7.39 -4.77 52.90
C HIS N 185 -6.01 -4.50 52.25
N SER N 186 -5.27 -5.59 51.92
CA SER N 186 -3.93 -5.58 51.33
C SER N 186 -3.83 -6.14 49.89
N HIS N 187 -4.97 -6.46 49.23
CA HIS N 187 -4.96 -6.99 47.86
C HIS N 187 -5.94 -6.29 46.91
N CYS N 188 -5.41 -5.62 45.87
CA CYS N 188 -6.19 -4.93 44.83
C CYS N 188 -6.78 -5.95 43.90
N GLN N 189 -7.82 -5.56 43.15
CA GLN N 189 -8.36 -6.37 42.09
C GLN N 189 -7.52 -5.98 40.87
N LYS N 190 -6.82 -6.95 40.23
CA LYS N 190 -5.99 -6.68 39.05
C LYS N 190 -6.93 -6.33 37.91
N VAL N 191 -6.62 -5.25 37.18
CA VAL N 191 -7.41 -4.79 36.02
C VAL N 191 -6.46 -4.53 34.87
N CYS N 192 -6.70 -5.19 33.74
CA CYS N 192 -5.85 -5.07 32.56
C CYS N 192 -6.40 -4.10 31.53
N PRO N 193 -5.54 -3.44 30.70
CA PRO N 193 -6.07 -2.55 29.65
C PRO N 193 -7.05 -3.25 28.72
N THR N 194 -7.99 -2.47 28.15
CA THR N 194 -9.07 -2.98 27.28
C THR N 194 -8.55 -3.78 26.13
N ILE N 195 -7.41 -3.33 25.54
CA ILE N 195 -6.73 -3.98 24.42
C ILE N 195 -6.34 -5.44 24.74
N CYS N 196 -6.06 -5.75 26.04
CA CYS N 196 -5.64 -7.07 26.50
C CYS N 196 -6.79 -8.06 26.50
N LYS N 197 -8.06 -7.55 26.54
CA LYS N 197 -9.24 -8.41 26.63
C LYS N 197 -9.05 -9.35 27.86
N SER N 198 -9.31 -10.68 27.68
CA SER N 198 -9.23 -11.69 28.74
C SER N 198 -7.86 -12.30 28.93
N HIS N 199 -6.89 -11.96 28.03
CA HIS N 199 -5.52 -12.49 27.93
C HIS N 199 -4.65 -12.27 29.11
N GLY N 200 -4.93 -11.21 29.83
CA GLY N 200 -4.13 -10.83 30.98
C GLY N 200 -3.05 -9.87 30.55
N CYS N 201 -2.26 -9.45 31.50
CA CYS N 201 -1.18 -8.51 31.29
C CYS N 201 -0.12 -8.63 32.38
N THR N 202 1.07 -8.07 32.12
CA THR N 202 2.17 -8.06 33.09
C THR N 202 1.93 -6.94 34.08
N ALA N 203 2.74 -6.85 35.16
CA ALA N 203 2.62 -5.80 36.18
C ALA N 203 2.80 -4.38 35.59
N GLU N 204 3.53 -4.30 34.45
CA GLU N 204 3.81 -3.07 33.69
C GLU N 204 2.63 -2.70 32.76
N GLY N 205 1.67 -3.60 32.60
CA GLY N 205 0.50 -3.38 31.77
C GLY N 205 0.58 -3.91 30.36
N LEU N 206 1.66 -4.59 30.02
CA LEU N 206 1.86 -5.18 28.69
C LEU N 206 1.00 -6.42 28.53
N CYS N 207 0.27 -6.50 27.42
CA CYS N 207 -0.61 -7.64 27.18
C CYS N 207 0.10 -8.95 27.02
N CYS N 208 -0.52 -10.01 27.56
CA CYS N 208 -0.05 -11.37 27.40
C CYS N 208 -0.36 -11.79 26.00
N HIS N 209 0.24 -12.91 25.58
CA HIS N 209 -0.03 -13.48 24.28
C HIS N 209 -1.54 -13.78 24.14
N SER N 210 -2.06 -13.63 22.92
CA SER N 210 -3.46 -13.81 22.57
C SER N 210 -3.99 -15.21 22.97
N GLU N 211 -3.11 -16.20 23.14
CA GLU N 211 -3.47 -17.57 23.53
C GLU N 211 -3.52 -17.78 25.03
N CYS N 212 -3.08 -16.79 25.85
CA CYS N 212 -3.18 -16.89 27.32
C CYS N 212 -4.56 -16.48 27.82
N LEU N 213 -4.77 -16.79 29.08
CA LEU N 213 -5.98 -16.45 29.78
C LEU N 213 -5.61 -16.01 31.20
N GLY N 214 -6.03 -14.79 31.56
CA GLY N 214 -5.85 -14.20 32.88
C GLY N 214 -4.49 -13.62 33.24
N ASN N 215 -3.42 -14.40 33.02
CA ASN N 215 -2.06 -13.96 33.37
C ASN N 215 -0.98 -14.70 32.58
N CYS N 216 0.28 -14.20 32.71
CA CYS N 216 1.50 -14.71 32.08
C CYS N 216 2.74 -14.17 32.79
N SER N 217 3.84 -14.97 32.79
CA SER N 217 5.12 -14.57 33.38
C SER N 217 5.84 -13.58 32.50
N GLN N 218 5.58 -13.62 31.18
CA GLN N 218 6.17 -12.74 30.17
C GLN N 218 5.16 -12.45 29.06
N PRO N 219 5.23 -11.26 28.43
CA PRO N 219 4.28 -10.95 27.35
C PRO N 219 4.67 -11.55 26.00
N ASP N 220 3.68 -11.63 25.08
CA ASP N 220 3.79 -12.13 23.69
C ASP N 220 4.54 -13.48 23.55
N ASP N 221 4.31 -14.38 24.49
CA ASP N 221 4.91 -15.71 24.48
C ASP N 221 3.85 -16.74 24.95
N PRO N 222 3.40 -17.66 24.04
CA PRO N 222 2.39 -18.66 24.44
C PRO N 222 2.92 -19.80 25.31
N THR N 223 4.20 -19.75 25.67
CA THR N 223 4.83 -20.76 26.53
C THR N 223 5.05 -20.14 27.92
N LYS N 224 4.56 -18.89 28.12
CA LYS N 224 4.71 -18.16 29.37
C LYS N 224 3.37 -17.85 30.05
N CYS N 225 2.25 -18.45 29.54
CA CYS N 225 0.91 -18.27 30.10
C CYS N 225 0.77 -18.95 31.45
N VAL N 226 -0.25 -18.54 32.20
CA VAL N 226 -0.62 -19.12 33.49
C VAL N 226 -1.76 -20.11 33.20
N ALA N 227 -2.59 -19.77 32.22
CA ALA N 227 -3.70 -20.57 31.75
C ALA N 227 -3.96 -20.27 30.28
N CYS N 228 -4.63 -21.20 29.59
CA CYS N 228 -4.86 -21.08 28.16
C CYS N 228 -6.24 -20.67 27.81
N ARG N 229 -6.38 -19.78 26.83
CA ARG N 229 -7.67 -19.36 26.29
C ARG N 229 -8.32 -20.59 25.61
N ASN N 230 -7.52 -21.40 24.90
CA ASN N 230 -8.05 -22.59 24.22
C ASN N 230 -7.53 -23.91 24.81
N PHE N 231 -6.52 -24.49 24.16
CA PHE N 231 -5.99 -25.79 24.54
C PHE N 231 -4.56 -25.71 24.99
N TYR N 232 -4.18 -26.71 25.78
CA TYR N 232 -2.85 -26.83 26.29
C TYR N 232 -2.21 -28.05 25.68
N LEU N 233 -0.99 -27.85 25.17
CA LEU N 233 -0.19 -28.92 24.58
C LEU N 233 1.26 -28.61 24.75
N ASP N 234 2.02 -29.59 25.22
CA ASP N 234 3.47 -29.57 25.31
C ASP N 234 4.07 -28.28 25.90
N GLY N 235 3.41 -27.76 26.95
CA GLY N 235 3.84 -26.55 27.67
C GLY N 235 3.49 -25.24 26.99
N ARG N 236 2.51 -25.30 26.09
CA ARG N 236 2.12 -24.19 25.25
C ARG N 236 0.61 -24.12 25.13
N CYS N 237 0.12 -22.89 24.97
CA CYS N 237 -1.25 -22.59 24.72
C CYS N 237 -1.41 -22.54 23.22
N VAL N 238 -2.07 -23.58 22.70
CA VAL N 238 -2.37 -23.76 21.28
C VAL N 238 -3.83 -23.40 21.01
N GLU N 239 -4.12 -23.01 19.78
CA GLU N 239 -5.49 -22.65 19.36
C GLU N 239 -6.36 -23.91 19.23
N THR N 240 -5.79 -24.98 18.69
CA THR N 240 -6.47 -26.24 18.46
C THR N 240 -5.49 -27.39 18.69
N CYS N 241 -5.99 -28.60 18.95
CA CYS N 241 -5.16 -29.80 19.14
C CYS N 241 -5.00 -30.31 17.75
N PRO N 242 -3.76 -30.33 17.22
CA PRO N 242 -3.61 -30.75 15.85
C PRO N 242 -3.52 -32.26 15.74
N PRO N 243 -3.86 -32.85 14.56
CA PRO N 243 -3.62 -34.30 14.36
C PRO N 243 -2.12 -34.59 14.53
N PRO N 244 -1.70 -35.65 15.24
CA PRO N 244 -2.48 -36.81 15.76
C PRO N 244 -3.03 -36.72 17.19
N TYR N 245 -3.10 -35.52 17.78
CA TYR N 245 -3.64 -35.28 19.13
C TYR N 245 -5.13 -35.05 19.11
N TYR N 246 -5.78 -35.27 20.26
CA TYR N 246 -7.20 -35.13 20.46
C TYR N 246 -7.48 -34.11 21.56
N HIS N 247 -8.65 -33.47 21.50
CA HIS N 247 -9.10 -32.51 22.49
C HIS N 247 -9.65 -33.30 23.67
N PHE N 248 -9.23 -32.95 24.88
CA PHE N 248 -9.63 -33.67 26.09
C PHE N 248 -10.04 -32.75 27.23
N GLN N 249 -11.23 -33.03 27.80
CA GLN N 249 -11.82 -32.28 28.92
C GLN N 249 -11.95 -30.77 28.62
N ASP N 250 -11.97 -30.46 27.29
CA ASP N 250 -12.12 -29.15 26.69
C ASP N 250 -11.00 -28.16 27.08
N TRP N 251 -9.87 -28.68 27.54
CA TRP N 251 -8.81 -27.75 27.91
C TRP N 251 -7.40 -28.19 27.46
N ARG N 252 -7.16 -29.52 27.24
CA ARG N 252 -5.84 -30.07 26.88
C ARG N 252 -5.86 -31.11 25.76
N CYS N 253 -4.67 -31.35 25.16
CA CYS N 253 -4.42 -32.27 24.05
C CYS N 253 -3.77 -33.54 24.53
N VAL N 254 -4.36 -34.67 24.15
CA VAL N 254 -3.85 -35.98 24.52
C VAL N 254 -3.68 -36.82 23.27
N ASN N 255 -2.72 -37.76 23.31
CA ASN N 255 -2.46 -38.67 22.21
C ASN N 255 -3.44 -39.86 22.26
N PHE N 256 -3.41 -40.70 21.20
CA PHE N 256 -4.22 -41.89 21.06
C PHE N 256 -4.05 -42.88 22.22
N SER N 257 -2.76 -43.13 22.61
CA SER N 257 -2.37 -44.04 23.69
C SER N 257 -3.01 -43.62 25.01
N PHE N 258 -2.98 -42.32 25.36
CA PHE N 258 -3.57 -41.80 26.59
C PHE N 258 -5.05 -42.11 26.63
N CYS N 259 -5.75 -41.84 25.51
CA CYS N 259 -7.17 -42.11 25.37
C CYS N 259 -7.47 -43.59 25.49
N GLN N 260 -6.64 -44.43 24.87
CA GLN N 260 -6.71 -45.90 24.89
C GLN N 260 -6.51 -46.43 26.33
N ASP N 261 -5.49 -45.91 27.05
CA ASP N 261 -5.18 -46.33 28.42
C ASP N 261 -6.26 -45.94 29.42
N LEU N 262 -7.07 -44.89 29.15
CA LEU N 262 -8.20 -44.52 30.03
C LEU N 262 -9.34 -45.52 29.83
N HIS N 263 -9.58 -45.87 28.56
CA HIS N 263 -10.58 -46.82 28.09
C HIS N 263 -10.38 -48.21 28.74
N HIS N 264 -9.12 -48.69 28.77
CA HIS N 264 -8.74 -49.99 29.35
C HIS N 264 -8.58 -49.95 30.87
N LYS N 265 -8.22 -48.78 31.44
CA LYS N 265 -8.10 -48.56 32.87
C LYS N 265 -9.49 -48.67 33.53
N CYS N 266 -10.58 -48.46 32.74
CA CYS N 266 -11.96 -48.56 33.24
C CYS N 266 -12.63 -49.95 33.03
N CYS N 274 -17.09 -44.01 36.39
CA CYS N 274 -16.03 -44.53 35.51
C CYS N 274 -16.50 -44.64 34.04
N HIS N 275 -15.63 -44.28 33.07
CA HIS N 275 -15.96 -44.38 31.63
C HIS N 275 -14.87 -45.02 30.79
N GLN N 276 -15.29 -45.77 29.76
CA GLN N 276 -14.40 -46.39 28.77
C GLN N 276 -14.43 -45.43 27.58
N TYR N 277 -13.40 -44.53 27.50
CA TYR N 277 -13.26 -43.43 26.55
C TYR N 277 -13.21 -43.85 25.08
N VAL N 278 -13.68 -42.96 24.19
CA VAL N 278 -13.75 -43.17 22.72
C VAL N 278 -13.24 -41.94 21.91
N ILE N 279 -13.01 -42.11 20.59
CA ILE N 279 -12.60 -41.01 19.71
C ILE N 279 -13.77 -40.60 18.82
N HIS N 280 -14.20 -39.32 18.88
CA HIS N 280 -15.26 -38.77 18.04
C HIS N 280 -15.07 -37.29 17.83
N ASN N 281 -15.06 -36.87 16.55
CA ASN N 281 -14.90 -35.48 16.11
C ASN N 281 -13.68 -34.82 16.77
N ASN N 282 -12.51 -35.49 16.61
CA ASN N 282 -11.17 -35.09 17.07
C ASN N 282 -11.06 -34.85 18.60
N LYS N 283 -12.01 -35.46 19.36
CA LYS N 283 -12.09 -35.40 20.82
C LYS N 283 -11.94 -36.81 21.42
N CYS N 284 -11.38 -36.88 22.63
CA CYS N 284 -11.33 -38.10 23.44
C CYS N 284 -12.45 -37.91 24.48
N ILE N 285 -13.62 -38.53 24.22
CA ILE N 285 -14.87 -38.39 25.00
C ILE N 285 -15.24 -39.66 25.78
N PRO N 286 -16.01 -39.51 26.91
CA PRO N 286 -16.39 -40.68 27.72
C PRO N 286 -17.28 -41.72 27.05
N GLU N 287 -18.12 -41.31 26.07
CA GLU N 287 -19.05 -42.22 25.40
C GLU N 287 -19.38 -41.82 23.95
N CYS N 288 -19.62 -42.82 23.04
CA CYS N 288 -20.05 -42.61 21.63
C CYS N 288 -21.41 -41.90 21.67
N PRO N 289 -21.70 -40.94 20.76
CA PRO N 289 -23.02 -40.29 20.81
C PRO N 289 -24.13 -41.20 20.26
N SER N 290 -25.40 -40.79 20.46
CA SER N 290 -26.57 -41.53 19.98
C SER N 290 -26.46 -41.84 18.49
N GLY N 291 -26.68 -43.11 18.13
CA GLY N 291 -26.60 -43.56 16.75
C GLY N 291 -25.20 -43.95 16.31
N TYR N 292 -24.25 -43.96 17.26
CA TYR N 292 -22.87 -44.35 16.99
C TYR N 292 -22.43 -45.50 17.88
N THR N 293 -21.54 -46.33 17.33
CA THR N 293 -20.95 -47.48 17.99
C THR N 293 -19.44 -47.44 17.78
N MET N 294 -18.70 -48.08 18.66
CA MET N 294 -17.24 -48.06 18.64
C MET N 294 -16.61 -49.24 17.90
N ASN N 295 -15.69 -48.93 16.95
CA ASN N 295 -14.89 -49.95 16.27
C ASN N 295 -13.67 -50.16 17.16
N SER N 296 -13.61 -51.33 17.81
CA SER N 296 -12.62 -51.78 18.79
C SER N 296 -11.17 -51.51 18.41
N SER N 297 -10.84 -51.83 17.14
CA SER N 297 -9.52 -51.71 16.55
C SER N 297 -8.97 -50.28 16.47
N ASN N 298 -9.80 -49.23 16.66
CA ASN N 298 -9.32 -47.85 16.52
C ASN N 298 -9.99 -46.77 17.39
N LEU N 299 -10.91 -47.19 18.30
CA LEU N 299 -11.68 -46.34 19.22
C LEU N 299 -12.66 -45.36 18.54
N LEU N 300 -12.58 -45.25 17.20
CA LEU N 300 -13.37 -44.34 16.40
C LEU N 300 -14.85 -44.65 16.41
N CYS N 301 -15.68 -43.62 16.71
CA CYS N 301 -17.13 -43.73 16.74
C CYS N 301 -17.64 -43.77 15.31
N THR N 302 -18.27 -44.90 14.91
CA THR N 302 -18.85 -45.12 13.57
C THR N 302 -20.38 -45.18 13.67
N PRO N 303 -21.12 -44.65 12.66
CA PRO N 303 -22.60 -44.67 12.76
C PRO N 303 -23.21 -46.06 12.61
N CYS N 304 -24.30 -46.32 13.36
CA CYS N 304 -25.00 -47.61 13.35
C CYS N 304 -25.85 -47.77 12.10
N LEU N 305 -25.61 -48.84 11.31
CA LEU N 305 -26.46 -49.16 10.15
C LEU N 305 -27.74 -49.78 10.74
N GLY N 306 -28.77 -48.95 10.86
CA GLY N 306 -30.01 -49.34 11.52
C GLY N 306 -29.81 -49.23 13.02
N PRO N 307 -30.27 -50.22 13.82
CA PRO N 307 -30.07 -50.12 15.28
C PRO N 307 -28.63 -50.30 15.73
N CYS N 308 -28.33 -49.88 16.97
CA CYS N 308 -26.99 -50.01 17.55
C CYS N 308 -26.88 -51.37 18.27
N PRO N 309 -25.77 -52.12 18.04
CA PRO N 309 -25.64 -53.45 18.65
C PRO N 309 -25.72 -53.48 20.17
N THR O 1 -35.78 -25.61 45.67
CA THR O 1 -34.78 -24.54 45.75
C THR O 1 -33.38 -25.03 45.38
N PHE O 2 -32.41 -24.07 45.33
CA PHE O 2 -31.00 -24.33 45.07
C PHE O 2 -30.42 -25.12 46.24
N GLU O 3 -30.78 -24.71 47.48
CA GLU O 3 -30.35 -25.35 48.73
C GLU O 3 -30.78 -26.81 48.71
N ASP O 4 -31.98 -27.08 48.20
CA ASP O 4 -32.50 -28.43 48.10
C ASP O 4 -31.64 -29.24 47.16
N TYR O 5 -31.25 -28.65 45.99
CA TYR O 5 -30.38 -29.29 44.99
C TYR O 5 -29.05 -29.62 45.62
N LEU O 6 -28.37 -28.60 46.22
CA LEU O 6 -27.11 -28.74 46.92
C LEU O 6 -27.15 -29.94 47.90
N HIS O 7 -28.12 -29.93 48.82
CA HIS O 7 -28.32 -30.96 49.82
C HIS O 7 -28.47 -32.32 49.17
N ASN O 8 -29.25 -32.40 48.09
CA ASN O 8 -29.50 -33.66 47.38
C ASN O 8 -28.25 -34.24 46.72
N VAL O 9 -27.33 -33.36 46.28
CA VAL O 9 -26.09 -33.71 45.61
C VAL O 9 -25.01 -34.12 46.63
N VAL O 10 -24.81 -33.28 47.65
CA VAL O 10 -23.82 -33.39 48.72
C VAL O 10 -24.06 -34.61 49.61
N PHE O 11 -25.27 -34.75 50.13
CA PHE O 11 -25.62 -35.84 51.04
C PHE O 11 -25.91 -37.11 50.28
N VAL O 12 -24.88 -37.98 50.24
CA VAL O 12 -24.84 -39.28 49.54
C VAL O 12 -24.90 -40.45 50.54
N PRO O 13 -25.81 -41.45 50.36
CA PRO O 13 -25.84 -42.59 51.28
C PRO O 13 -24.87 -43.74 50.90
N ARG O 14 -24.62 -44.67 51.87
CA ARG O 14 -23.75 -45.85 51.70
C ARG O 14 -24.50 -46.96 50.91
N PRO O 15 -23.86 -47.62 49.91
CA PRO O 15 -24.56 -48.69 49.16
C PRO O 15 -24.64 -50.02 49.92
N PHE P 1 45.22 65.44 -38.41
CA PHE P 1 45.08 64.01 -38.69
C PHE P 1 46.24 63.43 -39.55
N VAL P 2 46.72 62.22 -39.15
CA VAL P 2 47.79 61.49 -39.83
C VAL P 2 47.27 60.15 -40.35
N ASN P 3 47.28 59.98 -41.70
CA ASN P 3 46.77 58.81 -42.43
C ASN P 3 47.52 57.53 -42.06
N GLN P 4 46.76 56.49 -41.64
CA GLN P 4 47.27 55.18 -41.20
C GLN P 4 46.20 54.10 -41.12
N HIS P 5 46.62 52.85 -40.80
CA HIS P 5 45.73 51.73 -40.57
C HIS P 5 45.15 51.89 -39.16
N LEU P 6 43.83 51.86 -39.04
CA LEU P 6 43.16 52.00 -37.76
C LEU P 6 42.34 50.74 -37.49
N CYS P 7 42.85 49.90 -36.58
CA CYS P 7 42.27 48.61 -36.23
C CYS P 7 42.05 48.53 -34.74
N GLY P 8 41.09 47.68 -34.33
CA GLY P 8 40.74 47.41 -32.95
C GLY P 8 40.53 48.63 -32.09
N SER P 9 41.26 48.73 -30.98
CA SER P 9 41.16 49.84 -30.04
C SER P 9 41.50 51.19 -30.68
N HIS P 10 42.50 51.22 -31.59
CA HIS P 10 42.94 52.43 -32.31
C HIS P 10 41.84 53.05 -33.15
N LEU P 11 41.02 52.23 -33.83
CA LEU P 11 39.91 52.69 -34.68
C LEU P 11 38.84 53.36 -33.81
N VAL P 12 38.58 52.78 -32.61
CA VAL P 12 37.62 53.28 -31.62
C VAL P 12 38.10 54.66 -31.14
N GLU P 13 39.26 54.71 -30.42
CA GLU P 13 39.90 55.91 -29.86
C GLU P 13 40.12 57.06 -30.86
N ALA P 14 40.49 56.72 -32.10
CA ALA P 14 40.72 57.72 -33.15
C ALA P 14 39.41 58.27 -33.71
N LEU P 15 38.37 57.40 -33.90
CA LEU P 15 37.06 57.80 -34.41
C LEU P 15 36.31 58.72 -33.43
N TYR P 16 36.56 58.54 -32.12
CA TYR P 16 35.98 59.36 -31.07
C TYR P 16 36.52 60.80 -31.18
N LEU P 17 37.81 60.95 -31.48
CA LEU P 17 38.40 62.28 -31.67
C LEU P 17 37.82 62.96 -32.91
N VAL P 18 37.62 62.17 -34.00
CA VAL P 18 37.05 62.59 -35.28
C VAL P 18 35.62 63.13 -35.08
N CYS P 19 34.80 62.46 -34.25
CA CYS P 19 33.43 62.89 -34.01
C CYS P 19 33.30 63.96 -32.95
N GLY P 20 34.09 63.86 -31.88
CA GLY P 20 34.06 64.82 -30.78
C GLY P 20 32.70 64.89 -30.11
N GLU P 21 32.13 66.10 -30.04
CA GLU P 21 30.81 66.32 -29.43
C GLU P 21 29.63 65.83 -30.29
N ARG P 22 29.83 65.70 -31.65
CA ARG P 22 28.81 65.19 -32.59
C ARG P 22 28.38 63.77 -32.19
N GLY P 23 29.38 62.92 -31.94
CA GLY P 23 29.18 61.52 -31.59
C GLY P 23 29.06 60.68 -32.84
N PHE P 24 28.89 59.36 -32.66
CA PHE P 24 28.79 58.39 -33.74
C PHE P 24 27.36 58.30 -34.29
N PHE P 25 27.23 57.81 -35.54
CA PHE P 25 25.94 57.67 -36.22
C PHE P 25 25.26 56.37 -35.82
N ARG P 35 28.33 42.20 -42.85
CA ARG P 35 29.58 41.45 -42.98
C ARG P 35 30.78 42.38 -43.16
N ARG P 36 30.79 43.20 -44.25
CA ARG P 36 31.85 44.16 -44.60
C ARG P 36 31.48 45.61 -44.18
N GLY P 37 32.47 46.53 -44.21
CA GLY P 37 32.28 47.94 -43.86
C GLY P 37 33.52 48.74 -43.52
N ILE P 38 33.54 49.34 -42.31
CA ILE P 38 34.62 50.21 -41.80
C ILE P 38 35.99 49.49 -41.62
N VAL P 39 35.98 48.15 -41.35
CA VAL P 39 37.19 47.34 -41.12
C VAL P 39 37.98 47.24 -42.42
N GLU P 40 37.31 46.87 -43.50
CA GLU P 40 37.94 46.76 -44.82
C GLU P 40 38.37 48.15 -45.33
N GLN P 41 37.60 49.19 -44.97
CA GLN P 41 37.85 50.57 -45.38
C GLN P 41 38.99 51.25 -44.65
N CYS P 42 39.09 51.13 -43.30
CA CYS P 42 40.10 51.84 -42.49
C CYS P 42 41.18 50.97 -41.87
N CYS P 43 40.90 49.70 -41.68
CA CYS P 43 41.90 48.85 -41.08
C CYS P 43 42.69 48.15 -42.16
N HIS P 44 41.99 47.56 -43.15
CA HIS P 44 42.62 46.87 -44.27
C HIS P 44 43.17 47.86 -45.28
N SER P 45 42.47 49.00 -45.47
CA SER P 45 42.90 50.08 -46.35
C SER P 45 43.14 51.37 -45.52
N ILE P 46 43.49 52.49 -46.14
CA ILE P 46 43.72 53.74 -45.38
C ILE P 46 42.51 54.67 -45.47
N CYS P 47 42.21 55.37 -44.35
CA CYS P 47 41.08 56.30 -44.29
C CYS P 47 41.49 57.73 -44.16
N SER P 48 40.76 58.59 -44.87
CA SER P 48 40.89 60.04 -44.84
C SER P 48 40.09 60.52 -43.63
N LEU P 49 40.32 61.78 -43.19
CA LEU P 49 39.56 62.38 -42.09
C LEU P 49 38.11 62.51 -42.56
N GLU P 50 37.92 62.75 -43.87
CA GLU P 50 36.66 62.84 -44.59
C GLU P 50 35.92 61.49 -44.57
N GLN P 51 36.66 60.37 -44.78
CA GLN P 51 36.15 58.99 -44.78
C GLN P 51 35.63 58.59 -43.40
N LEU P 52 36.37 59.00 -42.34
CA LEU P 52 36.03 58.71 -40.94
C LEU P 52 34.86 59.58 -40.44
N GLU P 53 34.80 60.86 -40.88
CA GLU P 53 33.73 61.81 -40.54
C GLU P 53 32.36 61.34 -41.02
N ASN P 54 32.33 60.50 -42.09
CA ASN P 54 31.10 59.91 -42.65
C ASN P 54 30.40 58.98 -41.65
N TYR P 55 31.10 58.63 -40.56
CA TYR P 55 30.59 57.77 -39.51
C TYR P 55 30.08 58.57 -38.29
N CYS P 56 30.22 59.93 -38.31
CA CYS P 56 29.78 60.81 -37.22
C CYS P 56 28.32 61.30 -37.34
N SER Q 3 -5.56 30.63 -1.28
CA SER Q 3 -4.64 29.83 -2.09
C SER Q 3 -5.31 28.58 -2.68
N GLN Q 4 -6.40 28.15 -2.09
CA GLN Q 4 -7.13 26.98 -2.58
C GLN Q 4 -8.03 27.36 -3.73
N VAL Q 5 -7.82 26.73 -4.90
CA VAL Q 5 -8.70 26.90 -6.05
C VAL Q 5 -10.05 26.22 -5.75
N GLN Q 6 -11.10 27.02 -5.85
CA GLN Q 6 -12.48 26.61 -5.62
C GLN Q 6 -13.45 27.42 -6.49
N LEU Q 7 -14.60 26.81 -6.83
CA LEU Q 7 -15.65 27.41 -7.67
C LEU Q 7 -16.97 27.03 -7.07
N LYS Q 8 -17.89 27.98 -6.89
CA LYS Q 8 -19.18 27.75 -6.25
C LYS Q 8 -20.32 28.31 -7.09
N GLU Q 9 -21.28 27.47 -7.49
CA GLU Q 9 -22.50 27.91 -8.22
C GLU Q 9 -23.59 28.32 -7.19
N SER Q 10 -24.46 29.29 -7.57
CA SER Q 10 -25.62 29.81 -6.85
C SER Q 10 -26.77 29.85 -7.86
N GLY Q 11 -27.83 29.09 -7.64
CA GLY Q 11 -28.93 29.00 -8.57
C GLY Q 11 -30.25 28.74 -7.89
N PRO Q 12 -31.38 28.86 -8.63
CA PRO Q 12 -32.71 28.82 -7.99
C PRO Q 12 -33.34 27.49 -7.52
N GLY Q 13 -32.84 26.34 -7.98
CA GLY Q 13 -33.42 25.07 -7.55
C GLY Q 13 -34.57 24.66 -8.43
N LEU Q 14 -35.66 25.46 -8.41
CA LEU Q 14 -36.86 25.26 -9.23
C LEU Q 14 -37.13 26.42 -10.08
N VAL Q 15 -37.38 26.14 -11.34
CA VAL Q 15 -37.69 27.14 -12.35
C VAL Q 15 -38.91 26.65 -13.08
N ALA Q 16 -39.83 27.58 -13.39
CA ALA Q 16 -41.06 27.33 -14.10
C ALA Q 16 -40.71 27.34 -15.59
N PRO Q 17 -41.26 26.40 -16.40
CA PRO Q 17 -40.95 26.42 -17.86
C PRO Q 17 -41.27 27.77 -18.47
N SER Q 18 -40.48 28.19 -19.47
CA SER Q 18 -40.58 29.44 -20.26
C SER Q 18 -39.99 30.68 -19.57
N GLN Q 19 -39.65 30.57 -18.29
CA GLN Q 19 -39.02 31.63 -17.51
C GLN Q 19 -37.51 31.56 -17.69
N SER Q 20 -36.78 32.59 -17.21
CA SER Q 20 -35.32 32.65 -17.35
C SER Q 20 -34.63 32.22 -16.06
N LEU Q 21 -33.39 31.81 -16.19
CA LEU Q 21 -32.55 31.30 -15.12
C LEU Q 21 -31.25 32.12 -15.06
N SER Q 22 -30.71 32.28 -13.84
CA SER Q 22 -29.43 32.92 -13.56
C SER Q 22 -28.72 32.10 -12.51
N ILE Q 23 -27.48 31.74 -12.85
CA ILE Q 23 -26.55 31.01 -12.00
C ILE Q 23 -25.27 31.84 -11.92
N THR Q 24 -24.76 32.08 -10.70
CA THR Q 24 -23.55 32.85 -10.40
C THR Q 24 -22.52 31.88 -9.86
N CYS Q 25 -21.39 31.79 -10.56
CA CYS Q 25 -20.21 31.02 -10.21
C CYS Q 25 -19.29 32.01 -9.51
N THR Q 26 -19.05 31.80 -8.23
CA THR Q 26 -18.12 32.61 -7.46
C THR Q 26 -16.83 31.78 -7.34
N VAL Q 27 -15.74 32.33 -7.84
CA VAL Q 27 -14.46 31.63 -7.82
C VAL Q 27 -13.51 32.24 -6.77
N SER Q 28 -12.55 31.44 -6.34
CA SER Q 28 -11.54 31.85 -5.40
C SER Q 28 -10.23 31.10 -5.71
N GLY Q 29 -9.11 31.74 -5.38
CA GLY Q 29 -7.79 31.13 -5.52
C GLY Q 29 -7.10 31.28 -6.87
N PHE Q 30 -7.71 32.06 -7.79
CA PHE Q 30 -7.14 32.35 -9.11
C PHE Q 30 -7.83 33.57 -9.71
N PRO Q 31 -7.13 34.35 -10.58
CA PRO Q 31 -7.77 35.51 -11.22
C PRO Q 31 -8.63 35.11 -12.42
N LEU Q 32 -9.80 35.71 -12.55
CA LEU Q 32 -10.70 35.45 -13.66
C LEU Q 32 -10.19 36.07 -14.95
N THR Q 33 -9.19 36.99 -14.85
CA THR Q 33 -8.55 37.63 -16.01
C THR Q 33 -7.59 36.70 -16.73
N ALA Q 34 -7.03 35.69 -16.02
CA ALA Q 34 -6.05 34.76 -16.60
C ALA Q 34 -6.62 33.41 -16.99
N TYR Q 35 -7.80 33.04 -16.43
CA TYR Q 35 -8.45 31.75 -16.68
C TYR Q 35 -9.86 31.90 -17.25
N GLY Q 36 -10.26 30.90 -18.05
CA GLY Q 36 -11.60 30.80 -18.60
C GLY Q 36 -12.49 30.02 -17.65
N VAL Q 37 -13.80 30.20 -17.76
CA VAL Q 37 -14.75 29.48 -16.93
C VAL Q 37 -15.80 28.91 -17.87
N ASN Q 38 -16.01 27.57 -17.77
CA ASN Q 38 -17.03 26.88 -18.56
C ASN Q 38 -18.28 26.64 -17.74
N TRP Q 39 -19.39 26.42 -18.46
CA TRP Q 39 -20.68 26.01 -17.94
C TRP Q 39 -20.97 24.66 -18.58
N VAL Q 40 -21.03 23.63 -17.77
CA VAL Q 40 -21.31 22.26 -18.22
C VAL Q 40 -22.53 21.77 -17.42
N ARG Q 41 -23.55 21.21 -18.08
CA ARG Q 41 -24.71 20.66 -17.39
C ARG Q 41 -24.82 19.17 -17.55
N GLN Q 42 -25.52 18.54 -16.61
CA GLN Q 42 -25.72 17.13 -16.64
C GLN Q 42 -27.15 16.76 -16.24
N PRO Q 43 -27.97 16.32 -17.23
CA PRO Q 43 -29.32 15.87 -16.93
C PRO Q 43 -29.27 14.63 -16.03
N PRO Q 44 -30.31 14.41 -15.18
CA PRO Q 44 -30.30 13.25 -14.29
C PRO Q 44 -30.20 11.93 -15.04
N GLY Q 45 -29.15 11.16 -14.71
CA GLY Q 45 -28.86 9.85 -15.29
C GLY Q 45 -28.24 9.88 -16.67
N LYS Q 46 -27.99 11.09 -17.19
CA LYS Q 46 -27.43 11.33 -18.52
C LYS Q 46 -26.03 11.95 -18.44
N GLY Q 47 -25.38 12.11 -19.61
CA GLY Q 47 -24.02 12.61 -19.79
C GLY Q 47 -23.82 14.11 -19.65
N LEU Q 48 -22.55 14.52 -19.71
CA LEU Q 48 -22.15 15.91 -19.60
C LEU Q 48 -22.35 16.66 -20.92
N GLU Q 49 -22.96 17.85 -20.86
CA GLU Q 49 -23.17 18.72 -22.01
C GLU Q 49 -22.53 20.10 -21.75
N TRP Q 50 -21.60 20.50 -22.65
CA TRP Q 50 -20.91 21.77 -22.58
C TRP Q 50 -21.87 22.87 -23.07
N LEU Q 51 -22.03 23.94 -22.28
CA LEU Q 51 -22.90 25.06 -22.60
C LEU Q 51 -22.17 26.26 -23.23
N GLY Q 52 -21.07 26.67 -22.62
CA GLY Q 52 -20.28 27.80 -23.08
C GLY Q 52 -19.09 28.11 -22.20
N MET Q 53 -18.19 28.97 -22.66
CA MET Q 53 -17.00 29.36 -21.93
C MET Q 53 -16.76 30.86 -22.06
N ILE Q 54 -16.22 31.48 -21.00
CA ILE Q 54 -15.84 32.89 -20.98
C ILE Q 54 -14.34 32.99 -20.71
N TRP Q 55 -13.61 33.48 -21.73
CA TRP Q 55 -12.15 33.64 -21.74
C TRP Q 55 -11.72 34.77 -20.82
N GLY Q 56 -10.44 34.77 -20.43
CA GLY Q 56 -9.89 35.81 -19.56
C GLY Q 56 -10.17 37.21 -20.06
N ASP Q 57 -9.97 37.43 -21.39
CA ASP Q 57 -10.17 38.70 -22.11
C ASP Q 57 -11.65 39.15 -22.24
N GLY Q 58 -12.58 38.34 -21.70
CA GLY Q 58 -14.02 38.59 -21.69
C GLY Q 58 -14.81 38.02 -22.86
N ASN Q 59 -14.13 37.36 -23.81
CA ASN Q 59 -14.74 36.78 -25.01
C ASN Q 59 -15.49 35.53 -24.65
N THR Q 60 -16.58 35.23 -25.35
CA THR Q 60 -17.46 34.08 -25.07
C THR Q 60 -17.69 33.15 -26.26
N ASP Q 61 -17.74 31.85 -25.98
CA ASP Q 61 -18.05 30.81 -26.95
C ASP Q 61 -19.23 30.02 -26.37
N TYR Q 62 -20.23 29.70 -27.21
CA TYR Q 62 -21.45 28.98 -26.81
C TYR Q 62 -21.69 27.72 -27.64
N ASN Q 63 -22.46 26.79 -27.05
CA ASN Q 63 -22.88 25.56 -27.70
C ASN Q 63 -23.87 26.01 -28.77
N SER Q 64 -23.55 25.77 -30.05
CA SER Q 64 -24.36 26.16 -31.22
C SER Q 64 -25.84 25.82 -31.08
N ALA Q 65 -26.14 24.64 -30.49
CA ALA Q 65 -27.49 24.19 -30.23
C ALA Q 65 -28.23 25.05 -29.20
N LEU Q 66 -27.50 25.71 -28.28
CA LEU Q 66 -28.13 26.53 -27.23
C LEU Q 66 -27.81 28.05 -27.30
N LYS Q 67 -26.93 28.46 -28.23
CA LYS Q 67 -26.48 29.84 -28.49
C LYS Q 67 -27.57 30.91 -28.33
N SER Q 68 -28.75 30.64 -28.93
CA SER Q 68 -29.91 31.52 -28.95
C SER Q 68 -30.42 31.93 -27.57
N ARG Q 69 -30.32 31.02 -26.58
CA ARG Q 69 -30.85 31.22 -25.22
C ARG Q 69 -29.81 31.42 -24.12
N LEU Q 70 -28.53 31.32 -24.45
CA LEU Q 70 -27.44 31.41 -23.47
C LEU Q 70 -26.73 32.75 -23.46
N SER Q 71 -26.31 33.19 -22.27
CA SER Q 71 -25.58 34.45 -22.08
C SER Q 71 -24.63 34.35 -20.91
N ILE Q 72 -23.34 34.39 -21.22
CA ILE Q 72 -22.27 34.34 -20.24
C ILE Q 72 -21.63 35.74 -20.13
N SER Q 73 -21.40 36.19 -18.91
CA SER Q 73 -20.80 37.49 -18.55
C SER Q 73 -20.05 37.26 -17.25
N LYS Q 74 -19.32 38.30 -16.77
CA LYS Q 74 -18.55 38.17 -15.53
C LYS Q 74 -18.25 39.50 -14.89
N ASP Q 75 -17.61 39.45 -13.71
CA ASP Q 75 -17.09 40.59 -12.96
C ASP Q 75 -15.80 40.10 -12.30
N ASN Q 76 -14.66 40.40 -12.94
CA ASN Q 76 -13.33 40.01 -12.50
C ASN Q 76 -13.05 40.42 -11.06
N SER Q 77 -13.35 41.68 -10.73
CA SER Q 77 -13.11 42.25 -9.40
C SER Q 77 -13.85 41.51 -8.30
N LYS Q 78 -15.08 41.04 -8.60
CA LYS Q 78 -15.93 40.29 -7.67
C LYS Q 78 -15.72 38.77 -7.73
N SER Q 79 -14.87 38.30 -8.66
CA SER Q 79 -14.55 36.89 -8.91
C SER Q 79 -15.82 36.11 -9.18
N GLN Q 80 -16.67 36.68 -10.07
CA GLN Q 80 -17.97 36.12 -10.43
C GLN Q 80 -18.18 35.98 -11.91
N VAL Q 81 -18.73 34.84 -12.31
CA VAL Q 81 -19.13 34.51 -13.68
C VAL Q 81 -20.64 34.22 -13.59
N PHE Q 82 -21.40 34.66 -14.59
CA PHE Q 82 -22.86 34.52 -14.64
C PHE Q 82 -23.33 33.74 -15.86
N LEU Q 83 -24.31 32.84 -15.66
CA LEU Q 83 -25.00 32.11 -16.73
C LEU Q 83 -26.44 32.63 -16.77
N LYS Q 84 -26.87 33.13 -17.92
CA LYS Q 84 -28.24 33.56 -18.12
C LYS Q 84 -28.79 32.65 -19.21
N MET Q 85 -29.92 32.03 -18.91
CA MET Q 85 -30.57 31.10 -19.81
C MET Q 85 -32.04 31.49 -19.88
N ASN Q 86 -32.57 31.69 -21.12
CA ASN Q 86 -33.96 32.11 -21.37
C ASN Q 86 -34.85 30.97 -21.89
N SER Q 87 -36.18 31.21 -21.92
CA SER Q 87 -37.26 30.31 -22.38
C SER Q 87 -36.96 28.84 -22.11
N LEU Q 88 -36.91 28.51 -20.80
CA LEU Q 88 -36.57 27.21 -20.25
C LEU Q 88 -37.63 26.14 -20.47
N GLN Q 89 -37.17 24.90 -20.68
CA GLN Q 89 -38.00 23.71 -20.90
C GLN Q 89 -37.55 22.56 -20.02
N THR Q 90 -38.35 21.49 -19.91
CA THR Q 90 -38.08 20.32 -19.07
C THR Q 90 -36.76 19.64 -19.42
N ASP Q 91 -36.29 19.74 -20.69
CA ASP Q 91 -35.01 19.21 -21.17
C ASP Q 91 -33.86 19.97 -20.56
N ASP Q 92 -34.15 21.14 -19.94
CA ASP Q 92 -33.11 21.92 -19.30
C ASP Q 92 -32.94 21.55 -17.84
N THR Q 93 -33.72 20.55 -17.34
CA THR Q 93 -33.58 20.00 -16.00
C THR Q 93 -32.25 19.23 -15.96
N ALA Q 94 -31.31 19.72 -15.08
CA ALA Q 94 -29.97 19.20 -14.98
C ALA Q 94 -29.22 19.79 -13.78
N ARG Q 95 -28.03 19.18 -13.40
CA ARG Q 95 -27.09 19.75 -12.43
C ARG Q 95 -26.10 20.62 -13.31
N TYR Q 96 -25.95 21.91 -12.97
CA TYR Q 96 -25.14 22.87 -13.70
C TYR Q 96 -23.81 23.15 -12.96
N TYR Q 97 -22.69 22.88 -13.63
CA TYR Q 97 -21.37 23.09 -13.07
C TYR Q 97 -20.65 24.21 -13.76
N CYS Q 98 -19.76 24.86 -13.02
CA CYS Q 98 -18.79 25.79 -13.58
C CYS Q 98 -17.37 25.15 -13.28
N ALA Q 99 -16.50 25.16 -14.28
CA ALA Q 99 -15.15 24.60 -14.20
C ALA Q 99 -14.18 25.62 -14.76
N ARG Q 100 -12.95 25.61 -14.20
CA ARG Q 100 -11.84 26.49 -14.60
C ARG Q 100 -11.25 25.95 -15.87
N ASP Q 101 -10.85 26.86 -16.75
CA ASP Q 101 -10.22 26.51 -17.99
C ASP Q 101 -8.82 27.13 -18.07
N PRO Q 102 -7.79 26.35 -17.70
CA PRO Q 102 -6.43 26.86 -17.84
C PRO Q 102 -6.00 26.71 -19.32
N TYR Q 103 -6.74 27.43 -20.21
CA TYR Q 103 -6.58 27.42 -21.67
C TYR Q 103 -5.18 27.67 -22.07
N GLY Q 104 -4.67 26.79 -22.91
CA GLY Q 104 -3.30 26.84 -23.41
C GLY Q 104 -2.34 25.92 -22.70
N SER Q 105 -2.79 25.34 -21.57
CA SER Q 105 -2.04 24.41 -20.73
C SER Q 105 -2.89 23.16 -20.39
N LYS Q 106 -4.04 23.36 -19.76
CA LYS Q 106 -4.91 22.26 -19.38
C LYS Q 106 -6.40 22.42 -19.78
N PRO Q 107 -7.12 21.28 -19.94
CA PRO Q 107 -8.58 21.35 -20.13
C PRO Q 107 -9.24 21.67 -18.76
N MET Q 108 -10.58 21.79 -18.69
CA MET Q 108 -11.25 22.07 -17.41
C MET Q 108 -10.62 21.25 -16.27
N ASP Q 109 -9.98 21.90 -15.30
CA ASP Q 109 -9.36 21.14 -14.22
C ASP Q 109 -10.23 21.10 -12.95
N TYR Q 110 -10.45 22.25 -12.30
CA TYR Q 110 -11.27 22.38 -11.10
C TYR Q 110 -12.73 22.65 -11.46
N TRP Q 111 -13.64 21.85 -10.84
CA TRP Q 111 -15.08 21.94 -10.99
C TRP Q 111 -15.70 22.37 -9.68
N GLY Q 112 -16.89 22.95 -9.80
CA GLY Q 112 -17.70 23.29 -8.66
C GLY Q 112 -18.47 22.06 -8.26
N GLN Q 113 -19.26 22.12 -7.16
CA GLN Q 113 -20.00 20.91 -6.76
C GLN Q 113 -21.36 20.80 -7.50
N GLY Q 114 -21.67 21.82 -8.28
CA GLY Q 114 -22.87 21.89 -9.11
C GLY Q 114 -24.07 22.41 -8.37
N THR Q 115 -25.09 22.75 -9.12
CA THR Q 115 -26.37 23.23 -8.59
C THR Q 115 -27.48 22.50 -9.36
N SER Q 116 -28.35 21.80 -8.64
CA SER Q 116 -29.45 21.11 -9.30
C SER Q 116 -30.56 22.10 -9.73
N VAL Q 117 -30.87 22.12 -11.04
CA VAL Q 117 -31.94 22.94 -11.59
C VAL Q 117 -33.05 22.01 -12.16
N THR Q 118 -34.25 22.10 -11.61
CA THR Q 118 -35.41 21.33 -12.02
C THR Q 118 -36.41 22.30 -12.65
N VAL Q 119 -36.78 22.07 -13.91
CA VAL Q 119 -37.70 22.92 -14.68
C VAL Q 119 -39.06 22.23 -14.70
N SER Q 120 -39.97 22.68 -13.81
CA SER Q 120 -41.26 22.05 -13.61
C SER Q 120 -42.37 23.01 -13.15
N SER Q 121 -43.62 22.52 -13.25
CA SER Q 121 -44.84 23.20 -12.79
C SER Q 121 -44.92 23.09 -11.25
N GLY R 2 -16.55 28.01 -40.00
CA GLY R 2 -16.72 27.32 -38.73
C GLY R 2 -17.60 26.08 -38.81
N SER R 3 -17.41 25.13 -37.85
CA SER R 3 -18.13 23.83 -37.69
C SER R 3 -17.91 23.24 -36.27
N ASP R 4 -18.88 22.40 -35.78
CA ASP R 4 -18.82 21.79 -34.43
C ASP R 4 -18.39 20.31 -34.44
N ILE R 5 -17.38 19.99 -33.59
CA ILE R 5 -16.83 18.63 -33.49
C ILE R 5 -17.77 17.69 -32.73
N VAL R 6 -17.87 16.46 -33.25
CA VAL R 6 -18.69 15.39 -32.69
C VAL R 6 -17.80 14.36 -32.04
N MET R 7 -18.17 13.94 -30.85
CA MET R 7 -17.48 12.95 -30.07
C MET R 7 -18.37 11.72 -29.92
N SER R 8 -17.77 10.53 -30.06
CA SER R 8 -18.46 9.25 -29.94
C SER R 8 -17.66 8.37 -29.00
N GLN R 9 -18.34 7.61 -28.13
CA GLN R 9 -17.70 6.72 -27.15
C GLN R 9 -18.20 5.28 -27.25
N SER R 10 -17.30 4.32 -27.02
CA SER R 10 -17.62 2.90 -27.07
C SER R 10 -16.80 2.12 -26.04
N PRO R 11 -17.41 1.17 -25.28
CA PRO R 11 -18.83 0.81 -25.27
C PRO R 11 -19.65 1.78 -24.42
N SER R 12 -20.97 1.69 -24.47
CA SER R 12 -21.81 2.57 -23.65
C SER R 12 -21.66 2.21 -22.15
N SER R 13 -21.53 0.91 -21.87
CA SER R 13 -21.36 0.37 -20.53
C SER R 13 -20.48 -0.84 -20.58
N LEU R 14 -19.77 -1.13 -19.48
CA LEU R 14 -18.98 -2.34 -19.37
C LEU R 14 -18.89 -2.78 -17.90
N VAL R 15 -19.09 -4.08 -17.69
CA VAL R 15 -19.10 -4.69 -16.36
C VAL R 15 -17.89 -5.62 -16.25
N VAL R 16 -17.04 -5.33 -15.28
CA VAL R 16 -15.82 -6.08 -15.07
C VAL R 16 -15.64 -6.48 -13.63
N SER R 17 -14.82 -7.53 -13.40
CA SER R 17 -14.48 -7.90 -12.05
C SER R 17 -13.18 -7.17 -11.65
N VAL R 18 -12.98 -7.01 -10.34
CA VAL R 18 -11.79 -6.35 -9.77
C VAL R 18 -10.51 -7.00 -10.33
N GLY R 19 -9.59 -6.15 -10.77
CA GLY R 19 -8.29 -6.57 -11.29
C GLY R 19 -8.19 -6.86 -12.78
N GLU R 20 -9.31 -6.65 -13.53
CA GLU R 20 -9.37 -6.87 -14.98
C GLU R 20 -8.79 -5.68 -15.74
N LYS R 21 -8.22 -5.91 -16.96
CA LYS R 21 -7.75 -4.82 -17.81
C LYS R 21 -8.99 -4.30 -18.54
N VAL R 22 -9.10 -2.99 -18.70
CA VAL R 22 -10.26 -2.37 -19.34
C VAL R 22 -9.81 -1.38 -20.38
N THR R 23 -10.45 -1.40 -21.56
CA THR R 23 -10.18 -0.46 -22.64
C THR R 23 -11.47 0.18 -23.13
N MET R 24 -11.53 1.51 -23.14
CA MET R 24 -12.66 2.27 -23.68
C MET R 24 -12.17 3.19 -24.77
N SER R 25 -12.99 3.37 -25.81
CA SER R 25 -12.67 4.12 -27.00
C SER R 25 -13.40 5.46 -27.11
N CYS R 26 -12.81 6.38 -27.90
CA CYS R 26 -13.28 7.73 -28.20
C CYS R 26 -12.97 8.06 -29.65
N LYS R 27 -13.97 8.57 -30.38
CA LYS R 27 -13.84 8.95 -31.78
C LYS R 27 -14.19 10.42 -31.99
N SER R 28 -13.42 11.11 -32.84
CA SER R 28 -13.62 12.52 -33.12
C SER R 28 -13.98 12.76 -34.59
N SER R 29 -14.97 13.66 -34.84
CA SER R 29 -15.40 14.01 -36.20
C SER R 29 -14.29 14.70 -37.02
N GLN R 30 -13.30 15.34 -36.34
CA GLN R 30 -12.17 16.06 -36.93
C GLN R 30 -10.89 15.78 -36.13
N SER R 31 -9.71 15.89 -36.77
CA SER R 31 -8.43 15.69 -36.07
C SER R 31 -8.24 16.73 -34.97
N LEU R 32 -7.83 16.26 -33.80
CA LEU R 32 -7.60 17.08 -32.61
C LEU R 32 -6.13 17.39 -32.42
N LEU R 33 -5.29 16.99 -33.42
CA LEU R 33 -3.85 17.18 -33.41
C LEU R 33 -3.53 18.61 -33.85
N TYR R 34 -2.87 19.35 -32.95
CA TYR R 34 -2.43 20.72 -33.17
C TYR R 34 -1.11 20.67 -33.92
N SER R 35 -1.04 21.33 -35.09
CA SER R 35 0.18 21.32 -35.89
C SER R 35 1.34 22.04 -35.22
N SER R 36 1.05 22.96 -34.27
CA SER R 36 2.08 23.72 -33.55
C SER R 36 2.97 22.87 -32.68
N ASN R 37 2.40 22.14 -31.71
CA ASN R 37 3.16 21.33 -30.77
C ASN R 37 3.09 19.81 -31.01
N GLN R 38 2.28 19.38 -32.00
CA GLN R 38 2.06 17.96 -32.37
C GLN R 38 1.40 17.16 -31.20
N LYS R 39 0.56 17.86 -30.44
CA LYS R 39 -0.19 17.28 -29.33
C LYS R 39 -1.68 17.31 -29.63
N ASN R 40 -2.40 16.30 -29.14
CA ASN R 40 -3.85 16.20 -29.36
C ASN R 40 -4.63 16.87 -28.25
N PHE R 41 -5.58 17.76 -28.62
CA PHE R 41 -6.47 18.46 -27.69
C PHE R 41 -7.61 17.54 -27.30
N LEU R 42 -7.27 16.47 -26.58
CA LEU R 42 -8.22 15.49 -26.05
C LEU R 42 -7.95 15.19 -24.58
N ALA R 43 -9.04 15.19 -23.78
CA ALA R 43 -9.00 14.91 -22.35
C ALA R 43 -9.94 13.76 -21.96
N TRP R 44 -9.62 13.08 -20.85
CA TRP R 44 -10.43 12.02 -20.24
C TRP R 44 -10.78 12.44 -18.83
N TYR R 45 -12.07 12.38 -18.51
CA TYR R 45 -12.60 12.67 -17.20
C TYR R 45 -13.20 11.44 -16.61
N GLN R 46 -13.17 11.32 -15.27
CA GLN R 46 -13.78 10.25 -14.49
C GLN R 46 -14.78 10.89 -13.54
N GLN R 47 -16.02 10.41 -13.55
CA GLN R 47 -17.01 10.94 -12.64
C GLN R 47 -17.63 9.81 -11.77
N LYS R 48 -17.19 9.73 -10.49
CA LYS R 48 -17.68 8.73 -9.54
C LYS R 48 -19.09 9.11 -9.09
N PRO R 49 -19.95 8.15 -8.70
CA PRO R 49 -21.30 8.51 -8.24
C PRO R 49 -21.38 9.60 -7.15
N GLY R 50 -22.18 10.65 -7.39
CA GLY R 50 -22.43 11.76 -6.45
C GLY R 50 -21.23 12.67 -6.19
N GLN R 51 -20.42 12.84 -7.26
CA GLN R 51 -19.21 13.65 -7.27
C GLN R 51 -19.14 14.38 -8.59
N SER R 52 -18.44 15.55 -8.61
CA SER R 52 -18.23 16.28 -9.87
C SER R 52 -17.16 15.60 -10.70
N PRO R 53 -17.09 15.81 -12.04
CA PRO R 53 -16.02 15.14 -12.84
C PRO R 53 -14.60 15.52 -12.45
N LYS R 54 -13.68 14.57 -12.60
CA LYS R 54 -12.25 14.70 -12.28
C LYS R 54 -11.42 14.43 -13.55
N LEU R 55 -10.54 15.41 -13.91
CA LEU R 55 -9.61 15.30 -15.05
C LEU R 55 -8.59 14.23 -14.77
N LEU R 56 -8.44 13.30 -15.73
CA LEU R 56 -7.49 12.20 -15.63
C LEU R 56 -6.32 12.42 -16.56
N ILE R 57 -6.63 12.55 -17.85
CA ILE R 57 -5.64 12.65 -18.91
C ILE R 57 -5.96 13.86 -19.73
N TYR R 58 -4.95 14.55 -20.21
CA TYR R 58 -5.04 15.63 -21.15
C TYR R 58 -3.90 15.47 -22.15
N TRP R 59 -3.93 16.18 -23.29
CA TRP R 59 -2.95 16.04 -24.37
C TRP R 59 -2.93 14.57 -24.83
N ALA R 60 -4.11 13.90 -24.76
CA ALA R 60 -4.39 12.50 -25.12
C ALA R 60 -3.68 11.44 -24.26
N SER R 61 -2.48 11.75 -23.72
CA SER R 61 -1.66 10.80 -22.97
C SER R 61 -1.04 11.32 -21.68
N THR R 62 -1.14 12.64 -21.40
CA THR R 62 -0.55 13.23 -20.20
C THR R 62 -1.45 13.04 -19.02
N ARG R 63 -0.92 12.44 -17.95
CA ARG R 63 -1.65 12.20 -16.71
C ARG R 63 -1.73 13.49 -15.91
N GLU R 64 -2.91 13.77 -15.33
CA GLU R 64 -3.10 14.94 -14.47
C GLU R 64 -2.46 14.57 -13.14
N SER R 65 -1.88 15.56 -12.41
CA SER R 65 -1.21 15.30 -11.12
C SER R 65 -2.13 14.59 -10.16
N GLY R 66 -1.62 13.54 -9.53
CA GLY R 66 -2.38 12.72 -8.61
C GLY R 66 -2.96 11.46 -9.21
N VAL R 67 -3.25 11.46 -10.53
CA VAL R 67 -3.82 10.34 -11.26
C VAL R 67 -2.87 9.10 -11.26
N PRO R 68 -3.36 7.91 -10.79
CA PRO R 68 -2.49 6.71 -10.77
C PRO R 68 -2.00 6.25 -12.13
N ASP R 69 -0.88 5.53 -12.12
CA ASP R 69 -0.24 4.98 -13.32
C ASP R 69 -1.08 3.88 -14.01
N ARG R 70 -2.12 3.34 -13.32
CA ARG R 70 -3.00 2.31 -13.88
C ARG R 70 -3.87 2.86 -15.02
N PHE R 71 -4.15 4.19 -15.01
CA PHE R 71 -4.88 4.93 -16.04
C PHE R 71 -3.92 5.35 -17.13
N THR R 72 -4.17 4.92 -18.39
CA THR R 72 -3.29 5.20 -19.55
C THR R 72 -4.08 5.62 -20.79
N GLY R 73 -3.81 6.84 -21.24
CA GLY R 73 -4.46 7.43 -22.41
C GLY R 73 -3.59 7.25 -23.61
N SER R 74 -4.19 6.85 -24.74
CA SER R 74 -3.46 6.62 -26.00
C SER R 74 -4.27 7.09 -27.21
N GLY R 75 -3.60 7.21 -28.36
CA GLY R 75 -4.20 7.63 -29.62
C GLY R 75 -3.73 8.96 -30.18
N SER R 76 -4.12 9.23 -31.43
CA SER R 76 -3.78 10.47 -32.15
C SER R 76 -4.80 10.75 -33.24
N GLY R 77 -5.01 12.05 -33.50
CA GLY R 77 -5.92 12.57 -34.51
C GLY R 77 -7.39 12.52 -34.14
N THR R 78 -8.07 11.43 -34.54
CA THR R 78 -9.50 11.20 -34.34
C THR R 78 -9.79 9.97 -33.49
N ASP R 79 -8.84 9.03 -33.38
CA ASP R 79 -9.06 7.81 -32.62
C ASP R 79 -8.26 7.73 -31.36
N PHE R 80 -8.96 7.58 -30.22
CA PHE R 80 -8.33 7.58 -28.89
C PHE R 80 -8.88 6.52 -27.95
N THR R 81 -8.03 6.04 -27.01
CA THR R 81 -8.46 5.07 -26.00
C THR R 81 -7.95 5.41 -24.58
N LEU R 82 -8.69 4.94 -23.59
CA LEU R 82 -8.36 5.00 -22.19
C LEU R 82 -8.25 3.56 -21.69
N THR R 83 -7.17 3.27 -20.95
CA THR R 83 -6.93 1.94 -20.43
C THR R 83 -6.69 1.95 -18.91
N ILE R 84 -7.26 0.96 -18.21
CA ILE R 84 -7.08 0.73 -16.78
C ILE R 84 -6.45 -0.66 -16.68
N SER R 85 -5.15 -0.72 -16.27
CA SER R 85 -4.39 -1.97 -16.18
C SER R 85 -5.00 -3.02 -15.24
N SER R 86 -5.36 -2.60 -14.03
CA SER R 86 -5.98 -3.49 -13.05
C SER R 86 -7.01 -2.63 -12.36
N VAL R 87 -8.25 -2.80 -12.82
CA VAL R 87 -9.39 -2.08 -12.28
C VAL R 87 -9.50 -2.39 -10.77
N LYS R 88 -9.80 -1.34 -9.98
CA LYS R 88 -10.01 -1.42 -8.54
C LYS R 88 -11.48 -1.11 -8.30
N ALA R 89 -11.97 -1.42 -7.10
CA ALA R 89 -13.38 -1.17 -6.71
C ALA R 89 -13.75 0.31 -6.79
N GLU R 90 -12.76 1.18 -6.50
CA GLU R 90 -12.87 2.63 -6.51
C GLU R 90 -13.00 3.20 -7.91
N ASP R 91 -12.71 2.39 -8.94
CA ASP R 91 -12.79 2.81 -10.33
C ASP R 91 -14.21 2.84 -10.86
N LEU R 92 -15.22 2.40 -10.04
CA LEU R 92 -16.64 2.50 -10.38
C LEU R 92 -16.92 3.98 -10.61
N ALA R 93 -17.20 4.34 -11.88
CA ALA R 93 -17.43 5.69 -12.37
C ALA R 93 -17.86 5.66 -13.83
N VAL R 94 -18.21 6.84 -14.37
CA VAL R 94 -18.50 7.08 -15.79
C VAL R 94 -17.30 7.86 -16.35
N TYR R 95 -16.69 7.35 -17.42
CA TYR R 95 -15.54 7.97 -18.04
C TYR R 95 -15.94 8.69 -19.33
N TYR R 96 -15.65 10.00 -19.43
CA TYR R 96 -15.99 10.79 -20.61
C TYR R 96 -14.76 11.31 -21.30
N CYS R 97 -14.76 11.30 -22.64
CA CYS R 97 -13.68 11.94 -23.37
C CYS R 97 -14.20 13.30 -23.74
N GLN R 98 -13.31 14.29 -23.91
CA GLN R 98 -13.67 15.67 -24.23
C GLN R 98 -12.66 16.29 -25.15
N GLN R 99 -13.13 16.91 -26.22
CA GLN R 99 -12.23 17.61 -27.11
C GLN R 99 -12.17 19.05 -26.65
N TYR R 100 -11.01 19.68 -26.73
CA TYR R 100 -10.87 21.07 -26.33
C TYR R 100 -10.02 21.84 -27.39
N PHE R 101 -10.12 21.39 -28.67
CA PHE R 101 -9.47 21.98 -29.84
C PHE R 101 -10.06 23.35 -30.14
N ARG R 102 -11.33 23.40 -30.60
CA ARG R 102 -12.13 24.61 -30.80
C ARG R 102 -13.44 24.36 -30.07
N TYR R 103 -13.68 25.17 -29.01
CA TYR R 103 -14.79 25.02 -28.07
C TYR R 103 -14.53 23.70 -27.33
N ARG R 104 -15.57 23.06 -26.72
CA ARG R 104 -15.45 21.79 -26.02
C ARG R 104 -16.63 20.91 -26.34
N THR R 105 -16.40 19.59 -26.41
CA THR R 105 -17.43 18.60 -26.67
C THR R 105 -17.13 17.35 -25.85
N PHE R 106 -18.11 16.83 -25.12
CA PHE R 106 -17.96 15.61 -24.32
C PHE R 106 -18.61 14.46 -25.07
N GLY R 107 -17.99 13.30 -24.98
CA GLY R 107 -18.57 12.09 -25.54
C GLY R 107 -19.71 11.61 -24.67
N GLY R 108 -20.36 10.53 -25.11
CA GLY R 108 -21.48 9.93 -24.40
C GLY R 108 -21.20 9.35 -23.03
N GLY R 109 -19.96 8.93 -22.81
CA GLY R 109 -19.53 8.32 -21.56
C GLY R 109 -19.57 6.82 -21.63
N THR R 110 -18.66 6.15 -20.90
CA THR R 110 -18.60 4.70 -20.76
C THR R 110 -18.81 4.41 -19.25
N LYS R 111 -19.93 3.74 -18.90
CA LYS R 111 -20.24 3.39 -17.53
C LYS R 111 -19.43 2.17 -17.10
N LEU R 112 -18.50 2.34 -16.16
CA LEU R 112 -17.72 1.22 -15.68
C LEU R 112 -18.32 0.68 -14.40
N GLU R 113 -18.92 -0.52 -14.50
CA GLU R 113 -19.54 -1.21 -13.37
C GLU R 113 -18.60 -2.34 -12.88
N ILE R 114 -18.59 -2.62 -11.56
CA ILE R 114 -17.75 -3.65 -10.93
C ILE R 114 -18.59 -4.83 -10.44
N LYS R 115 -18.19 -6.05 -10.82
CA LYS R 115 -18.85 -7.31 -10.44
C LYS R 115 -18.55 -7.67 -9.00
N PRO S 4 3.94 42.51 -17.04
CA PRO S 4 3.10 43.32 -16.12
C PRO S 4 3.11 44.80 -16.52
N GLY S 5 4.27 45.23 -17.03
CA GLY S 5 4.48 46.57 -17.53
C GLY S 5 4.30 46.61 -19.03
N GLU S 6 5.17 47.35 -19.73
CA GLU S 6 5.08 47.50 -21.17
C GLU S 6 6.07 46.64 -21.97
N VAL S 7 5.65 46.27 -23.20
CA VAL S 7 6.46 45.55 -24.18
C VAL S 7 6.98 46.63 -25.13
N CYS S 8 8.30 46.74 -25.22
CA CYS S 8 8.98 47.76 -26.02
C CYS S 8 9.74 47.17 -27.16
N PRO S 9 9.99 47.94 -28.23
CA PRO S 9 10.78 47.39 -29.34
C PRO S 9 12.29 47.37 -29.04
N GLY S 10 13.07 46.83 -29.97
CA GLY S 10 14.52 46.82 -29.92
C GLY S 10 15.09 48.23 -29.92
N MET S 11 16.20 48.45 -29.19
CA MET S 11 16.82 49.78 -29.05
C MET S 11 18.33 49.77 -29.05
N ASP S 12 18.90 50.83 -29.63
CA ASP S 12 20.33 51.11 -29.65
C ASP S 12 20.47 52.48 -28.99
N ILE S 13 21.14 52.53 -27.83
CA ILE S 13 21.38 53.77 -27.10
C ILE S 13 22.87 54.08 -27.08
N ARG S 14 23.29 55.21 -27.71
CA ARG S 14 24.70 55.59 -27.82
C ARG S 14 24.99 57.06 -27.51
N ASN S 15 26.29 57.39 -27.33
CA ASN S 15 26.85 58.74 -27.09
C ASN S 15 26.51 59.33 -25.71
N ASN S 16 25.22 59.61 -25.47
CA ASN S 16 24.74 60.16 -24.20
C ASN S 16 23.53 59.38 -23.72
N LEU S 17 23.32 59.39 -22.39
CA LEU S 17 22.26 58.64 -21.71
C LEU S 17 20.84 59.11 -21.98
N THR S 18 20.66 60.29 -22.61
CA THR S 18 19.35 60.90 -22.89
C THR S 18 18.27 59.86 -23.28
N ARG S 19 18.45 59.15 -24.40
CA ARG S 19 17.46 58.17 -24.91
C ARG S 19 17.23 56.95 -24.01
N LEU S 20 18.05 56.77 -22.96
CA LEU S 20 17.90 55.64 -22.04
C LEU S 20 16.59 55.70 -21.22
N HIS S 21 16.03 56.93 -21.01
CA HIS S 21 14.77 57.14 -20.29
C HIS S 21 13.57 56.47 -20.96
N GLU S 22 13.71 56.16 -22.27
CA GLU S 22 12.67 55.52 -23.08
C GLU S 22 12.37 54.09 -22.64
N LEU S 23 13.18 53.55 -21.69
CA LEU S 23 13.06 52.21 -21.10
C LEU S 23 12.36 52.23 -19.74
N GLU S 24 12.08 53.42 -19.18
CA GLU S 24 11.47 53.60 -17.85
C GLU S 24 10.22 52.72 -17.57
N ASN S 25 9.39 52.46 -18.58
CA ASN S 25 8.17 51.66 -18.36
C ASN S 25 8.21 50.24 -18.97
N CYS S 26 9.36 49.83 -19.55
CA CYS S 26 9.48 48.49 -20.15
C CYS S 26 9.69 47.38 -19.12
N SER S 27 8.95 46.29 -19.28
CA SER S 27 9.15 45.12 -18.46
C SER S 27 9.79 44.05 -19.35
N VAL S 28 9.46 44.10 -20.65
CA VAL S 28 9.95 43.18 -21.67
C VAL S 28 10.34 43.93 -22.93
N ILE S 29 11.53 43.64 -23.50
CA ILE S 29 12.01 44.17 -24.78
C ILE S 29 11.80 43.10 -25.87
N GLU S 30 10.97 43.44 -26.88
CA GLU S 30 10.70 42.60 -28.04
C GLU S 30 11.69 43.02 -29.15
N GLY S 31 12.91 42.54 -28.99
CA GLY S 31 14.04 42.82 -29.86
C GLY S 31 15.34 42.77 -29.08
N HIS S 32 16.36 43.52 -29.52
CA HIS S 32 17.63 43.54 -28.81
C HIS S 32 17.82 44.83 -28.03
N LEU S 33 18.81 44.85 -27.12
CA LEU S 33 19.19 46.04 -26.38
C LEU S 33 20.71 46.31 -26.53
N GLN S 34 21.05 47.43 -27.12
CA GLN S 34 22.44 47.82 -27.31
C GLN S 34 22.69 49.13 -26.58
N ILE S 35 23.65 49.16 -25.65
CA ILE S 35 24.03 50.39 -24.94
C ILE S 35 25.52 50.51 -25.20
N LEU S 36 25.91 51.56 -25.95
CA LEU S 36 27.28 51.66 -26.42
C LEU S 36 27.83 53.06 -26.62
N LEU S 37 29.14 53.14 -26.83
CA LEU S 37 29.97 54.31 -27.14
C LEU S 37 29.61 55.57 -26.32
N MET S 38 29.72 55.47 -24.99
CA MET S 38 29.49 56.59 -24.06
C MET S 38 30.81 56.88 -23.36
N PHE S 39 31.54 57.87 -23.89
CA PHE S 39 32.90 58.19 -23.45
C PHE S 39 32.99 59.26 -22.36
N LYS S 40 31.93 60.08 -22.18
CA LYS S 40 31.95 61.17 -21.20
C LYS S 40 31.17 60.86 -19.93
N THR S 41 30.55 59.67 -19.88
CA THR S 41 29.78 59.18 -18.72
C THR S 41 30.72 58.82 -17.57
N ARG S 42 30.36 59.23 -16.36
CA ARG S 42 31.10 58.99 -15.11
C ARG S 42 30.23 58.23 -14.10
N PRO S 43 30.81 57.57 -13.07
CA PRO S 43 29.98 56.80 -12.13
C PRO S 43 28.76 57.53 -11.54
N GLU S 44 28.87 58.85 -11.33
CA GLU S 44 27.84 59.74 -10.78
C GLU S 44 26.56 59.79 -11.64
N ASP S 45 26.70 59.60 -12.96
CA ASP S 45 25.61 59.60 -13.94
C ASP S 45 24.71 58.36 -13.79
N PHE S 46 25.29 57.26 -13.25
CA PHE S 46 24.67 55.95 -13.03
C PHE S 46 24.25 55.66 -11.59
N ARG S 47 24.70 56.49 -10.61
CA ARG S 47 24.46 56.34 -9.18
C ARG S 47 22.97 56.49 -8.72
N ASP S 48 22.06 56.87 -9.63
CA ASP S 48 20.61 57.01 -9.36
C ASP S 48 19.72 56.34 -10.43
N LEU S 49 20.36 55.86 -11.51
CA LEU S 49 19.78 55.25 -12.69
C LEU S 49 19.42 53.80 -12.46
N SER S 50 18.14 53.47 -12.59
CA SER S 50 17.65 52.11 -12.35
C SER S 50 16.45 51.77 -13.22
N PHE S 51 16.41 50.50 -13.68
CA PHE S 51 15.32 49.97 -14.48
C PHE S 51 14.86 48.65 -13.86
N PRO S 52 14.19 48.73 -12.69
CA PRO S 52 13.76 47.49 -12.00
C PRO S 52 12.64 46.74 -12.71
N LYS S 53 11.88 47.43 -13.59
CA LYS S 53 10.81 46.84 -14.38
C LYS S 53 11.33 45.85 -15.43
N LEU S 54 12.55 46.06 -16.00
CA LEU S 54 13.04 45.14 -17.02
C LEU S 54 13.36 43.76 -16.45
N ILE S 55 12.61 42.79 -16.99
CA ILE S 55 12.61 41.37 -16.63
C ILE S 55 13.15 40.51 -17.77
N MET S 56 12.88 40.92 -19.03
CA MET S 56 13.22 40.10 -20.18
C MET S 56 13.51 40.85 -21.50
N ILE S 57 14.46 40.32 -22.30
CA ILE S 57 14.84 40.79 -23.64
C ILE S 57 14.70 39.54 -24.53
N THR S 58 14.01 39.66 -25.68
CA THR S 58 13.77 38.51 -26.56
C THR S 58 15.01 38.10 -27.34
N ASP S 59 15.76 39.08 -27.88
CA ASP S 59 16.95 38.82 -28.69
C ASP S 59 18.25 38.81 -27.86
N TYR S 60 19.08 39.87 -27.90
CA TYR S 60 20.33 39.92 -27.16
C TYR S 60 20.59 41.21 -26.39
N LEU S 61 21.50 41.14 -25.40
CA LEU S 61 22.01 42.29 -24.68
C LEU S 61 23.50 42.54 -25.05
N LEU S 62 23.80 43.73 -25.58
CA LEU S 62 25.15 44.14 -25.98
C LEU S 62 25.56 45.43 -25.26
N LEU S 63 26.73 45.39 -24.63
CA LEU S 63 27.30 46.52 -23.91
C LEU S 63 28.73 46.75 -24.32
N PHE S 64 28.98 47.90 -25.01
CA PHE S 64 30.27 48.26 -25.58
C PHE S 64 30.71 49.69 -25.26
N ARG S 65 31.95 49.86 -24.77
CA ARG S 65 32.54 51.19 -24.50
C ARG S 65 31.61 52.15 -23.71
N VAL S 66 31.05 51.68 -22.58
CA VAL S 66 30.20 52.51 -21.71
C VAL S 66 31.02 52.89 -20.46
N TYR S 67 31.65 54.07 -20.53
CA TYR S 67 32.53 54.63 -19.50
C TYR S 67 31.74 54.99 -18.23
N GLY S 68 32.40 54.88 -17.08
CA GLY S 68 31.82 55.16 -15.78
C GLY S 68 30.95 54.08 -15.15
N LEU S 69 30.42 53.14 -15.96
CA LEU S 69 29.56 52.08 -15.46
C LEU S 69 30.41 50.98 -14.81
N GLU S 70 30.25 50.78 -13.48
CA GLU S 70 31.05 49.82 -12.69
C GLU S 70 30.37 48.47 -12.43
N SER S 71 29.03 48.43 -12.52
CA SER S 71 28.18 47.26 -12.29
C SER S 71 26.85 47.43 -12.99
N LEU S 72 26.15 46.31 -13.24
CA LEU S 72 24.82 46.36 -13.84
C LEU S 72 23.78 46.05 -12.78
N LYS S 73 24.22 45.86 -11.51
CA LYS S 73 23.35 45.47 -10.38
C LYS S 73 22.24 46.49 -10.08
N ASP S 74 22.48 47.78 -10.32
CA ASP S 74 21.44 48.77 -10.06
C ASP S 74 20.69 49.14 -11.34
N LEU S 75 21.36 49.05 -12.52
CA LEU S 75 20.74 49.30 -13.82
C LEU S 75 19.64 48.27 -14.16
N PHE S 76 19.98 46.97 -14.12
CA PHE S 76 19.05 45.87 -14.45
C PHE S 76 19.00 44.84 -13.32
N PRO S 77 18.41 45.20 -12.17
CA PRO S 77 18.39 44.27 -11.03
C PRO S 77 17.47 43.09 -11.19
N ASN S 78 16.47 43.20 -12.09
CA ASN S 78 15.49 42.14 -12.24
C ASN S 78 15.51 41.47 -13.62
N LEU S 79 16.51 41.78 -14.47
CA LEU S 79 16.62 41.08 -15.75
C LEU S 79 16.89 39.60 -15.44
N THR S 80 15.88 38.75 -15.72
CA THR S 80 15.88 37.32 -15.42
C THR S 80 16.20 36.43 -16.63
N VAL S 81 15.68 36.81 -17.82
CA VAL S 81 15.84 36.02 -19.03
C VAL S 81 16.27 36.82 -20.27
N ILE S 82 17.19 36.22 -21.06
CA ILE S 82 17.61 36.69 -22.38
C ILE S 82 17.26 35.49 -23.28
N ARG S 83 16.14 35.59 -24.03
CA ARG S 83 15.59 34.49 -24.82
C ARG S 83 16.48 34.08 -25.99
N GLY S 84 17.27 35.01 -26.52
CA GLY S 84 18.20 34.74 -27.60
C GLY S 84 17.57 34.36 -28.92
N SER S 85 16.37 34.93 -29.21
CA SER S 85 15.60 34.69 -30.44
C SER S 85 16.40 35.09 -31.67
N ARG S 86 17.10 36.22 -31.57
CA ARG S 86 18.05 36.75 -32.53
C ARG S 86 19.34 36.99 -31.74
N LEU S 87 20.48 36.64 -32.34
CA LEU S 87 21.76 36.73 -31.67
C LEU S 87 22.73 37.66 -32.38
N PHE S 88 23.76 38.14 -31.64
CA PHE S 88 24.82 39.01 -32.16
C PHE S 88 26.06 38.14 -32.39
N PHE S 89 26.21 37.63 -33.64
CA PHE S 89 27.32 36.73 -34.05
C PHE S 89 27.31 35.44 -33.19
N ASN S 90 26.10 34.91 -32.92
CA ASN S 90 25.79 33.70 -32.13
C ASN S 90 25.81 33.92 -30.59
N TYR S 91 25.81 35.20 -30.14
CA TYR S 91 25.83 35.53 -28.72
C TYR S 91 24.60 36.30 -28.30
N ALA S 92 24.04 35.93 -27.14
CA ALA S 92 22.87 36.55 -26.50
C ALA S 92 23.30 37.61 -25.49
N LEU S 93 24.54 37.49 -25.00
CA LEU S 93 25.11 38.47 -24.08
C LEU S 93 26.54 38.82 -24.54
N VAL S 94 26.79 40.13 -24.78
CA VAL S 94 28.08 40.68 -25.22
C VAL S 94 28.51 41.85 -24.30
N ILE S 95 29.64 41.68 -23.61
CA ILE S 95 30.24 42.68 -22.73
C ILE S 95 31.64 42.84 -23.30
N PHE S 96 31.86 43.94 -24.04
CA PHE S 96 33.12 44.18 -24.73
C PHE S 96 33.67 45.57 -24.47
N GLU S 97 34.94 45.66 -24.08
CA GLU S 97 35.64 46.94 -23.83
C GLU S 97 34.83 47.87 -22.91
N MET S 98 34.28 47.31 -21.82
CA MET S 98 33.54 48.03 -20.79
C MET S 98 34.58 48.39 -19.71
N VAL S 99 35.37 49.42 -20.04
CA VAL S 99 36.56 49.98 -19.36
C VAL S 99 36.42 50.17 -17.83
N HIS S 100 35.22 50.41 -17.28
CA HIS S 100 35.15 50.65 -15.84
C HIS S 100 34.33 49.61 -15.09
N LEU S 101 33.80 48.60 -15.81
CA LEU S 101 33.00 47.54 -15.21
C LEU S 101 33.87 46.65 -14.31
N LYS S 102 33.49 46.55 -13.04
CA LYS S 102 34.18 45.82 -11.97
C LYS S 102 33.54 44.47 -11.67
N GLU S 103 32.22 44.36 -11.92
CA GLU S 103 31.39 43.19 -11.73
C GLU S 103 30.24 43.24 -12.73
N LEU S 104 29.62 42.07 -13.03
CA LEU S 104 28.44 42.06 -13.89
C LEU S 104 27.25 42.50 -13.05
N GLY S 105 27.02 41.77 -11.96
CA GLY S 105 25.94 42.03 -11.01
C GLY S 105 24.54 41.78 -11.52
N LEU S 106 24.37 40.92 -12.55
CA LEU S 106 23.03 40.57 -13.06
C LEU S 106 22.49 39.38 -12.25
N TYR S 107 22.41 39.58 -10.91
CA TYR S 107 22.06 38.58 -9.91
C TYR S 107 20.71 37.91 -10.10
N ASN S 108 19.87 38.45 -10.98
CA ASN S 108 18.58 37.84 -11.29
C ASN S 108 18.60 37.07 -12.62
N LEU S 109 19.72 37.13 -13.38
CA LEU S 109 19.82 36.38 -14.64
C LEU S 109 19.83 34.85 -14.37
N MET S 110 18.68 34.23 -14.67
CA MET S 110 18.46 32.81 -14.42
C MET S 110 18.57 31.92 -15.64
N ASN S 111 18.34 32.49 -16.85
CA ASN S 111 18.35 31.69 -18.06
C ASN S 111 18.58 32.49 -19.32
N ILE S 112 19.51 32.00 -20.17
CA ILE S 112 19.81 32.48 -21.51
C ILE S 112 19.33 31.30 -22.37
N THR S 113 18.14 31.44 -22.94
CA THR S 113 17.42 30.36 -23.63
C THR S 113 18.15 29.87 -24.89
N ARG S 114 18.72 30.80 -25.66
CA ARG S 114 19.43 30.49 -26.88
C ARG S 114 20.65 31.39 -27.03
N GLY S 115 21.71 30.84 -27.62
CA GLY S 115 22.97 31.57 -27.83
C GLY S 115 23.90 31.52 -26.65
N SER S 116 25.13 32.05 -26.85
CA SER S 116 26.20 32.07 -25.87
C SER S 116 26.57 33.45 -25.33
N VAL S 117 27.60 33.49 -24.48
CA VAL S 117 28.06 34.70 -23.82
C VAL S 117 29.48 35.04 -24.27
N ARG S 118 29.71 36.30 -24.68
CA ARG S 118 31.04 36.79 -25.07
C ARG S 118 31.40 37.95 -24.15
N ILE S 119 32.38 37.73 -23.22
CA ILE S 119 32.85 38.76 -22.28
C ILE S 119 34.34 38.95 -22.50
N GLU S 120 34.71 40.05 -23.18
CA GLU S 120 36.08 40.27 -23.61
C GLU S 120 36.57 41.70 -23.43
N LYS S 121 37.89 41.83 -23.13
CA LYS S 121 38.64 43.08 -23.02
C LYS S 121 38.03 44.09 -22.00
N ASN S 122 37.61 43.57 -20.83
CA ASN S 122 37.07 44.37 -19.74
C ASN S 122 38.10 44.28 -18.62
N ASN S 123 39.07 45.21 -18.68
CA ASN S 123 40.24 45.27 -17.81
C ASN S 123 39.94 45.44 -16.29
N GLU S 124 38.73 45.80 -15.90
CA GLU S 124 38.49 45.93 -14.46
C GLU S 124 37.53 44.87 -13.93
N LEU S 125 37.05 43.99 -14.84
CA LEU S 125 36.03 43.00 -14.58
C LEU S 125 36.44 41.77 -13.76
N CYS S 126 35.85 41.65 -12.56
CA CYS S 126 35.99 40.52 -11.66
C CYS S 126 34.59 39.89 -11.52
N TYR S 127 34.46 38.91 -10.62
CA TYR S 127 33.21 38.19 -10.34
C TYR S 127 32.61 37.54 -11.59
N LEU S 128 33.47 36.84 -12.33
CA LEU S 128 33.16 36.06 -13.52
C LEU S 128 33.49 34.58 -13.22
N ALA S 129 34.54 34.37 -12.39
CA ALA S 129 35.03 33.07 -11.93
C ALA S 129 33.98 32.37 -11.04
N THR S 130 33.09 33.20 -10.48
CA THR S 130 32.01 32.85 -9.56
C THR S 130 30.69 32.54 -10.26
N ILE S 131 30.56 32.81 -11.57
CA ILE S 131 29.31 32.56 -12.28
C ILE S 131 29.29 31.19 -12.94
N ASP S 132 28.49 30.28 -12.38
CA ASP S 132 28.31 28.94 -12.94
C ASP S 132 27.29 29.10 -14.08
N TRP S 133 27.79 29.32 -15.31
CA TRP S 133 26.94 29.51 -16.48
C TRP S 133 26.17 28.25 -16.85
N SER S 134 26.63 27.05 -16.42
CA SER S 134 25.94 25.78 -16.68
C SER S 134 24.49 25.73 -16.15
N ARG S 135 24.13 26.67 -15.23
CA ARG S 135 22.82 26.84 -14.58
C ARG S 135 21.95 27.92 -15.25
N ILE S 136 22.55 28.70 -16.20
CA ILE S 136 21.93 29.79 -16.98
C ILE S 136 21.78 29.38 -18.49
N LEU S 137 22.84 28.77 -19.08
CA LEU S 137 22.95 28.33 -20.49
C LEU S 137 23.03 26.83 -20.61
N ASP S 138 22.63 26.31 -21.79
CA ASP S 138 22.79 24.92 -22.14
C ASP S 138 24.12 24.79 -22.92
N SER S 139 24.38 25.75 -23.86
CA SER S 139 25.58 25.80 -24.73
C SER S 139 26.78 26.59 -24.16
N VAL S 140 27.25 26.16 -22.98
CA VAL S 140 28.37 26.77 -22.26
C VAL S 140 29.71 26.61 -22.98
N GLU S 141 29.83 25.58 -23.83
CA GLU S 141 31.06 25.30 -24.58
C GLU S 141 31.40 26.41 -25.56
N ASP S 142 30.36 27.14 -26.05
CA ASP S 142 30.50 28.22 -27.02
C ASP S 142 30.67 29.61 -26.37
N ASN S 143 30.83 29.66 -25.02
CA ASN S 143 31.12 30.92 -24.33
C ASN S 143 32.54 31.34 -24.61
N HIS S 144 32.78 32.66 -24.67
CA HIS S 144 34.11 33.22 -24.89
C HIS S 144 34.38 34.33 -23.88
N ILE S 145 34.93 33.95 -22.71
CA ILE S 145 35.21 34.88 -21.61
C ILE S 145 36.73 34.98 -21.40
N VAL S 146 37.34 35.91 -22.12
CA VAL S 146 38.80 36.09 -22.13
C VAL S 146 39.19 37.56 -22.00
N LEU S 147 40.48 37.81 -21.72
CA LEU S 147 41.07 39.15 -21.61
C LEU S 147 40.32 40.10 -20.65
N ASN S 148 40.05 39.61 -19.43
CA ASN S 148 39.40 40.37 -18.36
C ASN S 148 40.35 40.41 -17.16
N LYS S 149 40.05 41.26 -16.15
CA LYS S 149 40.87 41.33 -14.94
C LYS S 149 40.88 39.95 -14.27
N ASP S 150 39.72 39.28 -14.23
CA ASP S 150 39.54 37.93 -13.69
C ASP S 150 40.07 36.96 -14.76
N ASP S 151 41.38 36.61 -14.70
CA ASP S 151 42.04 35.72 -15.67
C ASP S 151 43.39 35.12 -15.18
N ASN S 152 43.52 33.78 -14.99
CA ASN S 152 42.53 32.71 -15.08
C ASN S 152 41.77 32.74 -13.76
N GLU S 153 42.52 33.09 -12.71
CA GLU S 153 42.04 33.28 -11.35
C GLU S 153 42.18 34.77 -11.01
N GLU S 154 43.45 35.32 -10.97
CA GLU S 154 43.87 36.72 -10.72
C GLU S 154 43.07 37.42 -9.57
N CYS S 155 41.79 37.85 -9.82
CA CYS S 155 40.86 38.48 -8.88
C CYS S 155 40.69 37.61 -7.64
N GLY S 156 40.59 38.27 -6.49
CA GLY S 156 40.37 37.58 -5.22
C GLY S 156 38.91 37.49 -4.82
N ASP S 157 38.02 37.22 -5.81
CA ASP S 157 36.56 37.10 -5.65
C ASP S 157 36.12 36.40 -4.35
N ILE S 158 35.20 37.04 -3.60
CA ILE S 158 34.63 36.51 -2.34
C ILE S 158 33.10 36.83 -2.20
N CYS S 159 32.34 35.88 -1.63
CA CYS S 159 30.88 35.98 -1.52
C CYS S 159 30.37 36.06 -0.08
N CYS S 169 26.63 30.91 0.90
CA CYS S 169 26.47 30.98 -0.57
C CYS S 169 26.47 29.56 -1.22
N PRO S 170 25.71 29.31 -2.34
CA PRO S 170 25.74 27.95 -2.93
C PRO S 170 27.08 27.67 -3.60
N ALA S 171 27.59 26.42 -3.51
CA ALA S 171 28.86 26.05 -4.16
C ALA S 171 28.65 24.97 -5.20
N THR S 172 29.32 25.10 -6.36
CA THR S 172 29.26 24.16 -7.49
C THR S 172 30.67 23.87 -8.03
N VAL S 173 30.82 22.77 -8.79
CA VAL S 173 32.07 22.31 -9.37
C VAL S 173 32.25 22.84 -10.80
N GLY S 176 35.54 22.09 -12.60
CA GLY S 176 36.78 21.73 -11.93
C GLY S 176 36.62 21.24 -10.50
N GLN S 177 36.74 22.17 -9.53
CA GLN S 177 36.64 21.95 -8.08
C GLN S 177 35.41 22.73 -7.51
N PHE S 178 34.91 22.35 -6.30
CA PHE S 178 33.79 23.04 -5.64
C PHE S 178 34.18 24.48 -5.27
N VAL S 179 33.43 25.46 -5.81
CA VAL S 179 33.65 26.91 -5.62
C VAL S 179 32.28 27.57 -5.33
N GLU S 180 32.22 28.47 -4.31
CA GLU S 180 30.96 29.18 -3.99
C GLU S 180 30.62 30.17 -5.11
N ARG S 181 29.34 30.26 -5.44
CA ARG S 181 28.85 31.02 -6.58
C ARG S 181 28.12 32.30 -6.23
N CYS S 182 28.63 33.41 -6.76
CA CYS S 182 28.02 34.72 -6.57
C CYS S 182 28.21 35.65 -7.76
N TRP S 183 27.53 36.80 -7.74
CA TRP S 183 27.56 37.83 -8.77
C TRP S 183 28.36 39.07 -8.33
N THR S 184 28.23 39.43 -7.04
CA THR S 184 28.87 40.56 -6.35
C THR S 184 29.38 40.05 -4.98
N HIS S 185 29.95 40.93 -4.16
CA HIS S 185 30.42 40.58 -2.81
C HIS S 185 29.20 40.35 -1.88
N SER S 186 28.03 40.97 -2.24
CA SER S 186 26.76 40.91 -1.50
C SER S 186 25.59 40.16 -2.23
N HIS S 187 25.84 39.53 -3.41
CA HIS S 187 24.79 38.79 -4.15
C HIS S 187 25.20 37.39 -4.55
N CYS S 188 24.53 36.37 -3.97
CA CYS S 188 24.76 34.96 -4.29
C CYS S 188 24.18 34.65 -5.64
N GLN S 189 24.72 33.61 -6.29
CA GLN S 189 24.10 33.12 -7.51
C GLN S 189 22.93 32.27 -7.00
N LYS S 190 21.74 32.50 -7.55
CA LYS S 190 20.59 31.72 -7.16
C LYS S 190 20.73 30.31 -7.75
N VAL S 191 20.68 29.29 -6.87
CA VAL S 191 20.74 27.88 -7.27
C VAL S 191 19.52 27.15 -6.70
N CYS S 192 18.74 26.55 -7.61
CA CYS S 192 17.55 25.83 -7.26
C CYS S 192 17.76 24.33 -7.22
N PRO S 193 17.00 23.57 -6.38
CA PRO S 193 17.16 22.11 -6.37
C PRO S 193 16.93 21.49 -7.74
N THR S 194 17.63 20.37 -8.05
CA THR S 194 17.57 19.68 -9.34
C THR S 194 16.14 19.37 -9.78
N ILE S 195 15.26 19.00 -8.82
CA ILE S 195 13.84 18.75 -9.05
C ILE S 195 13.08 19.97 -9.60
N CYS S 196 13.62 21.21 -9.35
CA CYS S 196 13.03 22.48 -9.79
C CYS S 196 13.28 22.77 -11.24
N LYS S 197 14.29 22.09 -11.84
CA LYS S 197 14.71 22.26 -13.23
C LYS S 197 14.96 23.77 -13.52
N SER S 198 14.56 24.28 -14.71
CA SER S 198 14.73 25.68 -15.13
C SER S 198 13.65 26.64 -14.59
N HIS S 199 12.57 26.08 -13.99
CA HIS S 199 11.36 26.75 -13.46
C HIS S 199 11.58 27.78 -12.38
N GLY S 200 12.66 27.63 -11.62
CA GLY S 200 12.99 28.54 -10.54
C GLY S 200 12.46 28.00 -9.23
N CYS S 201 12.70 28.74 -8.15
CA CYS S 201 12.25 28.37 -6.80
C CYS S 201 12.16 29.58 -5.89
N THR S 202 11.48 29.41 -4.75
CA THR S 202 11.34 30.46 -3.74
C THR S 202 12.63 30.47 -2.87
N ALA S 203 12.78 31.48 -1.99
CA ALA S 203 13.93 31.58 -1.07
C ALA S 203 14.01 30.38 -0.09
N GLU S 204 12.88 29.70 0.11
CA GLU S 204 12.77 28.52 0.97
C GLU S 204 13.14 27.23 0.19
N GLY S 205 13.33 27.35 -1.13
CA GLY S 205 13.70 26.23 -1.99
C GLY S 205 12.53 25.49 -2.64
N LEU S 206 11.29 25.98 -2.46
CA LEU S 206 10.07 25.41 -3.06
C LEU S 206 10.02 25.76 -4.55
N CYS S 207 9.81 24.75 -5.42
CA CYS S 207 9.76 24.94 -6.86
C CYS S 207 8.64 25.81 -7.32
N CYS S 208 8.91 26.58 -8.37
CA CYS S 208 7.93 27.41 -9.04
C CYS S 208 7.13 26.50 -9.91
N HIS S 209 6.02 27.02 -10.44
CA HIS S 209 5.20 26.27 -11.37
C HIS S 209 6.05 25.85 -12.61
N SER S 210 5.71 24.68 -13.19
CA SER S 210 6.39 24.09 -14.34
C SER S 210 6.34 24.97 -15.60
N GLU S 211 5.49 25.99 -15.59
CA GLU S 211 5.37 26.91 -16.72
C GLU S 211 6.22 28.19 -16.56
N CYS S 212 6.81 28.38 -15.36
CA CYS S 212 7.68 29.52 -15.02
C CYS S 212 9.06 29.28 -15.59
N LEU S 213 9.84 30.35 -15.64
CA LEU S 213 11.21 30.27 -16.06
C LEU S 213 11.94 31.17 -15.11
N GLY S 214 12.95 30.60 -14.45
CA GLY S 214 13.86 31.31 -13.56
C GLY S 214 13.40 31.74 -12.18
N ASN S 215 12.25 32.40 -12.08
CA ASN S 215 11.75 32.83 -10.78
C ASN S 215 10.22 33.02 -10.77
N CYS S 216 9.65 33.27 -9.57
CA CYS S 216 8.23 33.43 -9.30
C CYS S 216 8.06 34.05 -7.93
N SER S 217 6.92 34.72 -7.71
CA SER S 217 6.56 35.36 -6.46
C SER S 217 5.94 34.39 -5.45
N GLN S 218 5.32 33.31 -5.97
CA GLN S 218 4.68 32.24 -5.19
C GLN S 218 4.84 30.89 -5.93
N PRO S 219 4.95 29.77 -5.19
CA PRO S 219 5.11 28.47 -5.88
C PRO S 219 3.79 27.93 -6.44
N ASP S 220 3.89 26.96 -7.38
CA ASP S 220 2.78 26.23 -8.01
C ASP S 220 1.65 27.13 -8.55
N ASP S 221 1.98 28.29 -9.11
CA ASP S 221 1.00 29.21 -9.69
C ASP S 221 1.60 29.81 -10.97
N PRO S 222 0.98 29.52 -12.14
CA PRO S 222 1.49 30.08 -13.42
C PRO S 222 1.14 31.55 -13.68
N THR S 223 0.48 32.21 -12.73
CA THR S 223 0.16 33.63 -12.84
C THR S 223 1.12 34.39 -11.91
N LYS S 224 2.01 33.63 -11.21
CA LYS S 224 2.98 34.19 -10.26
C LYS S 224 4.43 34.06 -10.74
N CYS S 225 4.64 33.77 -12.05
CA CYS S 225 5.97 33.70 -12.69
C CYS S 225 6.53 35.08 -12.86
N VAL S 226 7.85 35.14 -13.00
CA VAL S 226 8.61 36.36 -13.31
C VAL S 226 8.80 36.33 -14.83
N ALA S 227 9.00 35.11 -15.39
CA ALA S 227 9.11 34.87 -16.83
C ALA S 227 8.51 33.51 -17.19
N CYS S 228 8.15 33.32 -18.48
CA CYS S 228 7.52 32.09 -18.97
C CYS S 228 8.48 31.18 -19.69
N ARG S 229 8.40 29.85 -19.40
CA ARG S 229 9.15 28.77 -20.06
C ARG S 229 8.73 28.74 -21.52
N ASN S 230 7.44 28.89 -21.79
CA ASN S 230 6.91 28.87 -23.16
C ASN S 230 6.26 30.18 -23.58
N PHE S 231 4.91 30.25 -23.47
CA PHE S 231 4.13 31.37 -23.97
C PHE S 231 3.45 32.16 -22.90
N TYR S 232 3.25 33.45 -23.16
CA TYR S 232 2.60 34.37 -22.26
C TYR S 232 1.25 34.73 -22.85
N LEU S 233 0.21 34.60 -22.07
CA LEU S 233 -1.14 34.95 -22.46
C LEU S 233 -1.94 35.33 -21.26
N ASP S 234 -2.66 36.44 -21.35
CA ASP S 234 -3.60 36.97 -20.36
C ASP S 234 -3.08 36.98 -18.89
N GLY S 235 -1.77 37.27 -18.74
CA GLY S 235 -1.12 37.36 -17.43
C GLY S 235 -0.73 36.02 -16.86
N ARG S 236 -0.59 35.04 -17.75
CA ARG S 236 -0.30 33.67 -17.38
C ARG S 236 0.71 33.08 -18.33
N CYS S 237 1.45 32.10 -17.82
CA CYS S 237 2.40 31.28 -18.55
C CYS S 237 1.70 30.03 -19.01
N VAL S 238 1.52 29.96 -20.33
CA VAL S 238 0.88 28.88 -21.06
C VAL S 238 1.89 28.09 -21.89
N GLU S 239 1.62 26.79 -22.07
CA GLU S 239 2.44 25.86 -22.81
C GLU S 239 2.37 26.15 -24.28
N THR S 240 1.17 26.45 -24.76
CA THR S 240 0.90 26.72 -26.17
C THR S 240 -0.16 27.81 -26.28
N CYS S 241 -0.19 28.51 -27.44
CA CYS S 241 -1.25 29.50 -27.71
C CYS S 241 -2.39 28.70 -28.27
N PRO S 242 -3.53 28.59 -27.56
CA PRO S 242 -4.61 27.77 -28.09
C PRO S 242 -5.43 28.52 -29.13
N PRO S 243 -6.07 27.82 -30.08
CA PRO S 243 -6.99 28.50 -30.99
C PRO S 243 -8.09 29.25 -30.16
N PRO S 244 -8.47 30.51 -30.50
CA PRO S 244 -8.19 31.30 -31.72
C PRO S 244 -6.94 32.21 -31.72
N TYR S 245 -5.99 31.95 -30.81
CA TYR S 245 -4.77 32.74 -30.66
C TYR S 245 -3.62 32.21 -31.52
N TYR S 246 -2.65 33.14 -31.78
CA TYR S 246 -1.45 32.91 -32.57
C TYR S 246 -0.21 33.18 -31.76
N HIS S 247 0.84 32.38 -32.04
CA HIS S 247 2.16 32.48 -31.41
C HIS S 247 2.89 33.68 -32.05
N PHE S 248 3.46 34.55 -31.21
CA PHE S 248 4.10 35.76 -31.68
C PHE S 248 5.44 36.05 -31.02
N GLN S 249 6.46 36.24 -31.86
CA GLN S 249 7.84 36.53 -31.46
C GLN S 249 8.44 35.43 -30.58
N ASP S 250 7.84 34.22 -30.70
CA ASP S 250 8.19 32.99 -29.98
C ASP S 250 8.05 33.11 -28.44
N TRP S 251 7.30 34.11 -27.95
CA TRP S 251 7.19 34.23 -26.51
C TRP S 251 5.77 34.55 -25.98
N ARG S 252 4.89 35.17 -26.82
CA ARG S 252 3.53 35.58 -26.41
C ARG S 252 2.42 35.22 -27.42
N CYS S 253 1.16 35.19 -26.91
CA CYS S 253 -0.07 34.89 -27.66
C CYS S 253 -0.79 36.16 -27.98
N VAL S 254 -1.22 36.28 -29.24
CA VAL S 254 -1.95 37.44 -29.79
C VAL S 254 -3.20 37.00 -30.59
N ASN S 255 -4.27 37.85 -30.66
CA ASN S 255 -5.46 37.53 -31.46
C ASN S 255 -5.24 37.87 -32.95
N PHE S 256 -6.21 37.51 -33.81
CA PHE S 256 -6.14 37.78 -35.26
C PHE S 256 -6.06 39.27 -35.59
N SER S 257 -6.87 40.09 -34.87
CA SER S 257 -6.96 41.55 -35.00
C SER S 257 -5.58 42.21 -34.78
N PHE S 258 -4.84 41.81 -33.72
CA PHE S 258 -3.51 42.32 -33.43
C PHE S 258 -2.61 42.10 -34.63
N CYS S 259 -2.61 40.85 -35.15
CA CYS S 259 -1.80 40.44 -36.30
C CYS S 259 -2.14 41.25 -37.54
N GLN S 260 -3.44 41.46 -37.79
CA GLN S 260 -4.01 42.22 -38.91
C GLN S 260 -3.61 43.70 -38.82
N ASP S 261 -3.72 44.31 -37.62
CA ASP S 261 -3.39 45.73 -37.41
C ASP S 261 -1.89 46.04 -37.41
N TYR S 277 2.72 41.39 -41.65
CA TYR S 277 2.58 40.14 -40.92
C TYR S 277 1.55 39.20 -41.53
N VAL S 278 1.86 37.89 -41.49
CA VAL S 278 1.04 36.81 -42.06
C VAL S 278 0.73 35.68 -41.03
N ILE S 279 -0.25 34.82 -41.35
CA ILE S 279 -0.63 33.68 -40.50
C ILE S 279 -0.15 32.37 -41.16
N HIS S 280 0.73 31.64 -40.48
CA HIS S 280 1.22 30.34 -40.95
C HIS S 280 1.59 29.47 -39.77
N ASN S 281 1.09 28.22 -39.78
CA ASN S 281 1.32 27.20 -38.74
C ASN S 281 1.09 27.77 -37.33
N ASN S 282 -0.12 28.35 -37.13
CA ASN S 282 -0.65 28.94 -35.88
C ASN S 282 0.26 30.06 -35.29
N LYS S 283 1.10 30.69 -36.15
CA LYS S 283 2.02 31.76 -35.81
C LYS S 283 1.68 33.04 -36.57
N CYS S 284 1.95 34.20 -35.95
CA CYS S 284 1.84 35.51 -36.57
C CYS S 284 3.32 35.89 -36.92
N ILE S 285 3.72 35.60 -38.16
CA ILE S 285 5.09 35.78 -38.65
C ILE S 285 5.26 36.97 -39.60
N PRO S 286 6.48 37.57 -39.69
CA PRO S 286 6.70 38.73 -40.59
C PRO S 286 6.55 38.46 -42.08
N GLU S 287 6.91 37.24 -42.54
CA GLU S 287 6.87 36.88 -43.96
C GLU S 287 6.49 35.42 -44.18
N CYS S 288 5.78 35.14 -45.30
CA CYS S 288 5.38 33.79 -45.74
C CYS S 288 6.67 32.96 -45.99
N PRO S 289 6.70 31.64 -45.65
CA PRO S 289 7.92 30.86 -45.93
C PRO S 289 8.11 30.54 -47.41
N SER S 290 9.28 29.99 -47.77
CA SER S 290 9.62 29.64 -49.16
C SER S 290 8.56 28.71 -49.76
N GLY S 291 8.09 29.07 -50.96
CA GLY S 291 7.03 28.36 -51.67
C GLY S 291 5.63 28.76 -51.27
N TYR S 292 5.48 29.81 -50.44
CA TYR S 292 4.18 30.31 -49.98
C TYR S 292 3.96 31.80 -50.32
N THR S 293 2.68 32.20 -50.46
CA THR S 293 2.23 33.58 -50.73
C THR S 293 1.00 33.90 -49.88
N LEU S 299 -5.38 36.32 -44.27
CA LEU S 299 -3.95 36.50 -44.00
C LEU S 299 -3.14 35.19 -44.00
N LEU S 300 -3.81 34.06 -44.31
CA LEU S 300 -3.22 32.73 -44.35
C LEU S 300 -2.20 32.53 -45.49
N CYS S 301 -1.04 31.91 -45.17
CA CYS S 301 0.01 31.60 -46.14
C CYS S 301 -0.44 30.39 -46.97
N THR S 302 -0.62 30.59 -48.28
CA THR S 302 -1.04 29.55 -49.23
C THR S 302 0.13 29.17 -50.18
N PRO S 303 0.29 27.87 -50.57
CA PRO S 303 1.42 27.50 -51.43
C PRO S 303 1.33 28.02 -52.86
N THR T 1 38.74 39.89 -35.58
CA THR T 1 37.96 38.65 -35.60
C THR T 1 36.44 38.94 -35.28
N PHE T 2 35.99 38.67 -34.03
CA PHE T 2 34.66 39.01 -33.57
C PHE T 2 34.60 40.54 -33.43
N GLU T 3 35.70 41.14 -32.90
CA GLU T 3 35.84 42.59 -32.70
C GLU T 3 35.67 43.30 -34.05
N ASP T 4 36.19 42.70 -35.12
CA ASP T 4 36.08 43.20 -36.49
C ASP T 4 34.60 43.20 -36.91
N TYR T 5 33.85 42.10 -36.59
CA TYR T 5 32.43 41.97 -36.87
C TYR T 5 31.66 43.08 -36.14
N LEU T 6 31.86 43.16 -34.80
CA LEU T 6 31.25 44.18 -33.93
C LEU T 6 31.42 45.58 -34.51
N HIS T 7 32.69 45.96 -34.79
CA HIS T 7 33.09 47.25 -35.38
C HIS T 7 32.35 47.51 -36.70
N ASN T 8 32.26 46.48 -37.55
CA ASN T 8 31.59 46.55 -38.84
C ASN T 8 30.08 46.76 -38.73
N VAL T 9 29.46 46.22 -37.67
CA VAL T 9 28.02 46.30 -37.41
C VAL T 9 27.66 47.65 -36.75
N VAL T 10 28.39 47.99 -35.68
CA VAL T 10 28.24 49.16 -34.83
C VAL T 10 28.50 50.47 -35.58
N PHE T 11 29.67 50.57 -36.23
CA PHE T 11 30.06 51.78 -36.96
C PHE T 11 29.43 51.81 -38.33
N VAL T 12 28.33 52.58 -38.42
CA VAL T 12 27.45 52.76 -39.59
C VAL T 12 27.65 54.17 -40.18
N PRO T 13 27.83 54.29 -41.54
CA PRO T 13 27.97 55.63 -42.12
C PRO T 13 26.62 56.31 -42.40
N ARG T 14 26.61 57.66 -42.54
CA ARG T 14 25.42 58.47 -42.80
C ARG T 14 24.75 58.16 -44.15
C1 NAG U . -62.85 -28.56 18.57
C2 NAG U . -64.22 -29.12 18.17
C3 NAG U . -65.17 -27.92 18.20
C4 NAG U . -65.16 -27.26 19.59
C5 NAG U . -63.73 -26.93 20.01
C6 NAG U . -63.53 -26.35 21.40
C7 NAG U . -63.88 -31.01 16.60
C8 NAG U . -64.12 -31.49 15.21
N2 NAG U . -64.22 -29.73 16.85
O3 NAG U . -66.49 -28.29 17.83
O4 NAG U . -65.96 -26.08 19.52
O5 NAG U . -62.89 -28.10 19.92
O6 NAG U . -64.47 -26.71 22.42
O7 NAG U . -63.40 -31.74 17.48
C1 NAG U . -67.15 -26.03 20.30
C2 NAG U . -67.32 -24.56 20.69
C3 NAG U . -68.67 -24.43 21.39
C4 NAG U . -69.75 -24.86 20.41
C5 NAG U . -69.59 -26.37 20.16
C6 NAG U . -70.60 -26.94 19.20
C7 NAG U . -65.42 -23.04 21.09
C8 NAG U . -64.46 -22.53 22.12
N2 NAG U . -66.24 -24.01 21.51
O3 NAG U . -68.87 -23.11 21.87
O4 NAG U . -71.05 -24.45 20.81
O5 NAG U . -68.27 -26.60 19.59
O6 NAG U . -70.51 -26.36 17.90
O7 NAG U . -65.45 -22.61 19.95
C1 BMA U . -71.46 -23.25 20.12
C2 BMA U . -72.50 -23.55 19.04
C3 BMA U . -72.63 -22.30 18.17
C4 BMA U . -72.78 -21.00 18.97
C5 BMA U . -71.86 -20.95 20.20
C6 BMA U . -72.18 -19.82 21.17
O2 BMA U . -73.75 -23.94 19.61
O3 BMA U . -73.69 -22.46 17.23
O4 BMA U . -72.42 -19.89 18.15
O5 BMA U . -71.92 -22.19 20.95
O6 BMA U . -71.12 -19.60 22.08
C1 FUC U . -64.57 -28.06 22.85
C2 FUC U . -63.42 -28.40 23.82
C3 FUC U . -63.53 -27.58 25.11
C4 FUC U . -64.93 -27.66 25.73
C5 FUC U . -66.01 -27.37 24.67
C6 FUC U . -67.43 -27.56 25.15
O2 FUC U . -62.13 -28.29 23.24
O3 FUC U . -62.54 -28.03 26.03
O4 FUC U . -65.15 -28.90 26.38
O5 FUC U . -65.82 -28.25 23.53
C1 NAG V . -55.73 -12.75 9.19
C2 NAG V . -56.77 -12.50 10.28
C3 NAG V . -58.16 -12.52 9.64
C4 NAG V . -58.24 -11.56 8.45
C5 NAG V . -57.14 -11.88 7.43
C6 NAG V . -57.07 -10.93 6.22
C7 NAG V . -56.21 -13.35 12.55
C8 NAG V . -56.27 -14.55 13.45
N2 NAG V . -56.67 -13.54 11.29
O3 NAG V . -59.12 -12.14 10.63
O4 NAG V . -59.54 -11.56 7.86
O5 NAG V . -55.85 -11.86 8.07
O6 NAG V . -57.33 -9.54 6.48
O7 NAG V . -55.77 -12.27 12.94
C1 NAG V . -60.32 -10.36 7.97
C2 NAG V . -61.22 -10.19 6.74
C3 NAG V . -61.95 -8.85 6.87
C4 NAG V . -62.70 -8.77 8.20
C5 NAG V . -61.76 -9.06 9.37
C6 NAG V . -62.48 -9.15 10.70
C7 NAG V . -60.67 -11.05 4.48
C8 NAG V . -59.86 -10.79 3.24
N2 NAG V . -60.44 -10.22 5.51
O3 NAG V . -62.84 -8.65 5.78
O4 NAG V . -63.29 -7.47 8.33
O5 NAG V . -61.10 -10.32 9.16
O6 NAG V . -61.57 -9.38 11.77
O7 NAG V . -61.49 -11.95 4.54
C1 FUC V . -56.26 -8.83 7.09
C2 FUC V . -55.73 -7.74 6.14
C3 FUC V . -56.45 -6.39 6.29
C4 FUC V . -56.59 -6.00 7.76
C5 FUC V . -57.37 -7.11 8.46
C6 FUC V . -57.68 -6.84 9.91
O2 FUC V . -55.78 -8.17 4.78
O3 FUC V . -55.71 -5.39 5.60
O4 FUC V . -55.32 -5.79 8.35
O5 FUC V . -56.59 -8.33 8.40
C1 NAG W . -34.83 -18.16 0.40
C2 NAG W . -35.61 -19.47 0.36
C3 NAG W . -35.99 -19.72 -1.10
C4 NAG W . -36.88 -18.60 -1.62
C5 NAG W . -36.31 -17.23 -1.27
C6 NAG W . -37.32 -16.09 -1.39
C7 NAG W . -33.79 -21.19 0.49
C8 NAG W . -33.25 -22.31 1.34
N2 NAG W . -34.93 -20.62 0.94
O3 NAG W . -36.63 -20.99 -1.18
O4 NAG W . -36.98 -18.71 -3.04
O5 NAG W . -35.84 -17.20 0.09
O6 NAG W . -36.99 -14.99 -0.53
O7 NAG W . -33.22 -20.82 -0.54
C1 NAG W . -38.16 -19.27 -3.64
C2 NAG W . -37.86 -19.46 -5.13
C3 NAG W . -39.11 -20.06 -5.78
C4 NAG W . -39.49 -21.38 -5.11
C5 NAG W . -39.62 -21.23 -3.59
C6 NAG W . -39.73 -22.55 -2.86
C7 NAG W . -36.23 -17.83 -6.06
C8 NAG W . -36.07 -16.45 -6.65
N2 NAG W . -37.50 -18.19 -5.76
O3 NAG W . -38.86 -20.29 -7.17
O4 NAG W . -40.72 -21.87 -5.66
O5 NAG W . -38.45 -20.57 -3.07
O6 NAG W . -39.80 -22.41 -1.44
O7 NAG W . -35.27 -18.56 -5.85
C1 NAG X . -43.38 4.12 19.72
C2 NAG X . -43.87 5.33 18.92
C3 NAG X . -45.32 5.17 18.39
C4 NAG X . -45.58 3.75 17.91
C5 NAG X . -45.03 2.71 18.89
C6 NAG X . -45.22 1.28 18.46
C7 NAG X . -42.75 7.39 19.63
C8 NAG X . -42.65 8.40 20.73
N2 NAG X . -43.77 6.53 19.74
O3 NAG X . -45.49 6.03 17.28
O4 NAG X . -46.99 3.61 17.76
O5 NAG X . -43.62 2.90 19.03
O6 NAG X . -44.58 1.01 17.24
O7 NAG X . -41.95 7.35 18.71
C1 NAG X . -47.48 3.28 16.49
C2 NAG X . -48.94 2.85 16.62
C3 NAG X . -49.39 2.48 15.21
C4 NAG X . -49.19 3.65 14.25
C5 NAG X . -47.73 4.09 14.26
C6 NAG X . -47.43 5.34 13.45
C7 NAG X . -49.21 1.78 18.85
C8 NAG X . -48.96 0.51 19.62
N2 NAG X . -49.05 1.70 17.51
O3 NAG X . -50.77 2.09 15.27
O4 NAG X . -49.59 3.27 12.93
O5 NAG X . -47.35 4.40 15.61
O6 NAG X . -46.09 5.79 13.65
O7 NAG X . -49.51 2.83 19.42
C1 BMA X . -50.83 3.80 12.41
C2 BMA X . -50.99 3.34 10.96
C3 BMA X . -52.35 3.77 10.40
C4 BMA X . -53.51 3.40 11.32
C5 BMA X . -53.24 3.87 12.75
C6 BMA X . -54.27 3.42 13.77
O2 BMA X . -50.78 1.93 10.83
O3 BMA X . -52.55 3.24 9.09
O4 BMA X . -54.72 3.99 10.85
O5 BMA X . -51.95 3.39 13.20
O6 BMA X . -54.16 2.04 14.10
C1 FUC X . -44.92 -0.27 16.77
C2 FUC X . -44.72 -0.31 15.27
C3 FUC X . -43.23 -0.21 14.94
C4 FUC X . -42.43 -1.31 15.66
C5 FUC X . -42.71 -1.24 17.16
C6 FUC X . -42.09 -2.35 17.97
O2 FUC X . -45.48 0.73 14.65
O3 FUC X . -42.99 -0.26 13.54
O4 FUC X . -42.80 -2.59 15.15
O5 FUC X . -44.14 -1.30 17.40
C1 NAG Y . 50.59 1.74 -53.04
C2 NAG Y . 51.13 0.52 -53.78
C3 NAG Y . 52.37 -0.08 -53.11
C4 NAG Y . 53.40 1.01 -52.83
C5 NAG Y . 52.76 2.05 -51.92
C6 NAG Y . 53.69 3.19 -51.53
C7 NAG Y . 49.27 -0.54 -55.01
C8 NAG Y . 48.34 -1.73 -55.05
N2 NAG Y . 50.12 -0.51 -53.97
O3 NAG Y . 52.90 -1.11 -53.93
O4 NAG Y . 54.56 0.44 -52.21
O5 NAG Y . 51.61 2.63 -52.57
O6 NAG Y . 54.02 4.07 -52.59
O7 NAG Y . 49.25 0.32 -55.87
C1 NAG Y . 55.69 0.16 -53.02
C2 NAG Y . 56.94 0.23 -52.13
C3 NAG Y . 58.16 -0.14 -52.96
C4 NAG Y . 57.98 -1.50 -53.61
C5 NAG Y . 56.69 -1.53 -54.43
C6 NAG Y . 56.35 -2.89 -55.00
C7 NAG Y . 56.71 1.90 -50.32
C8 NAG Y . 56.97 3.33 -49.93
N2 NAG Y . 57.08 1.57 -51.57
O3 NAG Y . 59.34 -0.13 -52.14
O4 NAG Y . 59.11 -1.81 -54.44
O5 NAG Y . 55.57 -1.15 -53.59
O6 NAG Y . 57.29 -3.29 -56.00
O7 NAG Y . 56.22 1.09 -49.55
C1 NAG Z . 47.98 -3.87 -15.77
C2 NAG Z . 48.21 -5.27 -15.17
C3 NAG Z . 48.90 -6.21 -16.15
C4 NAG Z . 48.16 -6.21 -17.49
C5 NAG Z . 48.06 -4.77 -17.98
C6 NAG Z . 47.39 -4.59 -19.33
C7 NAG Z . 48.50 -5.21 -12.72
C8 NAG Z . 49.34 -4.64 -11.62
N2 NAG Z . 49.00 -5.08 -13.96
O3 NAG Z . 48.96 -7.53 -15.64
O4 NAG Z . 48.86 -7.05 -18.41
O5 NAG Z . 47.31 -3.99 -17.03
O6 NAG Z . 46.07 -5.06 -19.39
O7 NAG Z . 47.42 -5.75 -12.49
C1 NAG Z . 48.15 -8.11 -19.07
C2 NAG Z . 48.99 -8.59 -20.25
C3 NAG Z . 48.39 -9.82 -20.95
C4 NAG Z . 47.95 -10.89 -19.95
C5 NAG Z . 47.17 -10.26 -18.80
C6 NAG Z . 46.80 -11.23 -17.69
C7 NAG Z . 50.26 -6.78 -21.35
C8 NAG Z . 50.16 -5.56 -22.22
N2 NAG Z . 49.14 -7.49 -21.19
O3 NAG Z . 49.35 -10.34 -21.85
O4 NAG Z . 47.08 -11.82 -20.60
O5 NAG Z . 47.95 -9.21 -18.19
O6 NAG Z . 45.96 -10.60 -16.71
O7 NAG Z . 51.32 -7.09 -20.78
C1 BMA Z . 47.57 -13.01 -21.26
C2 BMA Z . 46.40 -14.01 -21.32
C3 BMA Z . 46.70 -15.19 -22.26
C4 BMA Z . 47.19 -14.71 -23.62
C5 BMA Z . 48.40 -13.79 -23.44
C6 BMA Z . 48.91 -13.19 -24.74
O2 BMA Z . 45.20 -13.35 -21.71
O3 BMA Z . 45.54 -16.01 -22.42
O4 BMA Z . 47.51 -15.84 -24.44
O5 BMA Z . 48.05 -12.68 -22.58
O6 BMA Z . 47.99 -12.27 -25.33
C1 FUC Z . 45.61 -5.01 -20.71
C2 FUC Z . 44.37 -5.92 -20.88
C3 FUC Z . 43.08 -5.25 -20.44
C4 FUC Z . 42.96 -3.86 -21.03
C5 FUC Z . 44.18 -3.05 -20.60
C6 FUC Z . 44.15 -1.61 -21.05
O2 FUC Z . 44.58 -7.16 -20.20
O3 FUC Z . 41.95 -6.01 -20.86
O4 FUC Z . 42.88 -3.95 -22.45
O5 FUC Z . 45.35 -3.66 -21.16
C1 NAG AA . 3.69 -35.06 45.95
C2 NAG AA . 3.08 -36.32 46.55
C3 NAG AA . 4.12 -36.87 47.54
C4 NAG AA . 5.43 -37.21 46.84
C5 NAG AA . 5.93 -36.05 45.99
C6 NAG AA . 7.01 -36.45 45.00
C7 NAG AA . 0.60 -36.44 46.67
C8 NAG AA . -0.59 -36.20 47.54
N2 NAG AA . 1.80 -36.11 47.21
O3 NAG AA . 3.59 -38.02 48.19
O4 NAG AA . 6.40 -37.55 47.83
O5 NAG AA . 4.86 -35.47 45.22
O6 NAG AA . 7.83 -35.36 44.60
O7 NAG AA . 0.50 -36.91 45.55
C1 NAG AA . 7.16 -38.74 47.69
C2 NAG AA . 8.31 -38.73 48.70
C3 NAG AA . 9.19 -39.93 48.35
C4 NAG AA . 8.38 -41.23 48.43
C5 NAG AA . 7.10 -41.14 47.59
C6 NAG AA . 6.13 -42.28 47.84
C7 NAG AA . 8.92 -36.45 49.46
C8 NAG AA . 9.66 -35.20 49.10
N2 NAG AA . 9.08 -37.50 48.62
O3 NAG AA . 10.32 -40.01 49.21
O4 NAG AA . 9.17 -42.32 47.96
O5 NAG AA . 6.39 -39.92 47.91
O6 NAG AA . 4.91 -42.09 47.13
O7 NAG AA . 8.21 -36.52 50.46
C1 NAG BA . 1.40 -40.68 24.71
C2 NAG BA . 2.85 -41.08 24.38
C3 NAG BA . 3.51 -41.72 25.60
C4 NAG BA . 3.35 -40.84 26.83
C5 NAG BA . 1.86 -40.54 27.04
C6 NAG BA . 1.55 -39.69 28.25
C7 NAG BA . 3.22 -41.52 21.98
C8 NAG BA . 3.11 -42.55 20.89
N2 NAG BA . 2.92 -41.96 23.22
O3 NAG BA . 4.89 -41.95 25.36
O4 NAG BA . 3.91 -41.47 27.99
O5 NAG BA . 1.32 -39.88 25.89
O6 NAG BA . 2.08 -38.37 28.23
O7 NAG BA . 3.54 -40.36 21.75
C1 NAG BA . 4.93 -40.78 28.66
C2 NAG BA . 4.93 -41.20 30.13
C3 NAG BA . 5.94 -40.27 30.80
C4 NAG BA . 7.34 -40.47 30.20
C5 NAG BA . 7.30 -40.33 28.68
C6 NAG BA . 8.56 -40.84 28.00
C7 NAG BA . 2.83 -42.11 31.05
C8 NAG BA . 1.69 -41.82 31.98
N2 NAG BA . 3.63 -41.07 30.78
O3 NAG BA . 5.95 -40.52 32.21
O4 NAG BA . 8.23 -39.51 30.78
O5 NAG BA . 6.22 -41.10 28.12
O6 NAG BA . 8.36 -41.06 26.61
O7 NAG BA . 3.02 -43.22 30.57
C1 BMA BA . 9.19 -39.93 31.77
C2 BMA BA . 9.98 -38.69 32.24
C3 BMA BA . 10.93 -39.06 33.39
C4 BMA BA . 10.20 -39.79 34.52
C5 BMA BA . 9.43 -41.00 33.96
C6 BMA BA . 8.56 -41.69 34.98
O2 BMA BA . 9.10 -37.65 32.62
O3 BMA BA . 11.56 -37.89 33.90
O4 BMA BA . 11.15 -40.22 35.49
O5 BMA BA . 8.55 -40.56 32.91
O6 BMA BA . 9.29 -42.57 35.82
C1 FUC BA . 1.70 -37.67 29.39
C2 FUC BA . 2.66 -36.47 29.61
C3 FUC BA . 2.27 -35.22 28.82
C4 FUC BA . 0.77 -34.95 28.86
C5 FUC BA . 0.02 -36.21 28.45
C6 FUC BA . -1.48 -36.10 28.38
O2 FUC BA . 4.01 -36.83 29.32
O3 FUC BA . 3.00 -34.11 29.34
O4 FUC BA . 0.36 -34.48 30.16
O5 FUC BA . 0.34 -37.26 29.39
C1 NAG CA . 6.05 56.12 -18.52
C2 NAG CA . 6.13 57.11 -19.69
C3 NAG CA . 5.82 58.50 -19.15
C4 NAG CA . 4.46 58.53 -18.46
C5 NAG CA . 4.41 57.47 -17.35
C6 NAG CA . 3.04 57.31 -16.71
C7 NAG CA . 7.82 56.26 -21.32
C8 NAG CA . 9.18 56.50 -21.89
N2 NAG CA . 7.45 57.09 -20.31
O3 NAG CA . 5.84 59.46 -20.20
O4 NAG CA . 4.23 59.84 -17.94
O5 NAG CA . 4.77 56.18 -17.89
O6 NAG CA . 2.09 56.72 -17.59
O7 NAG CA . 7.07 55.38 -21.74
C1 NAG CA . 3.02 60.56 -18.30
C2 NAG CA . 3.31 62.07 -18.26
C3 NAG CA . 2.02 62.83 -18.57
C4 NAG CA . 1.40 62.36 -19.89
C5 NAG CA . 1.29 60.84 -19.94
C6 NAG CA . 0.90 60.31 -21.31
C7 NAG CA . 3.38 62.34 -15.77
C8 NAG CA . 4.23 62.80 -14.62
N2 NAG CA . 3.90 62.52 -17.00
O3 NAG CA . 2.26 64.23 -18.63
O4 NAG CA . 0.11 62.96 -20.03
O5 NAG CA . 2.55 60.23 -19.61
O6 NAG CA . 0.83 58.88 -21.30
O7 NAG CA . 2.26 61.84 -15.59
C1 NAG DA . -7.88 41.61 -29.88
C2 NAG DA . -9.20 41.89 -29.16
C3 NAG DA . -9.31 43.35 -28.70
C4 NAG DA . -8.06 43.78 -27.94
C5 NAG DA . -6.84 43.49 -28.83
C6 NAG DA . -5.51 43.94 -28.27
C7 NAG DA . -10.82 40.26 -30.06
C8 NAG DA . -12.04 40.08 -30.92
N2 NAG DA . -10.36 41.52 -29.96
O3 NAG DA . -10.46 43.51 -27.87
O4 NAG DA . -8.13 45.15 -27.58
O5 NAG DA . -6.77 42.08 -29.09
O6 NAG DA . -5.22 43.45 -26.97
O7 NAG DA . -10.28 39.30 -29.51
C1 NAG DA . -7.91 45.49 -26.23
C2 NAG DA . -7.76 47.01 -26.09
C3 NAG DA . -7.43 47.30 -24.62
C4 NAG DA . -8.54 46.76 -23.70
C5 NAG DA . -8.82 45.29 -24.01
C6 NAG DA . -10.05 44.73 -23.33
C7 NAG DA . -6.96 47.88 -28.26
C8 NAG DA . -5.83 48.55 -28.96
N2 NAG DA . -6.74 47.58 -26.96
O3 NAG DA . -7.23 48.70 -24.44
O4 NAG DA . -8.16 46.91 -22.32
O5 NAG DA . -9.03 45.11 -25.43
O6 NAG DA . -10.45 43.49 -23.91
O7 NAG DA . -8.01 47.60 -28.83
C1 BMA DA . -8.79 47.91 -21.51
C2 BMA DA . -9.05 47.33 -20.09
C3 BMA DA . -9.55 48.40 -19.13
C4 BMA DA . -8.68 49.65 -19.15
C5 BMA DA . -8.52 50.16 -20.59
C6 BMA DA . -7.60 51.34 -20.73
O2 BMA DA . -7.88 46.69 -19.58
O3 BMA DA . -9.65 47.90 -17.79
O4 BMA DA . -9.27 50.66 -18.32
O5 BMA DA . -8.00 49.11 -21.43
O6 BMA DA . -7.57 51.84 -22.06
C1 FUC DA . -3.87 43.62 -26.61
C2 FUC DA . -3.75 43.63 -25.07
C3 FUC DA . -4.00 42.23 -24.49
C4 FUC DA . -3.13 41.19 -25.18
C5 FUC DA . -3.36 41.25 -26.69
C6 FUC DA . -2.54 40.28 -27.50
O2 FUC DA . -4.63 44.59 -24.49
O3 FUC DA . -3.75 42.24 -23.09
O4 FUC DA . -1.76 41.38 -24.86
O5 FUC DA . -3.04 42.58 -27.17
S SO4 EA . -25.75 -0.56 5.84
O1 SO4 EA . -24.88 0.31 6.63
O2 SO4 EA . -24.98 -1.08 4.70
O3 SO4 EA . -26.21 -1.64 6.73
O4 SO4 EA . -26.91 0.15 5.30
C1 GOL FA . -10.84 23.84 10.87
O1 GOL FA . -9.60 23.15 10.92
C2 GOL FA . -11.56 23.62 9.55
O2 GOL FA . -12.95 23.35 9.78
C3 GOL FA . -11.40 24.81 8.64
O3 GOL FA . -11.54 24.43 7.27
C1 NAG GA . -26.49 -19.89 13.72
C2 NAG GA . -25.09 -20.34 13.30
C3 NAG GA . -24.13 -19.83 14.36
C4 NAG GA . -24.22 -18.31 14.50
C5 NAG GA . -25.65 -17.93 14.89
C6 NAG GA . -25.90 -16.44 14.97
C7 NAG GA . -24.46 -22.50 12.27
C8 NAG GA . -24.22 -23.96 12.56
N2 NAG GA . -25.06 -21.80 13.24
O3 NAG GA . -22.80 -20.26 14.09
O4 NAG GA . -23.31 -17.81 15.48
O5 NAG GA . -26.59 -18.47 13.93
O6 NAG GA . -25.69 -15.79 13.72
O7 NAG GA . -24.08 -21.99 11.22
S SO4 HA . 25.19 -3.80 -12.29
O1 SO4 HA . 25.80 -2.81 -13.21
O2 SO4 HA . 25.88 -5.07 -12.47
O3 SO4 HA . 25.33 -3.34 -10.93
O4 SO4 HA . 23.75 -4.01 -12.58
C1 NAG IA . 45.33 -9.78 -37.43
C2 NAG IA . 46.76 -9.34 -37.76
C3 NAG IA . 47.60 -10.49 -38.32
C4 NAG IA . 47.52 -11.72 -37.42
C5 NAG IA . 46.06 -12.13 -37.20
C6 NAG IA . 45.90 -13.26 -36.22
C7 NAG IA . 47.37 -7.03 -38.41
C8 NAG IA . 47.25 -5.98 -39.48
N2 NAG IA . 46.77 -8.21 -38.67
O3 NAG IA . 48.95 -10.07 -38.42
O4 NAG IA . 48.27 -12.80 -37.97
O5 NAG IA . 45.30 -11.01 -36.69
O6 NAG IA . 44.67 -13.95 -36.38
O7 NAG IA . 48.00 -6.83 -37.37
C1 NAG JA . 24.14 10.01 -27.64
C2 NAG JA . 22.75 10.57 -27.32
C3 NAG JA . 22.82 11.66 -26.26
C4 NAG JA . 23.62 11.24 -25.03
C5 NAG JA . 24.86 10.40 -25.34
C6 NAG JA . 25.30 9.58 -24.15
C7 NAG JA . 21.03 10.61 -29.09
C8 NAG JA . 20.26 11.57 -29.95
N2 NAG JA . 22.14 11.10 -28.54
O3 NAG JA . 21.49 11.98 -25.86
O4 NAG JA . 24.01 12.41 -24.28
O5 NAG JA . 24.58 9.45 -26.40
O6 NAG JA . 26.45 8.80 -24.41
O7 NAG JA . 20.66 9.45 -28.93
C1 NAG KA . 22.38 -5.04 -32.67
C2 NAG KA . 22.65 -5.09 -34.18
C3 NAG KA . 22.01 -6.35 -34.73
C4 NAG KA . 22.58 -7.60 -34.06
C5 NAG KA . 22.47 -7.49 -32.53
C6 NAG KA . 23.28 -8.53 -31.79
C7 NAG KA . 20.96 -3.40 -34.88
C8 NAG KA . 20.81 -2.01 -35.42
N2 NAG KA . 22.20 -3.91 -34.91
O3 NAG KA . 22.20 -6.41 -36.14
O4 NAG KA . 21.94 -8.77 -34.55
O5 NAG KA . 22.95 -6.21 -32.06
O6 NAG KA . 24.66 -8.18 -31.72
O7 NAG KA . 20.00 -4.03 -34.44
S SO4 LA . 3.20 -18.84 17.91
O1 SO4 LA . 2.81 -19.26 16.57
O2 SO4 LA . 3.55 -17.41 17.87
O3 SO4 LA . 4.39 -19.54 18.39
O4 SO4 LA . 2.07 -19.09 18.81
C1 NAG MA . -10.56 -37.69 60.09
C2 NAG MA . -9.43 -38.34 60.90
C3 NAG MA . -9.02 -39.71 60.36
C4 NAG MA . -10.22 -40.62 60.12
C5 NAG MA . -11.25 -39.89 59.25
C6 NAG MA . -12.51 -40.68 58.97
C7 NAG MA . -8.13 -36.47 61.93
C8 NAG MA . -6.85 -35.70 61.86
N2 NAG MA . -8.28 -37.47 61.03
O3 NAG MA . -8.12 -40.33 61.28
O4 NAG MA . -9.80 -41.81 59.47
O5 NAG MA . -11.63 -38.64 59.87
O6 NAG MA . -13.34 -40.89 60.11
O7 NAG MA . -9.02 -36.20 62.75
C1 NAG NA . -13.22 -14.95 30.28
C2 NAG NA . -13.74 -13.61 29.74
C3 NAG NA . -14.63 -13.86 28.53
C4 NAG NA . -13.90 -14.67 27.46
C5 NAG NA . -13.37 -15.97 28.08
C6 NAG NA . -12.51 -16.80 27.14
C7 NAG NA . -13.99 -11.61 31.13
C8 NAG NA . -14.99 -10.75 31.88
N2 NAG NA . -14.43 -12.80 30.73
O3 NAG NA . -15.09 -12.63 27.99
O4 NAG NA . -14.76 -14.92 26.36
O5 NAG NA . -12.57 -15.70 29.25
O6 NAG NA . -11.21 -16.25 26.99
O7 NAG NA . -12.85 -11.20 30.89
C1 NAG OA . 0.73 -12.80 37.39
C2 NAG OA . 0.43 -12.75 38.90
C3 NAG OA . 1.47 -13.25 39.90
C4 NAG OA . 2.92 -13.13 39.39
C5 NAG OA . 3.03 -12.73 37.92
C6 NAG OA . 4.36 -13.07 37.28
C7 NAG OA . -1.33 -11.05 39.28
C8 NAG OA . -1.65 -9.80 40.05
N2 NAG OA . -0.04 -11.43 39.27
O3 NAG OA . 1.17 -14.57 40.33
O4 NAG OA . 3.65 -12.21 40.19
O5 NAG OA . 2.00 -13.37 37.14
O6 NAG OA . 4.38 -14.37 36.70
O7 NAG OA . -2.20 -11.70 38.71
S SO4 PA . -2.50 24.92 -14.67
O1 SO4 PA . -1.73 24.73 -15.91
O2 SO4 PA . -2.71 26.35 -14.44
O3 SO4 PA . -1.78 24.33 -13.54
O4 SO4 PA . -3.80 24.29 -14.78
C1 NAG QA . 22.64 64.36 -26.16
C2 NAG QA . 22.60 65.82 -25.71
C3 NAG QA . 21.35 66.38 -26.41
C4 NAG QA . 21.49 66.30 -27.93
C5 NAG QA . 21.90 64.90 -28.38
C6 NAG QA . 22.36 64.82 -29.82
C7 NAG QA . 23.57 65.96 -23.44
C8 NAG QA . 23.29 66.34 -22.01
N2 NAG QA . 22.51 66.01 -24.27
O3 NAG QA . 21.10 67.72 -26.01
O4 NAG QA . 20.23 66.66 -28.52
O5 NAG QA . 22.97 64.37 -27.56
O6 NAG QA . 23.67 65.34 -30.01
O7 NAG QA . 24.69 65.60 -23.81
C1 NAG RA . 16.79 27.55 -19.95
C2 NAG RA . 17.23 26.18 -19.43
C3 NAG RA . 17.00 25.20 -20.58
C4 NAG RA . 15.55 25.17 -21.04
C5 NAG RA . 15.04 26.59 -21.31
C6 NAG RA . 13.55 26.70 -21.49
C7 NAG RA . 19.07 26.19 -17.77
C8 NAG RA . 20.53 25.90 -17.58
N2 NAG RA . 18.63 26.19 -19.04
O3 NAG RA . 17.46 23.90 -20.21
O4 NAG RA . 15.41 24.38 -22.22
O5 NAG RA . 15.39 27.45 -20.20
O6 NAG RA . 13.10 28.05 -21.62
O7 NAG RA . 18.32 26.44 -16.81
C1 NAG SA . 11.89 36.26 -7.30
C2 NAG SA . 13.08 36.98 -6.67
C3 NAG SA . 12.54 37.50 -5.32
C4 NAG SA . 11.41 38.49 -5.54
C5 NAG SA . 10.31 37.87 -6.40
C6 NAG SA . 9.30 38.88 -6.92
C7 NAG SA . 15.49 36.57 -6.49
C8 NAG SA . 16.57 35.53 -6.35
N2 NAG SA . 14.24 36.13 -6.48
O3 NAG SA . 13.59 38.06 -4.54
O4 NAG SA . 10.86 38.91 -4.29
O5 NAG SA . 10.89 37.25 -7.56
O6 NAG SA . 8.52 38.33 -7.98
O7 NAG SA . 15.76 37.76 -6.59
#